data_9NK5
# 
_entry.id   9NK5 
# 
_audit_conform.dict_name       mmcif_pdbx.dic 
_audit_conform.dict_version    5.404 
_audit_conform.dict_location   http://mmcif.pdb.org/dictionaries/ascii/mmcif_pdbx.dic 
# 
loop_
_database_2.database_id 
_database_2.database_code 
_database_2.pdbx_database_accession 
_database_2.pdbx_DOI 
PDB   9NK5         pdb_00009nk5 10.2210/pdb9nk5/pdb 
WWPDB D_1000293553 ?            ?                   
# 
_pdbx_audit_revision_history.ordinal             1 
_pdbx_audit_revision_history.data_content_type   'Structure model' 
_pdbx_audit_revision_history.major_revision      1 
_pdbx_audit_revision_history.minor_revision      0 
_pdbx_audit_revision_history.revision_date       2025-06-11 
_pdbx_audit_revision_history.part_number         ? 
# 
_pdbx_audit_revision_details.ordinal             1 
_pdbx_audit_revision_details.revision_ordinal    1 
_pdbx_audit_revision_details.data_content_type   'Structure model' 
_pdbx_audit_revision_details.provider            repository 
_pdbx_audit_revision_details.type                'Initial release' 
_pdbx_audit_revision_details.description         ? 
_pdbx_audit_revision_details.details             ? 
# 
_pdbx_database_status.status_code                     REL 
_pdbx_database_status.status_code_sf                  REL 
_pdbx_database_status.status_code_mr                  ? 
_pdbx_database_status.entry_id                        9NK5 
_pdbx_database_status.recvd_initial_deposition_date   2025-02-28 
_pdbx_database_status.SG_entry                        N 
_pdbx_database_status.deposit_site                    RCSB 
_pdbx_database_status.process_site                    RCSB 
_pdbx_database_status.status_code_cs                  ? 
_pdbx_database_status.status_code_nmr_data            ? 
_pdbx_database_status.methods_development_category    ? 
_pdbx_database_status.pdb_format_compatible           Y 
# 
_pdbx_contact_author.id                 4 
_pdbx_contact_author.email              rs17@nyu.edu 
_pdbx_contact_author.name_first         Ruojie 
_pdbx_contact_author.name_last          Sha 
_pdbx_contact_author.name_mi            ? 
_pdbx_contact_author.role               'principal investigator/group leader' 
_pdbx_contact_author.identifier_ORCID   0000-0002-0807-734X 
# 
loop_
_audit_author.name 
_audit_author.pdbx_ordinal 
_audit_author.identifier_ORCID 
'Horvath, A.'   1 0009-0008-5770-8014 
'Vecchioni, S.' 2 0000-0001-8243-650X 
'Woloszyn, K.'  3 0000-0003-1200-583X 
'Ohayon, Y.P.'  4 0000-0001-7500-4282 
'Sha, R.'       5 0000-0002-0807-734X 
# 
_citation.abstract                  ? 
_citation.abstract_id_CAS           ? 
_citation.book_id_ISBN              ? 
_citation.book_publisher            ? 
_citation.book_publisher_city       ? 
_citation.book_title                ? 
_citation.coordinate_linkage        ? 
_citation.country                   ? 
_citation.database_id_Medline       ? 
_citation.details                   ? 
_citation.id                        primary 
_citation.journal_abbrev            'To Be Published' 
_citation.journal_id_ASTM           ? 
_citation.journal_id_CSD            0353 
_citation.journal_id_ISSN           ? 
_citation.journal_full              ? 
_citation.journal_issue             ? 
_citation.journal_volume            ? 
_citation.language                  ? 
_citation.page_first                ? 
_citation.page_last                 ? 
_citation.title                     'Shifted tensegrity triangles' 
_citation.year                      ? 
_citation.database_id_CSD           ? 
_citation.pdbx_database_id_DOI      ? 
_citation.pdbx_database_id_PubMed   ? 
_citation.pdbx_database_id_patent   ? 
_citation.unpublished_flag          ? 
# 
loop_
_citation_author.citation_id 
_citation_author.name 
_citation_author.ordinal 
_citation_author.identifier_ORCID 
primary 'Horvath, A.'   1 0009-0008-5770-8014 
primary 'Vecchioni, S.' 2 0000-0001-8243-650X 
primary 'Woloszyn, K.'  3 0000-0003-1200-583X 
primary 'Ohayon, Y.P.'  4 0000-0001-7500-4282 
primary 'Sha, R.'       5 0000-0002-0807-734X 
# 
loop_
_entity.id 
_entity.type 
_entity.src_method 
_entity.pdbx_description 
_entity.formula_weight 
_entity.pdbx_number_of_molecules 
_entity.pdbx_ec 
_entity.pdbx_mutation 
_entity.pdbx_fragment 
_entity.details 
1 polymer syn 
;DNA (5'-D(*GP*AP*AP*TP*GP*CP*GP*TP*AP*GP*CP*TP*GP*T)-3')
;
4335.827 1 ? ? ? ? 
2 polymer syn 
;DNA (5'-D(*TP*CP*TP*GP*TP*AP*CP*GP*GP*AP*CP*AP*GP*C*TP*AP*CP*GP*CP*AP*T)-3')
;
6423.160 1 ? ? ? ? 
3 polymer syn 
;DNA (5'-D(P*CP*CP*GP*TP*AP*CP*A)-3')
;
2082.400 1 ? ? ? ? 
# 
loop_
_entity_poly.entity_id 
_entity_poly.type 
_entity_poly.nstd_linkage 
_entity_poly.nstd_monomer 
_entity_poly.pdbx_seq_one_letter_code 
_entity_poly.pdbx_seq_one_letter_code_can 
_entity_poly.pdbx_strand_id 
_entity_poly.pdbx_target_identifier 
1 polydeoxyribonucleotide no no '(DG)(DA)(DA)(DT)(DG)(DC)(DG)(DT)(DA)(DG)(DC)(DT)(DG)(DT)'                              
GAATGCGTAGCTGT        A ? 
2 polydeoxyribonucleotide no no 
;(DT)(DC)(DT)(DG)(DT)(DA)(DC)(DG)(DG)(DA)(DC)(DA)(DG)(DC)(DT)(DA)(DC)(DG)(DC)(DA)
(DT)
;
TCTGTACGGACAGCTACGCAT B ? 
3 polydeoxyribonucleotide no no '(DC)(DC)(DG)(DT)(DA)(DC)(DA)'                                                          CCGTACA C 
? 
# 
loop_
_entity_poly_seq.entity_id 
_entity_poly_seq.num 
_entity_poly_seq.mon_id 
_entity_poly_seq.hetero 
1 1  DG n 
1 2  DA n 
1 3  DA n 
1 4  DT n 
1 5  DG n 
1 6  DC n 
1 7  DG n 
1 8  DT n 
1 9  DA n 
1 10 DG n 
1 11 DC n 
1 12 DT n 
1 13 DG n 
1 14 DT n 
2 1  DT n 
2 2  DC n 
2 3  DT n 
2 4  DG n 
2 5  DT n 
2 6  DA n 
2 7  DC n 
2 8  DG n 
2 9  DG n 
2 10 DA n 
2 11 DC n 
2 12 DA n 
2 13 DG n 
2 14 DC n 
2 15 DT n 
2 16 DA n 
2 17 DC n 
2 18 DG n 
2 19 DC n 
2 20 DA n 
2 21 DT n 
3 1  DC n 
3 2  DC n 
3 3  DG n 
3 4  DT n 
3 5  DA n 
3 6  DC n 
3 7  DA n 
# 
loop_
_pdbx_entity_src_syn.entity_id 
_pdbx_entity_src_syn.pdbx_src_id 
_pdbx_entity_src_syn.pdbx_alt_source_flag 
_pdbx_entity_src_syn.pdbx_beg_seq_num 
_pdbx_entity_src_syn.pdbx_end_seq_num 
_pdbx_entity_src_syn.organism_scientific 
_pdbx_entity_src_syn.organism_common_name 
_pdbx_entity_src_syn.ncbi_taxonomy_id 
_pdbx_entity_src_syn.details 
1 1 sample 1 14 'synthetic construct' ? 32630 ? 
2 1 sample 1 21 'synthetic construct' ? 32630 ? 
3 1 sample 1 7  'synthetic construct' ? 32630 ? 
# 
loop_
_chem_comp.id 
_chem_comp.type 
_chem_comp.mon_nstd_flag 
_chem_comp.name 
_chem_comp.pdbx_synonyms 
_chem_comp.formula 
_chem_comp.formula_weight 
DA 'DNA linking' y "2'-DEOXYADENOSINE-5'-MONOPHOSPHATE" ? 'C10 H14 N5 O6 P' 331.222 
DC 'DNA linking' y "2'-DEOXYCYTIDINE-5'-MONOPHOSPHATE"  ? 'C9 H14 N3 O7 P'  307.197 
DG 'DNA linking' y "2'-DEOXYGUANOSINE-5'-MONOPHOSPHATE" ? 'C10 H14 N5 O7 P' 347.221 
DT 'DNA linking' y "THYMIDINE-5'-MONOPHOSPHATE"         ? 'C10 H15 N2 O8 P' 322.208 
# 
loop_
_pdbx_poly_seq_scheme.asym_id 
_pdbx_poly_seq_scheme.entity_id 
_pdbx_poly_seq_scheme.seq_id 
_pdbx_poly_seq_scheme.mon_id 
_pdbx_poly_seq_scheme.ndb_seq_num 
_pdbx_poly_seq_scheme.pdb_seq_num 
_pdbx_poly_seq_scheme.auth_seq_num 
_pdbx_poly_seq_scheme.pdb_mon_id 
_pdbx_poly_seq_scheme.auth_mon_id 
_pdbx_poly_seq_scheme.pdb_strand_id 
_pdbx_poly_seq_scheme.pdb_ins_code 
_pdbx_poly_seq_scheme.hetero 
A 1 1  DG 1  1  1  DG DG A . n 
A 1 2  DA 2  2  2  DA DA A . n 
A 1 3  DA 3  3  3  DA DA A . n 
A 1 4  DT 4  4  4  DT DT A . n 
A 1 5  DG 5  5  5  DG DG A . n 
A 1 6  DC 6  6  6  DC DC A . n 
A 1 7  DG 7  7  7  DG DG A . n 
A 1 8  DT 8  8  8  DT DT A . n 
A 1 9  DA 9  9  9  DA DA A . n 
A 1 10 DG 10 10 10 DG DG A . n 
A 1 11 DC 11 11 11 DC DC A . n 
A 1 12 DT 12 12 12 DT DT A . n 
A 1 13 DG 13 13 13 DG DG A . n 
A 1 14 DT 14 14 14 DT DT A . n 
B 2 1  DT 1  1  1  DT DT B . n 
B 2 2  DC 2  2  2  DC DC B . n 
B 2 3  DT 3  3  3  DT DT B . n 
B 2 4  DG 4  4  4  DG DG B . n 
B 2 5  DT 5  5  5  DT DT B . n 
B 2 6  DA 6  6  6  DA DA B . n 
B 2 7  DC 7  7  7  DC DC B . n 
B 2 8  DG 8  8  8  DG DG B . n 
B 2 9  DG 9  9  9  DG DG B . n 
B 2 10 DA 10 10 10 DA DA B . n 
B 2 11 DC 11 11 11 DC DC B . n 
B 2 12 DA 12 12 12 DA DA B . n 
B 2 13 DG 13 13 13 DG DG B . n 
B 2 14 DC 14 14 14 DC DC B . n 
B 2 15 DT 15 15 15 DT DT B . n 
B 2 16 DA 16 16 16 DA DA B . n 
B 2 17 DC 17 17 17 DC DC B . n 
B 2 18 DG 18 18 18 DG DG B . n 
B 2 19 DC 19 19 19 DC DC B . n 
B 2 20 DA 20 20 20 DA DA B . n 
B 2 21 DT 21 21 21 DT DT B . n 
C 3 1  DC 1  15 15 DC DC C . n 
C 3 2  DC 2  16 16 DC DC C . n 
C 3 3  DG 3  17 17 DG DG C . n 
C 3 4  DT 4  18 18 DT DT C . n 
C 3 5  DA 5  19 19 DA DA C . n 
C 3 6  DC 6  20 20 DC DC C . n 
C 3 7  DA 7  21 21 DA DA C . n 
# 
loop_
_software.citation_id 
_software.classification 
_software.compiler_name 
_software.compiler_version 
_software.contact_author 
_software.contact_author_email 
_software.date 
_software.description 
_software.dependencies 
_software.hardware 
_software.language 
_software.location 
_software.mods 
_software.name 
_software.os 
_software.os_version 
_software.type 
_software.version 
_software.pdbx_ordinal 
? refinement       ? ? ? ? ? ? ? ? ? ? ? PHENIX    ? ? ? 1.21.1_5286 1 
? 'data reduction' ? ? ? ? ? ? ? ? ? ? ? autoPROC  ? ? ? .           2 
? 'data scaling'   ? ? ? ? ? ? ? ? ? ? ? STARANISO ? ? ? .           3 
? phasing          ? ? ? ? ? ? ? ? ? ? ? PHASER    ? ? ? .           4 
# 
_cell.angle_alpha                  90.000 
_cell.angle_alpha_esd              ? 
_cell.angle_beta                   90.000 
_cell.angle_beta_esd               ? 
_cell.angle_gamma                  120.000 
_cell.angle_gamma_esd              ? 
_cell.entry_id                     9NK5 
_cell.details                      ? 
_cell.formula_units_Z              ? 
_cell.length_a                     112.776 
_cell.length_a_esd                 ? 
_cell.length_b                     112.776 
_cell.length_b_esd                 ? 
_cell.length_c                     68.087 
_cell.length_c_esd                 ? 
_cell.volume                       749942.911 
_cell.volume_esd                   ? 
_cell.Z_PDB                        9 
_cell.reciprocal_angle_alpha       ? 
_cell.reciprocal_angle_beta        ? 
_cell.reciprocal_angle_gamma       ? 
_cell.reciprocal_angle_alpha_esd   ? 
_cell.reciprocal_angle_beta_esd    ? 
_cell.reciprocal_angle_gamma_esd   ? 
_cell.reciprocal_length_a          ? 
_cell.reciprocal_length_b          ? 
_cell.reciprocal_length_c          ? 
_cell.reciprocal_length_a_esd      ? 
_cell.reciprocal_length_b_esd      ? 
_cell.reciprocal_length_c_esd      ? 
_cell.pdbx_unique_axis             ? 
_cell.pdbx_esd_method              ? 
# 
_symmetry.entry_id                         9NK5 
_symmetry.cell_setting                     ? 
_symmetry.Int_Tables_number                146 
_symmetry.space_group_name_Hall            'R 3' 
_symmetry.space_group_name_H-M             'H 3' 
_symmetry.pdbx_full_space_group_name_H-M   ? 
# 
_exptl.absorpt_coefficient_mu     ? 
_exptl.absorpt_correction_T_max   ? 
_exptl.absorpt_correction_T_min   ? 
_exptl.absorpt_correction_type    ? 
_exptl.absorpt_process_details    ? 
_exptl.entry_id                   9NK5 
_exptl.crystals_number            1 
_exptl.details                    ? 
_exptl.method                     'X-RAY DIFFRACTION' 
_exptl.method_details             ? 
# 
_exptl_crystal.colour                       ? 
_exptl_crystal.density_diffrn               ? 
_exptl_crystal.density_Matthews             6.49 
_exptl_crystal.density_method               ? 
_exptl_crystal.density_percent_sol          81.04 
_exptl_crystal.description                  ? 
_exptl_crystal.F_000                        ? 
_exptl_crystal.id                           1 
_exptl_crystal.preparation                  ? 
_exptl_crystal.size_max                     ? 
_exptl_crystal.size_mid                     ? 
_exptl_crystal.size_min                     ? 
_exptl_crystal.size_rad                     ? 
_exptl_crystal.colour_lustre                ? 
_exptl_crystal.colour_modifier              ? 
_exptl_crystal.colour_primary               ? 
_exptl_crystal.density_meas                 ? 
_exptl_crystal.density_meas_esd             ? 
_exptl_crystal.density_meas_gt              ? 
_exptl_crystal.density_meas_lt              ? 
_exptl_crystal.density_meas_temp            ? 
_exptl_crystal.density_meas_temp_esd        ? 
_exptl_crystal.density_meas_temp_gt         ? 
_exptl_crystal.density_meas_temp_lt         ? 
_exptl_crystal.pdbx_crystal_image_url       ? 
_exptl_crystal.pdbx_crystal_image_format    ? 
_exptl_crystal.pdbx_mosaicity               ? 
_exptl_crystal.pdbx_mosaicity_esd           ? 
_exptl_crystal.pdbx_mosaic_method           ? 
_exptl_crystal.pdbx_mosaic_block_size       ? 
_exptl_crystal.pdbx_mosaic_block_size_esd   ? 
# 
_exptl_crystal_grow.apparatus       ? 
_exptl_crystal_grow.atmosphere      ? 
_exptl_crystal_grow.crystal_id      1 
_exptl_crystal_grow.details         ? 
_exptl_crystal_grow.method          'VAPOR DIFFUSION, HANGING DROP' 
_exptl_crystal_grow.method_ref      ? 
_exptl_crystal_grow.pH              ? 
_exptl_crystal_grow.pressure        ? 
_exptl_crystal_grow.pressure_esd    ? 
_exptl_crystal_grow.seeding         ? 
_exptl_crystal_grow.seeding_ref     ? 
_exptl_crystal_grow.temp_details    '338-293 at 0.4/hr' 
_exptl_crystal_grow.temp_esd        ? 
_exptl_crystal_grow.time            ? 
_exptl_crystal_grow.pdbx_details    '100 mM MOPS, 1.25 M magnesium sulfate' 
_exptl_crystal_grow.pdbx_pH_range   ? 
_exptl_crystal_grow.temp            293 
# 
_diffrn.ambient_environment              ? 
_diffrn.ambient_temp                     100 
_diffrn.ambient_temp_details             ? 
_diffrn.ambient_temp_esd                 ? 
_diffrn.crystal_id                       1 
_diffrn.crystal_support                  ? 
_diffrn.crystal_treatment                ? 
_diffrn.details                          ? 
_diffrn.id                               1 
_diffrn.ambient_pressure                 ? 
_diffrn.ambient_pressure_esd             ? 
_diffrn.ambient_pressure_gt              ? 
_diffrn.ambient_pressure_lt              ? 
_diffrn.ambient_temp_gt                  ? 
_diffrn.ambient_temp_lt                  ? 
_diffrn.pdbx_serial_crystal_experiment   N 
# 
_diffrn_detector.details                      ? 
_diffrn_detector.detector                     PIXEL 
_diffrn_detector.diffrn_id                    1 
_diffrn_detector.type                         'DECTRIS EIGER X 9M' 
_diffrn_detector.area_resol_mean              ? 
_diffrn_detector.dtime                        ? 
_diffrn_detector.pdbx_frames_total            ? 
_diffrn_detector.pdbx_collection_time_total   ? 
_diffrn_detector.pdbx_collection_date         2023-02-26 
_diffrn_detector.pdbx_frequency               ? 
_diffrn_detector.id                           ? 
_diffrn_detector.number_of_axes               ? 
# 
_diffrn_radiation.collimation                      ? 
_diffrn_radiation.diffrn_id                        1 
_diffrn_radiation.filter_edge                      ? 
_diffrn_radiation.inhomogeneity                    ? 
_diffrn_radiation.monochromator                    ? 
_diffrn_radiation.polarisn_norm                    ? 
_diffrn_radiation.polarisn_ratio                   ? 
_diffrn_radiation.probe                            ? 
_diffrn_radiation.type                             ? 
_diffrn_radiation.xray_symbol                      ? 
_diffrn_radiation.wavelength_id                    1 
_diffrn_radiation.pdbx_monochromatic_or_laue_m_l   M 
_diffrn_radiation.pdbx_wavelength_list             ? 
_diffrn_radiation.pdbx_wavelength                  ? 
_diffrn_radiation.pdbx_diffrn_protocol             'SINGLE WAVELENGTH' 
_diffrn_radiation.pdbx_analyzer                    ? 
_diffrn_radiation.pdbx_scattering_type             x-ray 
# 
_diffrn_radiation_wavelength.id           1 
_diffrn_radiation_wavelength.wavelength   1.000000 
_diffrn_radiation_wavelength.wt           1.0 
# 
_diffrn_source.current                     ? 
_diffrn_source.details                     ? 
_diffrn_source.diffrn_id                   1 
_diffrn_source.power                       ? 
_diffrn_source.size                        ? 
_diffrn_source.source                      SYNCHROTRON 
_diffrn_source.target                      ? 
_diffrn_source.type                        'APS BEAMLINE 17-ID' 
_diffrn_source.voltage                     ? 
_diffrn_source.take-off_angle              ? 
_diffrn_source.pdbx_wavelength_list        1.000000 
_diffrn_source.pdbx_wavelength             ? 
_diffrn_source.pdbx_synchrotron_beamline   17-ID 
_diffrn_source.pdbx_synchrotron_site       APS 
# 
_reflns.B_iso_Wilson_estimate                          350.28 
_reflns.entry_id                                       9NK5 
_reflns.data_reduction_details                         ? 
_reflns.data_reduction_method                          ? 
_reflns.d_resolution_high                              4.58 
_reflns.d_resolution_low                               39.682 
_reflns.details                                        ? 
_reflns.limit_h_max                                    ? 
_reflns.limit_h_min                                    ? 
_reflns.limit_k_max                                    ? 
_reflns.limit_k_min                                    ? 
_reflns.limit_l_max                                    ? 
_reflns.limit_l_min                                    ? 
_reflns.number_all                                     ? 
_reflns.number_obs                                     1459 
_reflns.observed_criterion                             ? 
_reflns.observed_criterion_F_max                       ? 
_reflns.observed_criterion_F_min                       ? 
_reflns.observed_criterion_I_max                       ? 
_reflns.observed_criterion_I_min                       ? 
_reflns.observed_criterion_sigma_F                     ? 
_reflns.observed_criterion_sigma_I                     ? 
_reflns.percent_possible_obs                           86.2 
_reflns.R_free_details                                 ? 
_reflns.Rmerge_F_all                                   ? 
_reflns.Rmerge_F_obs                                   ? 
_reflns.Friedel_coverage                               ? 
_reflns.number_gt                                      ? 
_reflns.threshold_expression                           ? 
_reflns.pdbx_redundancy                                10.3 
_reflns.pdbx_netI_over_av_sigmaI                       ? 
_reflns.pdbx_netI_over_sigmaI                          10.5 
_reflns.pdbx_res_netI_over_av_sigmaI_2                 ? 
_reflns.pdbx_res_netI_over_sigmaI_2                    ? 
_reflns.pdbx_chi_squared                               ? 
_reflns.pdbx_scaling_rejects                           ? 
_reflns.pdbx_d_res_high_opt                            ? 
_reflns.pdbx_d_res_low_opt                             ? 
_reflns.pdbx_d_res_opt_method                          ? 
_reflns.phase_calculation_details                      ? 
_reflns.pdbx_Rrim_I_all                                ? 
_reflns.pdbx_Rpim_I_all                                ? 
_reflns.pdbx_d_opt                                     ? 
_reflns.pdbx_number_measured_all                       ? 
_reflns.pdbx_diffrn_id                                 1 
_reflns.pdbx_ordinal                                   1 
_reflns.pdbx_CC_half                                   .997 
_reflns.pdbx_CC_star                                   ? 
_reflns.pdbx_R_split                                   ? 
_reflns.pdbx_Rmerge_I_obs                              ? 
_reflns.pdbx_Rmerge_I_all                              ? 
_reflns.pdbx_Rsym_value                                ? 
_reflns.pdbx_CC_split_method                           ? 
_reflns.pdbx_aniso_diffraction_limit_axis_1_ortho[1]   ? 
_reflns.pdbx_aniso_diffraction_limit_axis_1_ortho[2]   ? 
_reflns.pdbx_aniso_diffraction_limit_axis_1_ortho[3]   ? 
_reflns.pdbx_aniso_diffraction_limit_axis_2_ortho[1]   ? 
_reflns.pdbx_aniso_diffraction_limit_axis_2_ortho[2]   ? 
_reflns.pdbx_aniso_diffraction_limit_axis_2_ortho[3]   ? 
_reflns.pdbx_aniso_diffraction_limit_axis_3_ortho[1]   ? 
_reflns.pdbx_aniso_diffraction_limit_axis_3_ortho[2]   ? 
_reflns.pdbx_aniso_diffraction_limit_axis_3_ortho[3]   ? 
_reflns.pdbx_aniso_diffraction_limit_1                 ? 
_reflns.pdbx_aniso_diffraction_limit_2                 ? 
_reflns.pdbx_aniso_diffraction_limit_3                 ? 
_reflns.pdbx_aniso_B_tensor_eigenvector_1_ortho[1]     ? 
_reflns.pdbx_aniso_B_tensor_eigenvector_1_ortho[2]     ? 
_reflns.pdbx_aniso_B_tensor_eigenvector_1_ortho[3]     ? 
_reflns.pdbx_aniso_B_tensor_eigenvector_2_ortho[1]     ? 
_reflns.pdbx_aniso_B_tensor_eigenvector_2_ortho[2]     ? 
_reflns.pdbx_aniso_B_tensor_eigenvector_2_ortho[3]     ? 
_reflns.pdbx_aniso_B_tensor_eigenvector_3_ortho[1]     ? 
_reflns.pdbx_aniso_B_tensor_eigenvector_3_ortho[2]     ? 
_reflns.pdbx_aniso_B_tensor_eigenvector_3_ortho[3]     ? 
_reflns.pdbx_aniso_B_tensor_eigenvalue_1               ? 
_reflns.pdbx_aniso_B_tensor_eigenvalue_2               ? 
_reflns.pdbx_aniso_B_tensor_eigenvalue_3               ? 
_reflns.pdbx_orthogonalization_convention              ? 
_reflns.pdbx_percent_possible_ellipsoidal              ? 
_reflns.pdbx_percent_possible_spherical                ? 
_reflns.pdbx_percent_possible_ellipsoidal_anomalous    ? 
_reflns.pdbx_percent_possible_spherical_anomalous      ? 
_reflns.pdbx_redundancy_anomalous                      ? 
_reflns.pdbx_CC_half_anomalous                         ? 
_reflns.pdbx_absDiff_over_sigma_anomalous              ? 
_reflns.pdbx_percent_possible_anomalous                ? 
_reflns.pdbx_observed_signal_threshold                 ? 
_reflns.pdbx_signal_type                               ? 
_reflns.pdbx_signal_details                            ? 
_reflns.pdbx_signal_software_id                        ? 
# 
loop_
_reflns_shell.d_res_high 
_reflns_shell.d_res_low 
_reflns_shell.meanI_over_sigI_all 
_reflns_shell.meanI_over_sigI_obs 
_reflns_shell.number_measured_all 
_reflns_shell.number_measured_obs 
_reflns_shell.number_possible 
_reflns_shell.number_unique_all 
_reflns_shell.number_unique_obs 
_reflns_shell.percent_possible_obs 
_reflns_shell.Rmerge_F_all 
_reflns_shell.Rmerge_F_obs 
_reflns_shell.meanI_over_sigI_gt 
_reflns_shell.meanI_over_uI_all 
_reflns_shell.meanI_over_uI_gt 
_reflns_shell.number_measured_gt 
_reflns_shell.number_unique_gt 
_reflns_shell.percent_possible_gt 
_reflns_shell.Rmerge_F_gt 
_reflns_shell.Rmerge_I_gt 
_reflns_shell.pdbx_redundancy 
_reflns_shell.pdbx_chi_squared 
_reflns_shell.pdbx_netI_over_sigmaI_all 
_reflns_shell.pdbx_netI_over_sigmaI_obs 
_reflns_shell.pdbx_Rrim_I_all 
_reflns_shell.pdbx_Rpim_I_all 
_reflns_shell.pdbx_rejects 
_reflns_shell.pdbx_ordinal 
_reflns_shell.pdbx_diffrn_id 
_reflns_shell.pdbx_CC_half 
_reflns_shell.pdbx_CC_star 
_reflns_shell.pdbx_R_split 
_reflns_shell.percent_possible_all 
_reflns_shell.Rmerge_I_all 
_reflns_shell.Rmerge_I_obs 
_reflns_shell.pdbx_Rsym_value 
_reflns_shell.pdbx_percent_possible_ellipsoidal 
_reflns_shell.pdbx_percent_possible_spherical 
_reflns_shell.pdbx_percent_possible_ellipsoidal_anomalous 
_reflns_shell.pdbx_percent_possible_spherical_anomalous 
_reflns_shell.pdbx_redundancy_anomalous 
_reflns_shell.pdbx_CC_half_anomalous 
_reflns_shell.pdbx_absDiff_over_sigma_anomalous 
_reflns_shell.pdbx_percent_possible_anomalous 
4.584 5.149  ? ? ? ? ? ? 210 ? ? ? ? ? ? ? ? ? ? ? ? ? ? ? ? ? ? 1 1 .349 ? ? ? ? ? ? ? ? ? ? ? ? ? ? 
9.406 39.682 ? ? ? ? ? ? 208 ? ? ? ? ? ? ? ? ? ? ? ? ? ? ? ? ? ? 2 1 .997 ? ? ? ? ? ? ? ? ? ? ? ? ? ? 
# 
_refine.aniso_B[1][1]                            ? 
_refine.aniso_B[1][2]                            ? 
_refine.aniso_B[1][3]                            ? 
_refine.aniso_B[2][2]                            ? 
_refine.aniso_B[2][3]                            ? 
_refine.aniso_B[3][3]                            ? 
_refine.B_iso_max                                ? 
_refine.B_iso_mean                               441.37 
_refine.B_iso_min                                ? 
_refine.correlation_coeff_Fo_to_Fc               ? 
_refine.correlation_coeff_Fo_to_Fc_free          ? 
_refine.details                                  ? 
_refine.diff_density_max                         ? 
_refine.diff_density_max_esd                     ? 
_refine.diff_density_min                         ? 
_refine.diff_density_min_esd                     ? 
_refine.diff_density_rms                         ? 
_refine.diff_density_rms_esd                     ? 
_refine.entry_id                                 9NK5 
_refine.pdbx_refine_id                           'X-RAY DIFFRACTION' 
_refine.ls_abs_structure_details                 ? 
_refine.ls_abs_structure_Flack                   ? 
_refine.ls_abs_structure_Flack_esd               ? 
_refine.ls_abs_structure_Rogers                  ? 
_refine.ls_abs_structure_Rogers_esd              ? 
_refine.ls_d_res_high                            4.58 
_refine.ls_d_res_low                             39.68 
_refine.ls_extinction_coef                       ? 
_refine.ls_extinction_coef_esd                   ? 
_refine.ls_extinction_expression                 ? 
_refine.ls_extinction_method                     ? 
_refine.ls_goodness_of_fit_all                   ? 
_refine.ls_goodness_of_fit_all_esd               ? 
_refine.ls_goodness_of_fit_obs                   ? 
_refine.ls_goodness_of_fit_obs_esd               ? 
_refine.ls_hydrogen_treatment                    ? 
_refine.ls_matrix_type                           ? 
_refine.ls_number_constraints                    ? 
_refine.ls_number_parameters                     ? 
_refine.ls_number_reflns_all                     ? 
_refine.ls_number_reflns_obs                     1449 
_refine.ls_number_reflns_R_free                  55 
_refine.ls_number_reflns_R_work                  1394 
_refine.ls_number_restraints                     ? 
_refine.ls_percent_reflns_obs                    80.01 
_refine.ls_percent_reflns_R_free                 3.80 
_refine.ls_R_factor_all                          ? 
_refine.ls_R_factor_obs                          0.1966 
_refine.ls_R_factor_R_free                       0.2331 
_refine.ls_R_factor_R_free_error                 ? 
_refine.ls_R_factor_R_free_error_details         ? 
_refine.ls_R_factor_R_work                       0.1947 
_refine.ls_R_Fsqd_factor_obs                     ? 
_refine.ls_R_I_factor_obs                        ? 
_refine.ls_redundancy_reflns_all                 ? 
_refine.ls_redundancy_reflns_obs                 ? 
_refine.ls_restrained_S_all                      ? 
_refine.ls_restrained_S_obs                      ? 
_refine.ls_shift_over_esd_max                    ? 
_refine.ls_shift_over_esd_mean                   ? 
_refine.ls_structure_factor_coef                 ? 
_refine.ls_weighting_details                     ? 
_refine.ls_weighting_scheme                      ? 
_refine.ls_wR_factor_all                         ? 
_refine.ls_wR_factor_obs                         ? 
_refine.ls_wR_factor_R_free                      ? 
_refine.ls_wR_factor_R_work                      ? 
_refine.occupancy_max                            ? 
_refine.occupancy_min                            ? 
_refine.solvent_model_details                    'FLAT BULK SOLVENT MODEL' 
_refine.solvent_model_param_bsol                 ? 
_refine.solvent_model_param_ksol                 ? 
_refine.correlation_coeff_I_to_Fcsqd_work        ? 
_refine.correlation_coeff_I_to_Fcsqd_free        ? 
_refine.pdbx_R_complete                          ? 
_refine.ls_R_factor_gt                           ? 
_refine.ls_goodness_of_fit_gt                    ? 
_refine.ls_goodness_of_fit_ref                   ? 
_refine.ls_shift_over_su_max                     ? 
_refine.ls_shift_over_su_max_lt                  ? 
_refine.ls_shift_over_su_mean                    ? 
_refine.ls_shift_over_su_mean_lt                 ? 
_refine.pdbx_ls_sigma_I                          ? 
_refine.pdbx_ls_sigma_F                          1.97 
_refine.pdbx_ls_sigma_Fsqd                       ? 
_refine.pdbx_data_cutoff_high_absF               ? 
_refine.pdbx_data_cutoff_high_rms_absF           ? 
_refine.pdbx_data_cutoff_low_absF                ? 
_refine.pdbx_isotropic_thermal_model             ? 
_refine.pdbx_ls_cross_valid_method               'FREE R-VALUE' 
_refine.pdbx_method_to_determine_struct          'MOLECULAR REPLACEMENT' 
_refine.pdbx_starting_model                      ? 
_refine.pdbx_stereochemistry_target_values       'GeoStd + Monomer Library + CDL v1.2' 
_refine.pdbx_R_Free_selection_details            ? 
_refine.pdbx_stereochem_target_val_spec_case     ? 
_refine.pdbx_overall_ESU_R                       ? 
_refine.pdbx_overall_ESU_R_Free                  ? 
_refine.pdbx_solvent_vdw_probe_radii             1.1000 
_refine.pdbx_solvent_ion_probe_radii             ? 
_refine.pdbx_solvent_shrinkage_radii             0.9000 
_refine.pdbx_real_space_R                        ? 
_refine.pdbx_density_correlation                 ? 
_refine.pdbx_pd_number_of_powder_patterns        ? 
_refine.pdbx_pd_number_of_points                 ? 
_refine.pdbx_pd_meas_number_of_points            ? 
_refine.pdbx_pd_proc_ls_prof_R_factor            ? 
_refine.pdbx_pd_proc_ls_prof_wR_factor           ? 
_refine.pdbx_pd_Marquardt_correlation_coeff      ? 
_refine.pdbx_pd_Fsqrd_R_factor                   ? 
_refine.pdbx_pd_ls_matrix_band_width             ? 
_refine.pdbx_overall_phase_error                 39.3903 
_refine.pdbx_overall_SU_R_free_Cruickshank_DPI   ? 
_refine.pdbx_overall_SU_R_free_Blow_DPI          ? 
_refine.pdbx_overall_SU_R_Blow_DPI               ? 
_refine.pdbx_TLS_residual_ADP_flag               ? 
_refine.pdbx_diffrn_id                           1 
_refine.overall_SU_B                             ? 
_refine.overall_SU_ML                            0.0000 
_refine.overall_SU_R_Cruickshank_DPI             ? 
_refine.overall_SU_R_free                        ? 
_refine.overall_FOM_free_R_set                   ? 
_refine.overall_FOM_work_R_set                   ? 
_refine.pdbx_average_fsc_overall                 ? 
_refine.pdbx_average_fsc_work                    ? 
_refine.pdbx_average_fsc_free                    ? 
# 
_refine_hist.pdbx_refine_id                   'X-RAY DIFFRACTION' 
_refine_hist.cycle_id                         LAST 
_refine_hist.details                          ? 
_refine_hist.d_res_high                       4.58 
_refine_hist.d_res_low                        39.68 
_refine_hist.number_atoms_solvent             0 
_refine_hist.number_atoms_total               855 
_refine_hist.number_reflns_all                ? 
_refine_hist.number_reflns_obs                ? 
_refine_hist.number_reflns_R_free             ? 
_refine_hist.number_reflns_R_work             ? 
_refine_hist.R_factor_all                     ? 
_refine_hist.R_factor_obs                     ? 
_refine_hist.R_factor_R_free                  ? 
_refine_hist.R_factor_R_work                  ? 
_refine_hist.pdbx_number_residues_total       ? 
_refine_hist.pdbx_B_iso_mean_ligand           ? 
_refine_hist.pdbx_B_iso_mean_solvent          ? 
_refine_hist.pdbx_number_atoms_protein        0 
_refine_hist.pdbx_number_atoms_nucleic_acid   855 
_refine_hist.pdbx_number_atoms_ligand         0 
_refine_hist.pdbx_number_atoms_lipid          ? 
_refine_hist.pdbx_number_atoms_carb           ? 
_refine_hist.pdbx_pseudo_atom_details         ? 
# 
loop_
_refine_ls_restr.pdbx_refine_id 
_refine_ls_restr.criterion 
_refine_ls_restr.dev_ideal 
_refine_ls_restr.dev_ideal_target 
_refine_ls_restr.number 
_refine_ls_restr.rejects 
_refine_ls_restr.type 
_refine_ls_restr.weight 
_refine_ls_restr.pdbx_restraint_function 
'X-RAY DIFFRACTION' ? 0.0054  ? 957  ? f_bond_d           ? ? 
'X-RAY DIFFRACTION' ? 0.7478  ? 1471 ? f_angle_d          ? ? 
'X-RAY DIFFRACTION' ? 0.0401  ? 166  ? f_chiral_restr     ? ? 
'X-RAY DIFFRACTION' ? 0.0042  ? 42   ? f_plane_restr      ? ? 
'X-RAY DIFFRACTION' ? 36.3019 ? 449  ? f_dihedral_angle_d ? ? 
# 
_refine_ls_shell.pdbx_refine_id                      'X-RAY DIFFRACTION' 
_refine_ls_shell.d_res_high                          4.58 
_refine_ls_shell.d_res_low                           39.68 
_refine_ls_shell.number_reflns_all                   ? 
_refine_ls_shell.number_reflns_obs                   ? 
_refine_ls_shell.number_reflns_R_free                55 
_refine_ls_shell.number_reflns_R_work                1394 
_refine_ls_shell.percent_reflns_obs                  80.01 
_refine_ls_shell.percent_reflns_R_free               ? 
_refine_ls_shell.R_factor_all                        ? 
_refine_ls_shell.R_factor_obs                        ? 
_refine_ls_shell.R_factor_R_free_error               ? 
_refine_ls_shell.R_factor_R_work                     0.1947 
_refine_ls_shell.redundancy_reflns_all               ? 
_refine_ls_shell.redundancy_reflns_obs               ? 
_refine_ls_shell.wR_factor_all                       ? 
_refine_ls_shell.wR_factor_obs                       ? 
_refine_ls_shell.wR_factor_R_free                    ? 
_refine_ls_shell.wR_factor_R_work                    ? 
_refine_ls_shell.pdbx_R_complete                     ? 
_refine_ls_shell.correlation_coeff_Fo_to_Fc          ? 
_refine_ls_shell.correlation_coeff_Fo_to_Fc_free     ? 
_refine_ls_shell.correlation_coeff_I_to_Fcsqd_work   ? 
_refine_ls_shell.correlation_coeff_I_to_Fcsqd_free   ? 
_refine_ls_shell.pdbx_total_number_of_bins_used      ? 
_refine_ls_shell.pdbx_phase_error                    ? 
_refine_ls_shell.pdbx_fsc_work                       ? 
_refine_ls_shell.pdbx_fsc_free                       ? 
_refine_ls_shell.R_factor_R_free                     0.2331 
# 
_struct.entry_id                     9NK5 
_struct.title                        
;[0,7,12-->14] Shifted tensegrity triangle with an (arm,center,arm) distribution of (0,7,12) base pairs and 2 nt sticky ends containing a semi-junction that becomes left-handed
;
_struct.pdbx_model_details           ? 
_struct.pdbx_formula_weight          ? 
_struct.pdbx_formula_weight_method   ? 
_struct.pdbx_model_type_details      ? 
_struct.pdbx_CASP_flag               N 
# 
_struct_keywords.entry_id        9NK5 
_struct_keywords.text            'tensegrity triangle, DNA' 
_struct_keywords.pdbx_keywords   DNA 
# 
loop_
_struct_asym.id 
_struct_asym.pdbx_blank_PDB_chainid_flag 
_struct_asym.pdbx_modified 
_struct_asym.entity_id 
_struct_asym.details 
A N N 1 ? 
B N N 2 ? 
C N N 3 ? 
# 
loop_
_struct_ref.id 
_struct_ref.db_name 
_struct_ref.db_code 
_struct_ref.pdbx_db_accession 
_struct_ref.pdbx_db_isoform 
_struct_ref.entity_id 
_struct_ref.pdbx_seq_one_letter_code 
_struct_ref.pdbx_align_begin 
1 PDB 9NK5 9NK5 ? 1 ? 1 
2 PDB 9NK5 9NK5 ? 2 ? 1 
3 PDB 9NK5 9NK5 ? 3 ? 1 
# 
loop_
_struct_ref_seq.align_id 
_struct_ref_seq.ref_id 
_struct_ref_seq.pdbx_PDB_id_code 
_struct_ref_seq.pdbx_strand_id 
_struct_ref_seq.seq_align_beg 
_struct_ref_seq.pdbx_seq_align_beg_ins_code 
_struct_ref_seq.seq_align_end 
_struct_ref_seq.pdbx_seq_align_end_ins_code 
_struct_ref_seq.pdbx_db_accession 
_struct_ref_seq.db_align_beg 
_struct_ref_seq.pdbx_db_align_beg_ins_code 
_struct_ref_seq.db_align_end 
_struct_ref_seq.pdbx_db_align_end_ins_code 
_struct_ref_seq.pdbx_auth_seq_align_beg 
_struct_ref_seq.pdbx_auth_seq_align_end 
1 1 9NK5 A 1 ? 14 ? 9NK5 1  ? 14 ? 1  14 
2 2 9NK5 B 1 ? 21 ? 9NK5 1  ? 21 ? 1  21 
3 3 9NK5 C 1 ? 7  ? 9NK5 15 ? 21 ? 15 21 
# 
_pdbx_struct_assembly.id                   1 
_pdbx_struct_assembly.details              author_defined_assembly 
_pdbx_struct_assembly.method_details       ? 
_pdbx_struct_assembly.oligomeric_details   nonameric 
_pdbx_struct_assembly.oligomeric_count     9 
# 
loop_
_pdbx_struct_assembly_gen.assembly_id 
_pdbx_struct_assembly_gen.oper_expression 
_pdbx_struct_assembly_gen.asym_id_list 
1 1 A,B,C 
1 2 A,B,C 
1 3 A,B,C 
# 
_pdbx_struct_assembly_auth_evidence.id                     1 
_pdbx_struct_assembly_auth_evidence.assembly_id            1 
_pdbx_struct_assembly_auth_evidence.experimental_support   'native gel electrophoresis' 
_pdbx_struct_assembly_auth_evidence.details                ? 
# 
loop_
_pdbx_struct_oper_list.id 
_pdbx_struct_oper_list.type 
_pdbx_struct_oper_list.name 
_pdbx_struct_oper_list.symmetry_operation 
_pdbx_struct_oper_list.matrix[1][1] 
_pdbx_struct_oper_list.matrix[1][2] 
_pdbx_struct_oper_list.matrix[1][3] 
_pdbx_struct_oper_list.vector[1] 
_pdbx_struct_oper_list.matrix[2][1] 
_pdbx_struct_oper_list.matrix[2][2] 
_pdbx_struct_oper_list.matrix[2][3] 
_pdbx_struct_oper_list.vector[2] 
_pdbx_struct_oper_list.matrix[3][1] 
_pdbx_struct_oper_list.matrix[3][2] 
_pdbx_struct_oper_list.matrix[3][3] 
_pdbx_struct_oper_list.vector[3] 
1 'identity operation'         1_555 x,y,z     1.0000000000 0.0000000000  0.0000000000  0.0000000000  0.0000000000  1.0000000000  0.0000000000  0.0000000000  0.0000000000  0.0000000000  1.0000000000  0.0000000000  
2 'crystal symmetry operation' 2_555 -y,x-y,z  0.5416736074 -0.6198576229 -0.5677730448 20.1404330535 -0.7493629261 -0.0500594192 -0.6602645376 27.1290975225 0.3808476179  0.7831159441  -0.4916141882 25.7525013386 
3 'crystal symmetry operation' 3_555 -x+y,-x,z 0.5416736074 -0.7493629261 0.3808476179  -0.3877799156 -0.6198576229 -0.0500594192 0.7831159441  -6.3249265771 -0.5677730448 -0.6602645376 -0.4916141882 42.0078710683 
# 
loop_
_struct_conn.id 
_struct_conn.conn_type_id 
_struct_conn.pdbx_leaving_atom_flag 
_struct_conn.pdbx_PDB_id 
_struct_conn.ptnr1_label_asym_id 
_struct_conn.ptnr1_label_comp_id 
_struct_conn.ptnr1_label_seq_id 
_struct_conn.ptnr1_label_atom_id 
_struct_conn.pdbx_ptnr1_label_alt_id 
_struct_conn.pdbx_ptnr1_PDB_ins_code 
_struct_conn.pdbx_ptnr1_standard_comp_id 
_struct_conn.ptnr1_symmetry 
_struct_conn.ptnr2_label_asym_id 
_struct_conn.ptnr2_label_comp_id 
_struct_conn.ptnr2_label_seq_id 
_struct_conn.ptnr2_label_atom_id 
_struct_conn.pdbx_ptnr2_label_alt_id 
_struct_conn.pdbx_ptnr2_PDB_ins_code 
_struct_conn.ptnr1_auth_asym_id 
_struct_conn.ptnr1_auth_comp_id 
_struct_conn.ptnr1_auth_seq_id 
_struct_conn.ptnr2_auth_asym_id 
_struct_conn.ptnr2_auth_comp_id 
_struct_conn.ptnr2_auth_seq_id 
_struct_conn.ptnr2_symmetry 
_struct_conn.pdbx_ptnr3_label_atom_id 
_struct_conn.pdbx_ptnr3_label_seq_id 
_struct_conn.pdbx_ptnr3_label_comp_id 
_struct_conn.pdbx_ptnr3_label_asym_id 
_struct_conn.pdbx_ptnr3_label_alt_id 
_struct_conn.pdbx_ptnr3_PDB_ins_code 
_struct_conn.details 
_struct_conn.pdbx_dist_value 
_struct_conn.pdbx_value_order 
_struct_conn.pdbx_role 
hydrog1  hydrog ? ? A DA 3  N1 ? ? ? 1_555 B DT 21 N3 ? ? A DA 3  B DT 21 1_555 ? ? ? ? ? ? WATSON-CRICK ? ? ? 
hydrog2  hydrog ? ? A DA 3  N6 ? ? ? 1_555 B DT 21 O4 ? ? A DA 3  B DT 21 1_555 ? ? ? ? ? ? WATSON-CRICK ? ? ? 
hydrog3  hydrog ? ? A DT 4  N3 ? ? ? 1_555 B DA 20 N1 ? ? A DT 4  B DA 20 1_555 ? ? ? ? ? ? WATSON-CRICK ? ? ? 
hydrog4  hydrog ? ? A DT 4  O4 ? ? ? 1_555 B DA 20 N6 ? ? A DT 4  B DA 20 1_555 ? ? ? ? ? ? WATSON-CRICK ? ? ? 
hydrog5  hydrog ? ? A DG 5  N1 ? ? ? 1_555 B DC 19 N3 ? ? A DG 5  B DC 19 1_555 ? ? ? ? ? ? WATSON-CRICK ? ? ? 
hydrog6  hydrog ? ? A DG 5  N2 ? ? ? 1_555 B DC 19 O2 ? ? A DG 5  B DC 19 1_555 ? ? ? ? ? ? WATSON-CRICK ? ? ? 
hydrog7  hydrog ? ? A DG 5  O6 ? ? ? 1_555 B DC 19 N4 ? ? A DG 5  B DC 19 1_555 ? ? ? ? ? ? WATSON-CRICK ? ? ? 
hydrog8  hydrog ? ? A DC 6  N3 ? ? ? 1_555 B DG 18 N1 ? ? A DC 6  B DG 18 1_555 ? ? ? ? ? ? WATSON-CRICK ? ? ? 
hydrog9  hydrog ? ? A DC 6  N4 ? ? ? 1_555 B DG 18 O6 ? ? A DC 6  B DG 18 1_555 ? ? ? ? ? ? WATSON-CRICK ? ? ? 
hydrog10 hydrog ? ? A DC 6  O2 ? ? ? 1_555 B DG 18 N2 ? ? A DC 6  B DG 18 1_555 ? ? ? ? ? ? WATSON-CRICK ? ? ? 
hydrog11 hydrog ? ? A DG 7  N1 ? ? ? 1_555 B DC 17 N3 ? ? A DG 7  B DC 17 1_555 ? ? ? ? ? ? WATSON-CRICK ? ? ? 
hydrog12 hydrog ? ? A DG 7  N2 ? ? ? 1_555 B DC 17 O2 ? ? A DG 7  B DC 17 1_555 ? ? ? ? ? ? WATSON-CRICK ? ? ? 
hydrog13 hydrog ? ? A DG 7  O6 ? ? ? 1_555 B DC 17 N4 ? ? A DG 7  B DC 17 1_555 ? ? ? ? ? ? WATSON-CRICK ? ? ? 
hydrog14 hydrog ? ? A DT 8  N3 ? ? ? 1_555 B DA 16 N1 ? ? A DT 8  B DA 16 1_555 ? ? ? ? ? ? WATSON-CRICK ? ? ? 
hydrog15 hydrog ? ? A DT 8  O4 ? ? ? 1_555 B DA 16 N6 ? ? A DT 8  B DA 16 1_555 ? ? ? ? ? ? WATSON-CRICK ? ? ? 
hydrog16 hydrog ? ? A DA 9  N1 ? ? ? 1_555 B DT 15 N3 ? ? A DA 9  B DT 15 1_555 ? ? ? ? ? ? WATSON-CRICK ? ? ? 
hydrog17 hydrog ? ? A DA 9  N6 ? ? ? 1_555 B DT 15 O4 ? ? A DA 9  B DT 15 1_555 ? ? ? ? ? ? WATSON-CRICK ? ? ? 
hydrog18 hydrog ? ? A DG 10 N1 ? ? ? 1_555 B DC 14 N3 ? ? A DG 10 B DC 14 1_555 ? ? ? ? ? ? WATSON-CRICK ? ? ? 
hydrog19 hydrog ? ? A DG 10 N2 ? ? ? 1_555 B DC 14 O2 ? ? A DG 10 B DC 14 1_555 ? ? ? ? ? ? WATSON-CRICK ? ? ? 
hydrog20 hydrog ? ? A DG 10 O6 ? ? ? 1_555 B DC 14 N4 ? ? A DG 10 B DC 14 1_555 ? ? ? ? ? ? WATSON-CRICK ? ? ? 
hydrog21 hydrog ? ? A DC 11 N3 ? ? ? 1_555 B DG 13 N1 ? ? A DC 11 B DG 13 1_555 ? ? ? ? ? ? WATSON-CRICK ? ? ? 
hydrog22 hydrog ? ? A DC 11 N4 ? ? ? 1_555 B DG 13 O6 ? ? A DC 11 B DG 13 1_555 ? ? ? ? ? ? WATSON-CRICK ? ? ? 
hydrog23 hydrog ? ? A DC 11 O2 ? ? ? 1_555 B DG 13 N2 ? ? A DC 11 B DG 13 1_555 ? ? ? ? ? ? WATSON-CRICK ? ? ? 
hydrog24 hydrog ? ? A DT 12 N3 ? ? ? 1_555 B DA 12 N1 ? ? A DT 12 B DA 12 1_555 ? ? ? ? ? ? WATSON-CRICK ? ? ? 
hydrog25 hydrog ? ? A DT 12 O4 ? ? ? 1_555 B DA 12 N6 ? ? A DT 12 B DA 12 1_555 ? ? ? ? ? ? WATSON-CRICK ? ? ? 
hydrog26 hydrog ? ? A DG 13 N1 ? ? ? 1_555 B DC 11 N3 ? ? A DG 13 B DC 11 1_555 ? ? ? ? ? ? WATSON-CRICK ? ? ? 
hydrog27 hydrog ? ? A DG 13 N2 ? ? ? 1_555 B DC 11 O2 ? ? A DG 13 B DC 11 1_555 ? ? ? ? ? ? WATSON-CRICK ? ? ? 
hydrog28 hydrog ? ? A DG 13 O6 ? ? ? 1_555 B DC 11 N4 ? ? A DG 13 B DC 11 1_555 ? ? ? ? ? ? WATSON-CRICK ? ? ? 
hydrog29 hydrog ? ? A DT 14 N3 ? ? ? 1_555 B DA 10 N1 ? ? A DT 14 B DA 10 1_555 ? ? ? ? ? ? WATSON-CRICK ? ? ? 
hydrog30 hydrog ? ? A DT 14 O4 ? ? ? 1_555 B DA 10 N6 ? ? A DT 14 B DA 10 1_555 ? ? ? ? ? ? WATSON-CRICK ? ? ? 
hydrog31 hydrog ? ? B DT 3  O4 ? ? ? 1_555 C DA 7  N6 ? ? B DT 3  C DA 21 1_555 ? ? ? ? ? ? 'DT-DA PAIR' ? ? ? 
hydrog32 hydrog ? ? B DG 4  N1 ? ? ? 1_555 C DC 6  N3 ? ? B DG 4  C DC 20 1_555 ? ? ? ? ? ? WATSON-CRICK ? ? ? 
hydrog33 hydrog ? ? B DG 4  N2 ? ? ? 1_555 C DC 6  O2 ? ? B DG 4  C DC 20 1_555 ? ? ? ? ? ? WATSON-CRICK ? ? ? 
hydrog34 hydrog ? ? B DG 4  O6 ? ? ? 1_555 C DC 6  N4 ? ? B DG 4  C DC 20 1_555 ? ? ? ? ? ? WATSON-CRICK ? ? ? 
hydrog35 hydrog ? ? B DT 5  N3 ? ? ? 1_555 C DA 5  N1 ? ? B DT 5  C DA 19 1_555 ? ? ? ? ? ? WATSON-CRICK ? ? ? 
hydrog36 hydrog ? ? B DT 5  O4 ? ? ? 1_555 C DA 5  N6 ? ? B DT 5  C DA 19 1_555 ? ? ? ? ? ? WATSON-CRICK ? ? ? 
hydrog37 hydrog ? ? B DA 6  N1 ? ? ? 1_555 C DT 4  N3 ? ? B DA 6  C DT 18 1_555 ? ? ? ? ? ? WATSON-CRICK ? ? ? 
hydrog38 hydrog ? ? B DA 6  N6 ? ? ? 1_555 C DT 4  O4 ? ? B DA 6  C DT 18 1_555 ? ? ? ? ? ? WATSON-CRICK ? ? ? 
hydrog39 hydrog ? ? B DC 7  N3 ? ? ? 1_555 C DG 3  N1 ? ? B DC 7  C DG 17 1_555 ? ? ? ? ? ? WATSON-CRICK ? ? ? 
hydrog40 hydrog ? ? B DC 7  N4 ? ? ? 1_555 C DG 3  O6 ? ? B DC 7  C DG 17 1_555 ? ? ? ? ? ? WATSON-CRICK ? ? ? 
hydrog41 hydrog ? ? B DC 7  O2 ? ? ? 1_555 C DG 3  N2 ? ? B DC 7  C DG 17 1_555 ? ? ? ? ? ? WATSON-CRICK ? ? ? 
hydrog42 hydrog ? ? B DG 8  N1 ? ? ? 1_555 C DC 2  N3 ? ? B DG 8  C DC 16 1_555 ? ? ? ? ? ? WATSON-CRICK ? ? ? 
hydrog43 hydrog ? ? B DG 8  N2 ? ? ? 1_555 C DC 2  O2 ? ? B DG 8  C DC 16 1_555 ? ? ? ? ? ? WATSON-CRICK ? ? ? 
hydrog44 hydrog ? ? B DG 8  O6 ? ? ? 1_555 C DC 2  N4 ? ? B DG 8  C DC 16 1_555 ? ? ? ? ? ? WATSON-CRICK ? ? ? 
hydrog45 hydrog ? ? B DG 9  N1 ? ? ? 1_555 C DC 1  N3 ? ? B DG 9  C DC 15 1_555 ? ? ? ? ? ? WATSON-CRICK ? ? ? 
hydrog46 hydrog ? ? B DG 9  N2 ? ? ? 1_555 C DC 1  O2 ? ? B DG 9  C DC 15 1_555 ? ? ? ? ? ? WATSON-CRICK ? ? ? 
hydrog47 hydrog ? ? B DG 9  O6 ? ? ? 1_555 C DC 1  N4 ? ? B DG 9  C DC 15 1_555 ? ? ? ? ? ? WATSON-CRICK ? ? ? 
# 
_struct_conn_type.id          hydrog 
_struct_conn_type.criteria    ? 
_struct_conn_type.reference   ? 
# 
_pdbx_entry_details.entry_id                   9NK5 
_pdbx_entry_details.compound_details           ? 
_pdbx_entry_details.source_details             ? 
_pdbx_entry_details.nonpolymer_details         ? 
_pdbx_entry_details.sequence_details           ? 
_pdbx_entry_details.has_ligand_of_interest     ? 
_pdbx_entry_details.has_protein_modification   N 
# 
_pdbx_validate_rmsd_angle.id                         1 
_pdbx_validate_rmsd_angle.PDB_model_num              1 
_pdbx_validate_rmsd_angle.auth_atom_id_1             "O4'" 
_pdbx_validate_rmsd_angle.auth_asym_id_1             C 
_pdbx_validate_rmsd_angle.auth_comp_id_1             DT 
_pdbx_validate_rmsd_angle.auth_seq_id_1              18 
_pdbx_validate_rmsd_angle.PDB_ins_code_1             ? 
_pdbx_validate_rmsd_angle.label_alt_id_1             ? 
_pdbx_validate_rmsd_angle.auth_atom_id_2             "C1'" 
_pdbx_validate_rmsd_angle.auth_asym_id_2             C 
_pdbx_validate_rmsd_angle.auth_comp_id_2             DT 
_pdbx_validate_rmsd_angle.auth_seq_id_2              18 
_pdbx_validate_rmsd_angle.PDB_ins_code_2             ? 
_pdbx_validate_rmsd_angle.label_alt_id_2             ? 
_pdbx_validate_rmsd_angle.auth_atom_id_3             N1 
_pdbx_validate_rmsd_angle.auth_asym_id_3             C 
_pdbx_validate_rmsd_angle.auth_comp_id_3             DT 
_pdbx_validate_rmsd_angle.auth_seq_id_3              18 
_pdbx_validate_rmsd_angle.PDB_ins_code_3             ? 
_pdbx_validate_rmsd_angle.label_alt_id_3             ? 
_pdbx_validate_rmsd_angle.angle_value                110.71 
_pdbx_validate_rmsd_angle.angle_target_value         108.30 
_pdbx_validate_rmsd_angle.angle_deviation            2.41 
_pdbx_validate_rmsd_angle.angle_standard_deviation   0.30 
_pdbx_validate_rmsd_angle.linker_flag                N 
# 
loop_
_space_group_symop.id 
_space_group_symop.operation_xyz 
1 x,y,z                 
2 -y,x-y,z              
3 -x+y,-x,z             
4 x+1/3,y+2/3,z+2/3     
5 -y+1/3,x-y+2/3,z+2/3  
6 -x+y+1/3,-x+2/3,z+2/3 
7 x+2/3,y+1/3,z+1/3     
8 -y+2/3,x-y+1/3,z+1/3  
9 -x+y+2/3,-x+1/3,z+1/3 
# 
loop_
_pdbx_refine_tls.id 
_pdbx_refine_tls.pdbx_refine_id 
_pdbx_refine_tls.details 
_pdbx_refine_tls.method 
_pdbx_refine_tls.origin_x 
_pdbx_refine_tls.origin_y 
_pdbx_refine_tls.origin_z 
_pdbx_refine_tls.T[1][1] 
_pdbx_refine_tls.T[1][1]_esd 
_pdbx_refine_tls.T[1][2] 
_pdbx_refine_tls.T[1][2]_esd 
_pdbx_refine_tls.T[1][3] 
_pdbx_refine_tls.T[1][3]_esd 
_pdbx_refine_tls.T[2][2] 
_pdbx_refine_tls.T[2][2]_esd 
_pdbx_refine_tls.T[2][3] 
_pdbx_refine_tls.T[2][3]_esd 
_pdbx_refine_tls.T[3][3] 
_pdbx_refine_tls.T[3][3]_esd 
_pdbx_refine_tls.L[1][1] 
_pdbx_refine_tls.L[1][1]_esd 
_pdbx_refine_tls.L[1][2] 
_pdbx_refine_tls.L[1][2]_esd 
_pdbx_refine_tls.L[1][3] 
_pdbx_refine_tls.L[1][3]_esd 
_pdbx_refine_tls.L[2][2] 
_pdbx_refine_tls.L[2][2]_esd 
_pdbx_refine_tls.L[2][3] 
_pdbx_refine_tls.L[2][3]_esd 
_pdbx_refine_tls.L[3][3] 
_pdbx_refine_tls.L[3][3]_esd 
_pdbx_refine_tls.S[1][1] 
_pdbx_refine_tls.S[1][1]_esd 
_pdbx_refine_tls.S[1][2] 
_pdbx_refine_tls.S[1][2]_esd 
_pdbx_refine_tls.S[1][3] 
_pdbx_refine_tls.S[1][3]_esd 
_pdbx_refine_tls.S[2][1] 
_pdbx_refine_tls.S[2][1]_esd 
_pdbx_refine_tls.S[2][2] 
_pdbx_refine_tls.S[2][2]_esd 
_pdbx_refine_tls.S[2][3] 
_pdbx_refine_tls.S[2][3]_esd 
_pdbx_refine_tls.S[3][1] 
_pdbx_refine_tls.S[3][1]_esd 
_pdbx_refine_tls.S[3][2] 
_pdbx_refine_tls.S[3][2]_esd 
_pdbx_refine_tls.S[3][3] 
_pdbx_refine_tls.S[3][3]_esd 
1 'X-RAY DIFFRACTION' ? refined 3.2604744529   14.46642770230 1.4015745146  7.21865448152 ? 0.518179819894  ? 1.92385065685   ? 1.51146427879   ? -1.01845030055 ? 7.92405699259 ? 0.100181769542 ? 0.45563219373  ? 0.419655230636  ? 1.72900734073 ? 1.226966830617  ? 0.895413586117 ? -1.173021187155 ? 2.2233118274    ? 2.79855499281  ? -0.39614479425 ? -2.57638316370 ? 2.485224734486  ? -3.390555937792 ? -1.31237817948  ? -0.55659938700 ? 
2 'X-RAY DIFFRACTION' ? refined -11.5504212477 -27.8160050196 -0.1103585857 4.91077102370 ? 0.27586156110   ? -1.824978631    ? 3.4443379201    ? 4.398900909715 ? 3.70657264481 ? 4.33089528606  ? 3.18860085278  ? -0.43055579560  ? 4.34870867832 ? 2.826959569895  ? 5.08075014184  ? 3.56129875975   ? -0.410764184940 ? 0.0255510029   ? 0.15862261137  ? 4.51938144545  ? 3.880810455172  ? 1.29609491291   ? -0.971500323072 ? -1.46045828456 ? 
3 'X-RAY DIFFRACTION' ? refined -1.162197641   -5.5300589513  0.2817067297  5.59678442578 ? -0.308993918617 ? -0.228499696107 ? -0.846222930395 ? 0.29335711414  ? 8.91679092902 ? 9.48653468237  ? 0.75131614228  ? -3.28191763713  ? 1.37701822769 ? -0.28646281271  ? 1.79083346411  ? 2.33249866326   ? -3.010353764336 ? 0.94247956313  ? 0.596682411283 ? 3.02333671036  ? -0.747691340788 ? -4.08786959084  ? 2.58433321799   ? 2.59477502124  ? 
4 'X-RAY DIFFRACTION' ? refined 8.1201234106   20.085112127   -0.994669678  8.47815939039 ? 0.195784071475  ? -1.45310748     ? 0.42753765152   ? -0.31525193527 ? 7.38635701648 ? 6.30547806739  ? -0.94535835547 ? 5.58195204509   ? 0.24229510284 ? -0.42717882787  ? 6.59293884002  ? -2.403095453517 ? 1.004703662573  ? -2.53301344621 ? 0.49791568822  ? -2.14064020093 ? -0.241130267944 ? 1.37852407917   ? -1.06462679443  ? -0.39705818108 ? 
5 'X-RAY DIFFRACTION' ? refined -4.0189084562  -19.6657449618 -2.3102124297 8.86244175253 ? 0.95790909399   ? -0.96507035166  ? 1.3179529586    ? 2.84356130261  ? 2.03282512004 ? 0.6920817329   ? 0.42918302390  ? -1.090951648059 ? 2.72430952198 ? -0.928107038618 ? 1.6914985388   ? 0.53625968299   ? -0.503299332720 ? 0.65031558043  ? -1.34895157634 ? 0.825550913    ? -2.470678194173 ? 1.02434897381   ? -0.679394883501 ? 1.83408792142  ? 
# 
loop_
_pdbx_refine_tls_group.id 
_pdbx_refine_tls_group.pdbx_refine_id 
_pdbx_refine_tls_group.refine_tls_id 
_pdbx_refine_tls_group.beg_label_asym_id 
_pdbx_refine_tls_group.beg_label_seq_id 
_pdbx_refine_tls_group.beg_auth_asym_id 
_pdbx_refine_tls_group.beg_auth_seq_id 
_pdbx_refine_tls_group.beg_PDB_ins_code 
_pdbx_refine_tls_group.end_label_asym_id 
_pdbx_refine_tls_group.end_label_seq_id 
_pdbx_refine_tls_group.end_auth_asym_id 
_pdbx_refine_tls_group.end_auth_seq_id 
_pdbx_refine_tls_group.end_PDB_ins_code 
_pdbx_refine_tls_group.selection 
_pdbx_refine_tls_group.selection_details 
1 'X-RAY DIFFRACTION' 1 A ? A 1  ? A ? A 14 ? ? 
;chain 'A' and (resid 1 through 14 )
;
2 'X-RAY DIFFRACTION' 2 B ? B 1  ? B ? B 5  ? ? 
;chain 'B' and (resid 1 through 5 )
;
3 'X-RAY DIFFRACTION' 3 B ? B 6  ? B ? B 15 ? ? 
;chain 'B' and (resid 6 through 15 )
;
4 'X-RAY DIFFRACTION' 4 B ? B 16 ? B ? B 21 ? ? 
;chain 'B' and (resid 16 through 21 )
;
5 'X-RAY DIFFRACTION' 5 C ? C 15 ? C ? C 21 ? ? 
;chain 'C' and (resid 15 through 21 )
;
# 
loop_
_chem_comp_atom.comp_id 
_chem_comp_atom.atom_id 
_chem_comp_atom.type_symbol 
_chem_comp_atom.pdbx_aromatic_flag 
_chem_comp_atom.pdbx_stereo_config 
_chem_comp_atom.pdbx_ordinal 
DA OP3    O N N 1   
DA P      P N N 2   
DA OP1    O N N 3   
DA OP2    O N N 4   
DA "O5'"  O N N 5   
DA "C5'"  C N N 6   
DA "C4'"  C N R 7   
DA "O4'"  O N N 8   
DA "C3'"  C N S 9   
DA "O3'"  O N N 10  
DA "C2'"  C N N 11  
DA "C1'"  C N R 12  
DA N9     N Y N 13  
DA C8     C Y N 14  
DA N7     N Y N 15  
DA C5     C Y N 16  
DA C6     C Y N 17  
DA N6     N N N 18  
DA N1     N Y N 19  
DA C2     C Y N 20  
DA N3     N Y N 21  
DA C4     C Y N 22  
DA HOP3   H N N 23  
DA HOP2   H N N 24  
DA "H5'"  H N N 25  
DA "H5''" H N N 26  
DA "H4'"  H N N 27  
DA "H3'"  H N N 28  
DA "HO3'" H N N 29  
DA "H2'"  H N N 30  
DA "H2''" H N N 31  
DA "H1'"  H N N 32  
DA H8     H N N 33  
DA H61    H N N 34  
DA H62    H N N 35  
DA H2     H N N 36  
DC OP3    O N N 37  
DC P      P N N 38  
DC OP1    O N N 39  
DC OP2    O N N 40  
DC "O5'"  O N N 41  
DC "C5'"  C N N 42  
DC "C4'"  C N R 43  
DC "O4'"  O N N 44  
DC "C3'"  C N S 45  
DC "O3'"  O N N 46  
DC "C2'"  C N N 47  
DC "C1'"  C N R 48  
DC N1     N N N 49  
DC C2     C N N 50  
DC O2     O N N 51  
DC N3     N N N 52  
DC C4     C N N 53  
DC N4     N N N 54  
DC C5     C N N 55  
DC C6     C N N 56  
DC HOP3   H N N 57  
DC HOP2   H N N 58  
DC "H5'"  H N N 59  
DC "H5''" H N N 60  
DC "H4'"  H N N 61  
DC "H3'"  H N N 62  
DC "HO3'" H N N 63  
DC "H2'"  H N N 64  
DC "H2''" H N N 65  
DC "H1'"  H N N 66  
DC H41    H N N 67  
DC H42    H N N 68  
DC H5     H N N 69  
DC H6     H N N 70  
DG OP3    O N N 71  
DG P      P N N 72  
DG OP1    O N N 73  
DG OP2    O N N 74  
DG "O5'"  O N N 75  
DG "C5'"  C N N 76  
DG "C4'"  C N R 77  
DG "O4'"  O N N 78  
DG "C3'"  C N S 79  
DG "O3'"  O N N 80  
DG "C2'"  C N N 81  
DG "C1'"  C N R 82  
DG N9     N Y N 83  
DG C8     C Y N 84  
DG N7     N Y N 85  
DG C5     C Y N 86  
DG C6     C N N 87  
DG O6     O N N 88  
DG N1     N N N 89  
DG C2     C N N 90  
DG N2     N N N 91  
DG N3     N N N 92  
DG C4     C Y N 93  
DG HOP3   H N N 94  
DG HOP2   H N N 95  
DG "H5'"  H N N 96  
DG "H5''" H N N 97  
DG "H4'"  H N N 98  
DG "H3'"  H N N 99  
DG "HO3'" H N N 100 
DG "H2'"  H N N 101 
DG "H2''" H N N 102 
DG "H1'"  H N N 103 
DG H8     H N N 104 
DG H1     H N N 105 
DG H21    H N N 106 
DG H22    H N N 107 
DT OP3    O N N 108 
DT P      P N N 109 
DT OP1    O N N 110 
DT OP2    O N N 111 
DT "O5'"  O N N 112 
DT "C5'"  C N N 113 
DT "C4'"  C N R 114 
DT "O4'"  O N N 115 
DT "C3'"  C N S 116 
DT "O3'"  O N N 117 
DT "C2'"  C N N 118 
DT "C1'"  C N R 119 
DT N1     N N N 120 
DT C2     C N N 121 
DT O2     O N N 122 
DT N3     N N N 123 
DT C4     C N N 124 
DT O4     O N N 125 
DT C5     C N N 126 
DT C7     C N N 127 
DT C6     C N N 128 
DT HOP3   H N N 129 
DT HOP2   H N N 130 
DT "H5'"  H N N 131 
DT "H5''" H N N 132 
DT "H4'"  H N N 133 
DT "H3'"  H N N 134 
DT "HO3'" H N N 135 
DT "H2'"  H N N 136 
DT "H2''" H N N 137 
DT "H1'"  H N N 138 
DT H3     H N N 139 
DT H71    H N N 140 
DT H72    H N N 141 
DT H73    H N N 142 
DT H6     H N N 143 
# 
loop_
_chem_comp_bond.comp_id 
_chem_comp_bond.atom_id_1 
_chem_comp_bond.atom_id_2 
_chem_comp_bond.value_order 
_chem_comp_bond.pdbx_aromatic_flag 
_chem_comp_bond.pdbx_stereo_config 
_chem_comp_bond.pdbx_ordinal 
DA OP3   P      sing N N 1   
DA OP3   HOP3   sing N N 2   
DA P     OP1    doub N N 3   
DA P     OP2    sing N N 4   
DA P     "O5'"  sing N N 5   
DA OP2   HOP2   sing N N 6   
DA "O5'" "C5'"  sing N N 7   
DA "C5'" "C4'"  sing N N 8   
DA "C5'" "H5'"  sing N N 9   
DA "C5'" "H5''" sing N N 10  
DA "C4'" "O4'"  sing N N 11  
DA "C4'" "C3'"  sing N N 12  
DA "C4'" "H4'"  sing N N 13  
DA "O4'" "C1'"  sing N N 14  
DA "C3'" "O3'"  sing N N 15  
DA "C3'" "C2'"  sing N N 16  
DA "C3'" "H3'"  sing N N 17  
DA "O3'" "HO3'" sing N N 18  
DA "C2'" "C1'"  sing N N 19  
DA "C2'" "H2'"  sing N N 20  
DA "C2'" "H2''" sing N N 21  
DA "C1'" N9     sing N N 22  
DA "C1'" "H1'"  sing N N 23  
DA N9    C8     sing Y N 24  
DA N9    C4     sing Y N 25  
DA C8    N7     doub Y N 26  
DA C8    H8     sing N N 27  
DA N7    C5     sing Y N 28  
DA C5    C6     sing Y N 29  
DA C5    C4     doub Y N 30  
DA C6    N6     sing N N 31  
DA C6    N1     doub Y N 32  
DA N6    H61    sing N N 33  
DA N6    H62    sing N N 34  
DA N1    C2     sing Y N 35  
DA C2    N3     doub Y N 36  
DA C2    H2     sing N N 37  
DA N3    C4     sing Y N 38  
DC OP3   P      sing N N 39  
DC OP3   HOP3   sing N N 40  
DC P     OP1    doub N N 41  
DC P     OP2    sing N N 42  
DC P     "O5'"  sing N N 43  
DC OP2   HOP2   sing N N 44  
DC "O5'" "C5'"  sing N N 45  
DC "C5'" "C4'"  sing N N 46  
DC "C5'" "H5'"  sing N N 47  
DC "C5'" "H5''" sing N N 48  
DC "C4'" "O4'"  sing N N 49  
DC "C4'" "C3'"  sing N N 50  
DC "C4'" "H4'"  sing N N 51  
DC "O4'" "C1'"  sing N N 52  
DC "C3'" "O3'"  sing N N 53  
DC "C3'" "C2'"  sing N N 54  
DC "C3'" "H3'"  sing N N 55  
DC "O3'" "HO3'" sing N N 56  
DC "C2'" "C1'"  sing N N 57  
DC "C2'" "H2'"  sing N N 58  
DC "C2'" "H2''" sing N N 59  
DC "C1'" N1     sing N N 60  
DC "C1'" "H1'"  sing N N 61  
DC N1    C2     sing N N 62  
DC N1    C6     sing N N 63  
DC C2    O2     doub N N 64  
DC C2    N3     sing N N 65  
DC N3    C4     doub N N 66  
DC C4    N4     sing N N 67  
DC C4    C5     sing N N 68  
DC N4    H41    sing N N 69  
DC N4    H42    sing N N 70  
DC C5    C6     doub N N 71  
DC C5    H5     sing N N 72  
DC C6    H6     sing N N 73  
DG OP3   P      sing N N 74  
DG OP3   HOP3   sing N N 75  
DG P     OP1    doub N N 76  
DG P     OP2    sing N N 77  
DG P     "O5'"  sing N N 78  
DG OP2   HOP2   sing N N 79  
DG "O5'" "C5'"  sing N N 80  
DG "C5'" "C4'"  sing N N 81  
DG "C5'" "H5'"  sing N N 82  
DG "C5'" "H5''" sing N N 83  
DG "C4'" "O4'"  sing N N 84  
DG "C4'" "C3'"  sing N N 85  
DG "C4'" "H4'"  sing N N 86  
DG "O4'" "C1'"  sing N N 87  
DG "C3'" "O3'"  sing N N 88  
DG "C3'" "C2'"  sing N N 89  
DG "C3'" "H3'"  sing N N 90  
DG "O3'" "HO3'" sing N N 91  
DG "C2'" "C1'"  sing N N 92  
DG "C2'" "H2'"  sing N N 93  
DG "C2'" "H2''" sing N N 94  
DG "C1'" N9     sing N N 95  
DG "C1'" "H1'"  sing N N 96  
DG N9    C8     sing Y N 97  
DG N9    C4     sing Y N 98  
DG C8    N7     doub Y N 99  
DG C8    H8     sing N N 100 
DG N7    C5     sing Y N 101 
DG C5    C6     sing N N 102 
DG C5    C4     doub Y N 103 
DG C6    O6     doub N N 104 
DG C6    N1     sing N N 105 
DG N1    C2     sing N N 106 
DG N1    H1     sing N N 107 
DG C2    N2     sing N N 108 
DG C2    N3     doub N N 109 
DG N2    H21    sing N N 110 
DG N2    H22    sing N N 111 
DG N3    C4     sing N N 112 
DT OP3   P      sing N N 113 
DT OP3   HOP3   sing N N 114 
DT P     OP1    doub N N 115 
DT P     OP2    sing N N 116 
DT P     "O5'"  sing N N 117 
DT OP2   HOP2   sing N N 118 
DT "O5'" "C5'"  sing N N 119 
DT "C5'" "C4'"  sing N N 120 
DT "C5'" "H5'"  sing N N 121 
DT "C5'" "H5''" sing N N 122 
DT "C4'" "O4'"  sing N N 123 
DT "C4'" "C3'"  sing N N 124 
DT "C4'" "H4'"  sing N N 125 
DT "O4'" "C1'"  sing N N 126 
DT "C3'" "O3'"  sing N N 127 
DT "C3'" "C2'"  sing N N 128 
DT "C3'" "H3'"  sing N N 129 
DT "O3'" "HO3'" sing N N 130 
DT "C2'" "C1'"  sing N N 131 
DT "C2'" "H2'"  sing N N 132 
DT "C2'" "H2''" sing N N 133 
DT "C1'" N1     sing N N 134 
DT "C1'" "H1'"  sing N N 135 
DT N1    C2     sing N N 136 
DT N1    C6     sing N N 137 
DT C2    O2     doub N N 138 
DT C2    N3     sing N N 139 
DT N3    C4     sing N N 140 
DT N3    H3     sing N N 141 
DT C4    O4     doub N N 142 
DT C4    C5     sing N N 143 
DT C5    C7     sing N N 144 
DT C5    C6     doub N N 145 
DT C7    H71    sing N N 146 
DT C7    H72    sing N N 147 
DT C7    H73    sing N N 148 
DT C6    H6     sing N N 149 
# 
loop_
_ndb_struct_conf_na.entry_id 
_ndb_struct_conf_na.feature 
9NK5 'double helix'         
9NK5 'b-form double helix'  
9NK5 'mismatched base pair' 
# 
loop_
_ndb_struct_na_base_pair.model_number 
_ndb_struct_na_base_pair.i_label_asym_id 
_ndb_struct_na_base_pair.i_label_comp_id 
_ndb_struct_na_base_pair.i_label_seq_id 
_ndb_struct_na_base_pair.i_symmetry 
_ndb_struct_na_base_pair.j_label_asym_id 
_ndb_struct_na_base_pair.j_label_comp_id 
_ndb_struct_na_base_pair.j_label_seq_id 
_ndb_struct_na_base_pair.j_symmetry 
_ndb_struct_na_base_pair.shear 
_ndb_struct_na_base_pair.stretch 
_ndb_struct_na_base_pair.stagger 
_ndb_struct_na_base_pair.buckle 
_ndb_struct_na_base_pair.propeller 
_ndb_struct_na_base_pair.opening 
_ndb_struct_na_base_pair.pair_number 
_ndb_struct_na_base_pair.pair_name 
_ndb_struct_na_base_pair.i_auth_asym_id 
_ndb_struct_na_base_pair.i_auth_seq_id 
_ndb_struct_na_base_pair.i_PDB_ins_code 
_ndb_struct_na_base_pair.j_auth_asym_id 
_ndb_struct_na_base_pair.j_auth_seq_id 
_ndb_struct_na_base_pair.j_PDB_ins_code 
_ndb_struct_na_base_pair.hbond_type_28 
_ndb_struct_na_base_pair.hbond_type_12 
1 A DA 3  1_555 B DT 21 1_555 0.712  -0.182 -1.040 -18.317 -26.553 3.769  1  A_DA3:DT21_B  A 3  ? B 21 ? 20 1 
1 A DT 4  1_555 B DA 20 1_555 -0.061 -0.390 -1.225 -6.691  -15.102 3.365  2  A_DT4:DA20_B  A 4  ? B 20 ? 20 1 
1 A DG 5  1_555 B DC 19 1_555 -0.158 -0.430 -1.506 -12.622 0.332   -2.891 3  A_DG5:DC19_B  A 5  ? B 19 ? 19 1 
1 A DC 6  1_555 B DG 18 1_555 0.131  -0.324 -0.903 -0.769  2.348   -2.891 4  A_DC6:DG18_B  A 6  ? B 18 ? 19 1 
1 A DG 7  1_555 B DC 17 1_555 -0.155 -0.171 -0.653 -6.015  2.000   -3.597 5  A_DG7:DC17_B  A 7  ? B 17 ? 19 1 
1 A DT 8  1_555 B DA 16 1_555 -0.165 -0.272 -0.854 2.196   4.249   -3.492 6  A_DT8:DA16_B  A 8  ? B 16 ? 20 1 
1 A DA 9  1_555 B DT 15 1_555 0.195  -0.214 -0.967 -7.319  -6.618  -3.357 7  A_DA9:DT15_B  A 9  ? B 15 ? 20 1 
1 A DG 10 1_555 B DC 14 1_555 -0.151 -0.222 -1.111 -7.215  -5.468  -0.064 8  A_DG10:DC14_B A 10 ? B 14 ? 19 1 
1 A DC 11 1_555 B DG 13 1_555 0.192  -0.143 -0.687 -0.731  -6.775  -0.185 9  A_DC11:DG13_B A 11 ? B 13 ? 19 1 
1 A DT 12 1_555 B DA 12 1_555 -0.119 -0.070 -0.517 -2.680  -9.332  -3.069 10 A_DT12:DA12_B A 12 ? B 12 ? 20 1 
1 A DG 13 1_555 B DC 11 1_555 -0.125 -0.130 -0.811 -8.482  0.705   -1.817 11 A_DG13:DC11_B A 13 ? B 11 ? 19 1 
1 A DT 14 1_555 B DA 10 1_555 -0.154 -0.202 -1.089 1.262   2.939   -9.888 12 A_DT14:DA10_B A 14 ? B 10 ? 20 1 
1 C DC 1  1_555 B DG 9  1_555 0.120  -0.293 -1.013 6.140   2.809   -2.598 13 C_DC15:DG9_B  C 15 ? B 9  ? 19 1 
1 C DC 2  1_555 B DG 8  1_555 0.166  -0.122 -0.181 1.322   0.260   -2.428 14 C_DC16:DG8_B  C 16 ? B 8  ? 19 1 
1 C DG 3  1_555 B DC 7  1_555 -0.200 -0.149 -0.390 0.831   -1.034  -0.776 15 C_DG17:DC7_B  C 17 ? B 7  ? 19 1 
1 C DT 4  1_555 B DA 6  1_555 -0.103 -0.105 -0.733 5.743   -3.323  -2.004 16 C_DT18:DA6_B  C 18 ? B 6  ? 20 1 
1 C DA 5  1_555 B DT 5  1_555 0.084  -0.024 -0.256 1.919   -3.734  -1.917 17 C_DA19:DT5_B  C 19 ? B 5  ? 20 1 
1 C DC 6  1_555 B DG 4  1_555 0.152  -0.099 -0.208 3.551   -1.026  -2.749 18 C_DC20:DG4_B  C 20 ? B 4  ? 19 1 
1 C DA 7  1_555 B DT 3  1_555 0.881  0.964  -1.316 -34.605 -12.857 -9.162 19 C_DA21:DT3_B  C 21 ? B 3  ? ?  ? 
# 
loop_
_ndb_struct_na_base_pair_step.model_number 
_ndb_struct_na_base_pair_step.i_label_asym_id_1 
_ndb_struct_na_base_pair_step.i_label_comp_id_1 
_ndb_struct_na_base_pair_step.i_label_seq_id_1 
_ndb_struct_na_base_pair_step.i_symmetry_1 
_ndb_struct_na_base_pair_step.j_label_asym_id_1 
_ndb_struct_na_base_pair_step.j_label_comp_id_1 
_ndb_struct_na_base_pair_step.j_label_seq_id_1 
_ndb_struct_na_base_pair_step.j_symmetry_1 
_ndb_struct_na_base_pair_step.i_label_asym_id_2 
_ndb_struct_na_base_pair_step.i_label_comp_id_2 
_ndb_struct_na_base_pair_step.i_label_seq_id_2 
_ndb_struct_na_base_pair_step.i_symmetry_2 
_ndb_struct_na_base_pair_step.j_label_asym_id_2 
_ndb_struct_na_base_pair_step.j_label_comp_id_2 
_ndb_struct_na_base_pair_step.j_label_seq_id_2 
_ndb_struct_na_base_pair_step.j_symmetry_2 
_ndb_struct_na_base_pair_step.shift 
_ndb_struct_na_base_pair_step.slide 
_ndb_struct_na_base_pair_step.rise 
_ndb_struct_na_base_pair_step.tilt 
_ndb_struct_na_base_pair_step.roll 
_ndb_struct_na_base_pair_step.twist 
_ndb_struct_na_base_pair_step.x_displacement 
_ndb_struct_na_base_pair_step.y_displacement 
_ndb_struct_na_base_pair_step.helical_rise 
_ndb_struct_na_base_pair_step.inclination 
_ndb_struct_na_base_pair_step.tip 
_ndb_struct_na_base_pair_step.helical_twist 
_ndb_struct_na_base_pair_step.step_number 
_ndb_struct_na_base_pair_step.step_name 
_ndb_struct_na_base_pair_step.i_auth_asym_id_1 
_ndb_struct_na_base_pair_step.i_auth_seq_id_1 
_ndb_struct_na_base_pair_step.i_PDB_ins_code_1 
_ndb_struct_na_base_pair_step.j_auth_asym_id_1 
_ndb_struct_na_base_pair_step.j_auth_seq_id_1 
_ndb_struct_na_base_pair_step.j_PDB_ins_code_1 
_ndb_struct_na_base_pair_step.i_auth_asym_id_2 
_ndb_struct_na_base_pair_step.i_auth_seq_id_2 
_ndb_struct_na_base_pair_step.i_PDB_ins_code_2 
_ndb_struct_na_base_pair_step.j_auth_asym_id_2 
_ndb_struct_na_base_pair_step.j_auth_seq_id_2 
_ndb_struct_na_base_pair_step.j_PDB_ins_code_2 
1 A DA 3  1_555 B DT 21 1_555 A DT 4  1_555 B DA 20 1_555 -0.555 1.201  2.535 -2.101 1.827  25.111 2.322  0.782  2.651 4.185  
4.813   25.262 1  AA_DA3DT4:DA20DT21_BB   A 3  ? B 21 ? A 4  ? B 20 ? 
1 A DT 4  1_555 B DA 20 1_555 A DG 5  1_555 B DC 19 1_555 -0.980 1.564  3.615 -8.942 4.509  35.444 1.760  0.126  3.903 7.229  
14.338  36.788 2  AA_DT4DG5:DC19DA20_BB   A 4  ? B 20 ? A 5  ? B 19 ? 
1 A DG 5  1_555 B DC 19 1_555 A DC 6  1_555 B DG 18 1_555 -0.701 -0.730 2.831 -5.916 0.802  30.325 -1.508 0.302  2.893 1.514  
11.173  30.894 3  AA_DG5DC6:DG18DC19_BB   A 5  ? B 19 ? A 6  ? B 18 ? 
1 A DC 6  1_555 B DG 18 1_555 A DG 7  1_555 B DC 17 1_555 0.682  -0.127 3.404 3.552  7.130  35.588 -1.239 -0.574 3.367 11.489 
-5.723  36.441 4  AA_DC6DG7:DC17DG18_BB   A 6  ? B 18 ? A 7  ? B 17 ? 
1 A DG 7  1_555 B DC 17 1_555 A DT 8  1_555 B DA 16 1_555 0.142  -0.909 2.966 2.682  0.900  28.277 -2.038 0.267  2.937 1.836  
-5.473  28.415 5  AA_DG7DT8:DA16DC17_BB   A 7  ? B 17 ? A 8  ? B 16 ? 
1 A DT 8  1_555 B DA 16 1_555 A DA 9  1_555 B DT 15 1_555 -0.117 -0.443 3.844 0.715  12.809 40.848 -2.095 0.244  3.553 17.829 
-0.996  42.732 6  AA_DT8DA9:DT15DA16_BB   A 8  ? B 16 ? A 9  ? B 15 ? 
1 A DA 9  1_555 B DT 15 1_555 A DG 10 1_555 B DC 14 1_555 0.072  0.225  3.421 -4.439 -1.309 32.871 0.623  -0.903 3.371 -2.299 
7.796   33.186 7  AA_DA9DG10:DC14DT15_BB  A 9  ? B 15 ? A 10 ? B 14 ? 
1 A DG 10 1_555 B DC 14 1_555 A DC 11 1_555 B DG 13 1_555 -0.446 -0.588 2.929 -5.291 1.528  35.548 -1.150 0.042  2.936 2.484  
8.602   35.958 8  AA_DG10DC11:DG13DC14_BB A 10 ? B 14 ? A 11 ? B 13 ? 
1 A DC 11 1_555 B DG 13 1_555 A DT 12 1_555 B DA 12 1_555 -0.087 -0.226 3.550 2.308  -0.155 37.222 -0.332 0.467  3.539 -0.243 
-3.612  37.291 9  AA_DC11DT12:DA12DG13_BB A 11 ? B 13 ? A 12 ? B 12 ? 
1 A DT 12 1_555 B DA 12 1_555 A DG 13 1_555 B DC 11 1_555 -0.117 1.489  3.670 -0.226 0.796  38.974 2.123  0.145  3.699 1.192  
0.339   38.983 10 AA_DT12DG13:DC11DA12_BB A 12 ? B 12 ? A 13 ? B 11 ? 
1 A DG 13 1_555 B DC 11 1_555 A DT 14 1_555 B DA 10 1_555 -0.418 -0.128 3.089 0.525  4.323  27.607 -1.232 0.983  3.026 8.989  
-1.091  27.942 11 AA_DG13DT14:DA10DC11_BB A 13 ? B 11 ? A 14 ? B 10 ? 
1 A DT 14 1_555 B DA 10 1_555 C DC 1  1_555 B DG 9  1_555 0.604  -0.188 3.208 0.380  5.568  42.258 -0.808 -0.794 3.165 7.683  
-0.524  42.608 12 AC_DT14DC15:DG9DA10_BB  A 14 ? B 10 ? C 15 ? B 9  ? 
1 C DC 1  1_555 B DG 9  1_555 C DC 2  1_555 B DG 8  1_555 -0.490 -0.372 3.626 -0.412 -0.204 36.777 -0.559 0.715  3.633 -0.323 
0.653   36.780 13 CC_DC15DC16:DG8DG9_BB   C 15 ? B 9  ? C 16 ? B 8  ? 
1 C DC 2  1_555 B DG 8  1_555 C DG 3  1_555 B DC 7  1_555 0.910  0.001  3.182 1.068  1.539  33.807 -0.240 -1.394 3.205 2.644  
-1.834  33.857 14 CC_DC16DG17:DC7DG8_BB   C 16 ? B 8  ? C 17 ? B 7  ? 
1 C DG 3  1_555 B DC 7  1_555 C DT 4  1_555 B DA 6  1_555 0.246  -0.601 3.045 2.605  -0.060 27.509 -1.245 0.076  3.056 -0.126 
-5.463  27.630 15 CC_DG17DT18:DA6DC7_BB   C 17 ? B 7  ? C 18 ? B 6  ? 
1 C DT 4  1_555 B DA 6  1_555 C DA 5  1_555 B DT 5  1_555 0.878  2.217  3.876 0.762  -1.578 40.743 3.386  -1.161 3.806 -2.265 
-1.094  40.779 16 CC_DT18DA19:DT5DA6_BB   C 18 ? B 6  ? C 19 ? B 5  ? 
1 C DA 5  1_555 B DT 5  1_555 C DC 6  1_555 B DG 4  1_555 0.196  -1.524 3.183 -1.250 0.795  35.048 -2.644 -0.507 3.140 1.320  
2.074   35.078 17 CC_DA19DC20:DG4DT5_BB   C 19 ? B 5  ? C 20 ? B 4  ? 
1 C DC 6  1_555 B DG 4  1_555 C DA 7  1_555 B DT 3  1_555 -0.412 -1.662 4.061 8.082  12.563 40.922 -3.660 1.467  3.301 17.290 
-11.122 43.453 18 CC_DC20DA21:DT3DG4_BB   C 20 ? B 4  ? C 21 ? B 3  ? 
# 
loop_
_pdbx_audit_support.funding_organization 
_pdbx_audit_support.country 
_pdbx_audit_support.grant_number 
_pdbx_audit_support.ordinal 
'Office of Naval Research (ONR)'                   'United States' N000141912596 1 
'Department of Energy (DOE, United States)'        'United States' DE-SC0007991  2 
'National Science Foundation (NSF, United States)' 'United States' CCF-2106790   3 
'National Science Foundation (NSF, United States)' 'United States' GCR-2317843   4 
# 
_pdbx_initial_refinement_model.id               1 
_pdbx_initial_refinement_model.entity_id_list   ? 
_pdbx_initial_refinement_model.type             'experimental model' 
_pdbx_initial_refinement_model.source_name      PDB 
_pdbx_initial_refinement_model.accession_code   8D93 
_pdbx_initial_refinement_model.details          'tensegrity triangle' 
# 
_space_group.name_H-M_alt     'R 3 :H' 
_space_group.name_Hall        'R 3' 
_space_group.IT_number        146 
_space_group.crystal_system   trigonal 
_space_group.id               1 
# 
_atom_sites.entry_id                    9NK5 
_atom_sites.Cartn_transf_matrix[1][1]   ? 
_atom_sites.Cartn_transf_matrix[1][2]   ? 
_atom_sites.Cartn_transf_matrix[1][3]   ? 
_atom_sites.Cartn_transf_matrix[2][1]   ? 
_atom_sites.Cartn_transf_matrix[2][2]   ? 
_atom_sites.Cartn_transf_matrix[2][3]   ? 
_atom_sites.Cartn_transf_matrix[3][1]   ? 
_atom_sites.Cartn_transf_matrix[3][2]   ? 
_atom_sites.Cartn_transf_matrix[3][3]   ? 
_atom_sites.Cartn_transf_vector[1]      ? 
_atom_sites.Cartn_transf_vector[2]      ? 
_atom_sites.Cartn_transf_vector[3]      ? 
_atom_sites.Cartn_transform_axes        ? 
_atom_sites.fract_transf_matrix[1][1]   0.00254227 
_atom_sites.fract_transf_matrix[1][2]   0.00503476 
_atom_sites.fract_transf_matrix[1][3]   -0.00854494 
_atom_sites.fract_transf_matrix[2][1]   0.00565036 
_atom_sites.fract_transf_matrix[2][2]   0.00851991 
_atom_sites.fract_transf_matrix[2][3]   0.00056723 
_atom_sites.fract_transf_matrix[3][1]   0.01223921 
_atom_sites.fract_transf_matrix[3][2]   -0.00804387 
_atom_sites.fract_transf_matrix[3][3]   -0.00109815 
_atom_sites.fract_transf_vector[1]      0.141349 
_atom_sites.fract_transf_vector[2]      -0.109098 
_atom_sites.fract_transf_vector[3]      -0.267321 
_atom_sites.solution_primary            ? 
_atom_sites.solution_secondary          ? 
_atom_sites.solution_hydrogens          ? 
_atom_sites.special_details             ? 
# 
loop_
_atom_type.symbol 
_atom_type.scat_dispersion_real 
_atom_type.scat_dispersion_imag 
_atom_type.scat_Cromer_Mann_a1 
_atom_type.scat_Cromer_Mann_a2 
_atom_type.scat_Cromer_Mann_a3 
_atom_type.scat_Cromer_Mann_a4 
_atom_type.scat_Cromer_Mann_b1 
_atom_type.scat_Cromer_Mann_b2 
_atom_type.scat_Cromer_Mann_b3 
_atom_type.scat_Cromer_Mann_b4 
_atom_type.scat_Cromer_Mann_c 
_atom_type.scat_source 
_atom_type.scat_dispersion_source 
C ? ? 5.96793  ? ? ? 14.89577 ? ? ? 0.0 
;1-Gaussian fit: Grosse-Kunstleve RW, Sauter NK, Adams PD: Newsletter of the IUCr Commission on Crystallographic Computing 2004, 3, 22-31.
;
? 
N ? ? 6.96715  ? ? ? 11.43723 ? ? ? 0.0 
;1-Gaussian fit: Grosse-Kunstleve RW, Sauter NK, Adams PD: Newsletter of the IUCr Commission on Crystallographic Computing 2004, 3, 22-31.
;
? 
O ? ? 7.96527  ? ? ? 9.05267  ? ? ? 0.0 
;1-Gaussian fit: Grosse-Kunstleve RW, Sauter NK, Adams PD: Newsletter of the IUCr Commission on Crystallographic Computing 2004, 3, 22-31.
;
? 
P ? ? 14.90797 ? ? ? 11.91318 ? ? ? 0.0 
;1-Gaussian fit: Grosse-Kunstleve RW, Sauter NK, Adams PD: Newsletter of the IUCr Commission on Crystallographic Computing 2004, 3, 22-31.
;
? 
# 
loop_
_atom_site.group_PDB 
_atom_site.id 
_atom_site.type_symbol 
_atom_site.label_atom_id 
_atom_site.label_alt_id 
_atom_site.label_comp_id 
_atom_site.label_asym_id 
_atom_site.label_entity_id 
_atom_site.label_seq_id 
_atom_site.pdbx_PDB_ins_code 
_atom_site.Cartn_x 
_atom_site.Cartn_y 
_atom_site.Cartn_z 
_atom_site.occupancy 
_atom_site.B_iso_or_equiv 
_atom_site.pdbx_formal_charge 
_atom_site.auth_seq_id 
_atom_site.auth_comp_id 
_atom_site.auth_asym_id 
_atom_site.auth_atom_id 
_atom_site.pdbx_PDB_model_num 
ATOM 1   O "O5'" . DG A 1 1  ? 16.91248  33.09238  7.20024   1.000 485.31073 ? 1  DG A "O5'" 1 
ATOM 2   C "C5'" . DG A 1 1  ? 15.71987  32.88366  6.44738   1.000 489.84740 ? 1  DG A "C5'" 1 
ATOM 3   C "C4'" . DG A 1 1  ? 14.49178  32.92238  7.34298   1.000 491.54750 ? 1  DG A "C4'" 1 
ATOM 4   O "O4'" . DG A 1 1  ? 13.46759  33.73869  6.71716   1.000 501.25191 ? 1  DG A "O4'" 1 
ATOM 5   C "C3'" . DG A 1 1  ? 13.85004  31.56557  7.63364   1.000 597.79912 ? 1  DG A "C3'" 1 
ATOM 6   O "O3'" . DG A 1 1  ? 13.66677  31.33610  9.08168   1.000 619.13532 ? 1  DG A "O3'" 1 
ATOM 7   C "C2'" . DG A 1 1  ? 12.54405  31.58293  6.83358   1.000 595.33724 ? 1  DG A "C2'" 1 
ATOM 8   C "C1'" . DG A 1 1  ? 12.22757  33.06906  6.76683   1.000 509.69800 ? 1  DG A "C1'" 1 
ATOM 9   N N9    . DG A 1 1  ? 11.43831  33.45086  5.60049   1.000 509.23791 ? 1  DG A N9    1 
ATOM 10  C C8    . DG A 1 1  ? 11.87133  33.55170  4.30289   1.000 527.40386 ? 1  DG A C8    1 
ATOM 11  N N7    . DG A 1 1  ? 10.93584  33.91338  3.47112   1.000 539.21399 ? 1  DG A N7    1 
ATOM 12  C C5    . DG A 1 1  ? 9.81016   34.05892  4.27091   1.000 521.88385 ? 1  DG A C5    1 
ATOM 13  C C6    . DG A 1 1  ? 8.49712   34.43585  3.92610   1.000 529.52925 ? 1  DG A C6    1 
ATOM 14  O O6    . DG A 1 1  ? 8.04859   34.72359  2.80903   1.000 535.88168 ? 1  DG A O6    1 
ATOM 15  N N1    . DG A 1 1  ? 7.65745   34.45580  5.03496   1.000 529.50626 ? 1  DG A N1    1 
ATOM 16  C C2    . DG A 1 1  ? 8.04268   34.15607  6.31605   1.000 522.94383 ? 1  DG A C2    1 
ATOM 17  N N2    . DG A 1 1  ? 7.08568   34.23421  7.25475   1.000 524.23791 ? 1  DG A N2    1 
ATOM 18  N N3    . DG A 1 1  ? 9.27461   33.81085  6.65582   1.000 515.77569 ? 1  DG A N3    1 
ATOM 19  C C4    . DG A 1 1  ? 10.10135  33.77398  5.58341   1.000 515.64258 ? 1  DG A C4    1 
ATOM 20  P P     . DA A 1 2  ? 12.74663  32.25985  10.03986  1.000 607.69285 ? 2  DA A P     1 
ATOM 21  O OP1   . DA A 1 2  ? 13.12760  33.68273  9.90011   1.000 493.59937 ? 2  DA A OP1   1 
ATOM 22  O OP2   . DA A 1 2  ? 12.81395  31.63927  11.38294  1.000 595.70201 ? 2  DA A OP2   1 
ATOM 23  O "O5'" . DA A 1 2  ? 11.24752  32.04587  9.51321   1.000 573.48556 ? 2  DA A "O5'" 1 
ATOM 24  C "C5'" . DA A 1 2  ? 10.61384  30.76927  9.61019   1.000 553.99860 ? 2  DA A "C5'" 1 
ATOM 25  C "C4'" . DA A 1 2  ? 9.15670   30.87512  9.20043   1.000 534.39301 ? 2  DA A "C4'" 1 
ATOM 26  O "O4'" . DA A 1 2  ? 9.06034   31.46903  7.87920   1.000 526.19683 ? 2  DA A "O4'" 1 
ATOM 27  C "C3'" . DA A 1 2  ? 8.40497   29.55094  9.12131   1.000 521.26196 ? 2  DA A "C3'" 1 
ATOM 28  O "O3'" . DA A 1 2  ? 7.10727   29.72857  9.66127   1.000 563.78796 ? 2  DA A "O3'" 1 
ATOM 29  C "C2'" . DA A 1 2  ? 8.36116   29.26887  7.61674   1.000 499.56600 ? 2  DA A "C2'" 1 
ATOM 30  C "C1'" . DA A 1 2  ? 8.22852   30.67575  7.06172   1.000 535.18823 ? 2  DA A "C1'" 1 
ATOM 31  N N9    . DA A 1 2  ? 8.66818   30.82435  5.66859   1.000 538.63094 ? 2  DA A N9    1 
ATOM 32  C C8    . DA A 1 2  ? 9.90792   30.54690  5.16375   1.000 527.54403 ? 2  DA A C8    1 
ATOM 33  N N7    . DA A 1 2  ? 10.02901  30.79103  3.87986   1.000 503.02802 ? 2  DA A N7    1 
ATOM 34  C C5    . DA A 1 2  ? 8.77960   31.25694  3.50959   1.000 510.96683 ? 2  DA A C5    1 
ATOM 35  C C6    . DA A 1 2  ? 8.25874   31.69300  2.27470   1.000 518.68174 ? 2  DA A C6    1 
ATOM 36  N N6    . DA A 1 2  ? 8.96959   31.71563  1.14277   1.000 519.54313 ? 2  DA A N6    1 
ATOM 37  N N1    . DA A 1 2  ? 6.97398   32.10204  2.24753   1.000 525.59415 ? 2  DA A N1    1 
ATOM 38  C C2    . DA A 1 2  ? 6.26453   32.07771  3.38258   1.000 524.81960 ? 2  DA A C2    1 
ATOM 39  N N3    . DA A 1 2  ? 6.64536   31.69888  4.60358   1.000 517.96543 ? 2  DA A N3    1 
ATOM 40  C C4    . DA A 1 2  ? 7.92741   31.29556  4.60006   1.000 511.16643 ? 2  DA A C4    1 
ATOM 41  P P     . DA A 1 3  ? 6.06030   28.51264  9.70179   1.000 539.83788 ? 3  DA A P     1 
ATOM 42  O OP1   . DA A 1 3  ? 5.23079   28.69383  10.91267  1.000 554.71423 ? 3  DA A OP1   1 
ATOM 43  O OP2   . DA A 1 3  ? 6.80417   27.24545  9.50935   1.000 486.60485 ? 3  DA A OP2   1 
ATOM 44  O "O5'" . DA A 1 3  ? 5.14507   28.75711  8.41213   1.000 547.64381 ? 3  DA A "O5'" 1 
ATOM 45  C "C5'" . DA A 1 3  ? 4.37600   29.96128  8.27795   1.000 547.75040 ? 3  DA A "C5'" 1 
ATOM 46  C "C4'" . DA A 1 3  ? 3.16478   29.74622  7.36975   1.000 541.82010 ? 3  DA A "C4'" 1 
ATOM 47  O "O4'" . DA A 1 3  ? 3.56831   29.80223  5.97780   1.000 561.25647 ? 3  DA A "O4'" 1 
ATOM 48  C "C3'" . DA A 1 3  ? 2.46724   28.40253  7.52433   1.000 532.78003 ? 3  DA A "C3'" 1 
ATOM 49  O "O3'" . DA A 1 3  ? 1.09168   28.51271  7.15420   1.000 548.30588 ? 3  DA A "O3'" 1 
ATOM 50  C "C2'" . DA A 1 3  ? 3.23698   27.51807  6.54702   1.000 500.66081 ? 3  DA A "C2'" 1 
ATOM 51  C "C1'" . DA A 1 3  ? 3.61699   28.49067  5.42695   1.000 526.13669 ? 3  DA A "C1'" 1 
ATOM 52  N N9    . DA A 1 3  ? 4.96516   28.28211  4.89705   1.000 509.32652 ? 3  DA A N9    1 
ATOM 53  C C8    . DA A 1 3  ? 6.05384   27.81668  5.58014   1.000 494.82234 ? 3  DA A C8    1 
ATOM 54  N N7    . DA A 1 3  ? 7.14880   27.75843  4.85828   1.000 492.90852 ? 3  DA A N7    1 
ATOM 55  C C5    . DA A 1 3  ? 6.75382   28.22353  3.61430   1.000 514.44581 ? 3  DA A C5    1 
ATOM 56  C C6    . DA A 1 3  ? 7.45211   28.40695  2.40174   1.000 519.89224 ? 3  DA A C6    1 
ATOM 57  N N6    . DA A 1 3  ? 8.75055   28.13045  2.24905   1.000 514.12935 ? 3  DA A N6    1 
ATOM 58  N N1    . DA A 1 3  ? 6.76129   28.88889  1.34906   1.000 526.07531 ? 3  DA A N1    1 
ATOM 59  C C2    . DA A 1 3  ? 5.46218   29.16722  1.50325   1.000 540.10184 ? 3  DA A C2    1 
ATOM 60  N N3    . DA A 1 3  ? 4.69866   29.03714  2.58857   1.000 557.08028 ? 3  DA A N3    1 
ATOM 61  C C4    . DA A 1 3  ? 5.41193   28.55618  3.62008   1.000 531.35158 ? 3  DA A C4    1 
ATOM 62  P P     . DT A 1 4  ? 0.04245   27.35001  7.53413   1.000 577.03778 ? 4  DT A P     1 
ATOM 63  O OP1   . DT A 1 4  ? -0.76912  27.86665  8.65974   1.000 515.09345 ? 4  DT A OP1   1 
ATOM 64  O OP2   . DT A 1 4  ? 0.76250   26.05976  7.65412   1.000 498.57605 ? 4  DT A OP2   1 
ATOM 65  O "O5'" . DT A 1 4  ? -0.88905  27.25320  6.23832   1.000 552.11194 ? 4  DT A "O5'" 1 
ATOM 66  C "C5'" . DT A 1 4  ? -0.66909  28.14603  5.14254   1.000 551.14157 ? 4  DT A "C5'" 1 
ATOM 67  C "C4'" . DT A 1 4  ? -0.78195  27.41640  3.81547   1.000 553.55496 ? 4  DT A "C4'" 1 
ATOM 68  O "O4'" . DT A 1 4  ? 0.52645   27.32195  3.18231   1.000 532.92183 ? 4  DT A "O4'" 1 
ATOM 69  C "C3'" . DT A 1 4  ? -1.29678  25.98458  3.90888   1.000 515.15839 ? 4  DT A "C3'" 1 
ATOM 70  O "O3'" . DT A 1 4  ? -2.07709  25.70140  2.76891   1.000 532.94588 ? 4  DT A "O3'" 1 
ATOM 71  C "C2'" . DT A 1 4  ? -0.00620  25.17647  3.90160   1.000 505.61352 ? 4  DT A "C2'" 1 
ATOM 72  C "C1'" . DT A 1 4  ? 0.80575   25.96819  2.89314   1.000 509.80246 ? 4  DT A "C1'" 1 
ATOM 73  N N1    . DT A 1 4  ? 2.26879   25.75721  3.00847   1.000 502.92393 ? 4  DT A N1    1 
ATOM 74  C C2    . DT A 1 4  ? 3.08566   26.08766  1.95113   1.000 504.65864 ? 4  DT A C2    1 
ATOM 75  O O2    . DT A 1 4  ? 2.66964   26.53541  0.89934   1.000 511.55727 ? 4  DT A O2    1 
ATOM 76  N N3    . DT A 1 4  ? 4.41950   25.86722  2.16761   1.000 498.05777 ? 4  DT A N3    1 
ATOM 77  C C4    . DT A 1 4  ? 5.00413   25.36523  3.31654   1.000 499.10132 ? 4  DT A C4    1 
ATOM 78  O O4    . DT A 1 4  ? 6.21457   25.20467  3.41912   1.000 563.49704 ? 4  DT A O4    1 
ATOM 79  C C5    . DT A 1 4  ? 4.09067   25.03995  4.38489   1.000 507.21486 ? 4  DT A C5    1 
ATOM 80  C C7    . DT A 1 4  ? 4.61139   24.48164  5.67771   1.000 570.11683 ? 4  DT A C7    1 
ATOM 81  C C6    . DT A 1 4  ? 2.78192   25.24671  4.17902   1.000 495.10551 ? 4  DT A C6    1 
ATOM 82  P P     . DG A 1 5  ? -3.32479  24.69775  2.86012   1.000 602.68438 ? 5  DG A P     1 
ATOM 83  O OP1   . DG A 1 5  ? -4.49630  25.47789  3.31734   1.000 550.38082 ? 5  DG A OP1   1 
ATOM 84  O OP2   . DG A 1 5  ? -2.88685  23.51387  3.63243   1.000 532.03357 ? 5  DG A OP2   1 
ATOM 85  O "O5'" . DG A 1 5  ? -3.56753  24.27338  1.33510   1.000 556.82556 ? 5  DG A "O5'" 1 
ATOM 86  C "C5'" . DG A 1 5  ? -3.93643  25.26697  0.37093   1.000 530.09473 ? 5  DG A "C5'" 1 
ATOM 87  C "C4'" . DG A 1 5  ? -3.25882  25.01705  -0.96803  1.000 529.51388 ? 5  DG A "C4'" 1 
ATOM 88  O "O4'" . DG A 1 5  ? -1.81683  25.14133  -0.81413  1.000 524.37330 ? 5  DG A "O4'" 1 
ATOM 89  C "C3'" . DG A 1 5  ? -3.50387  23.63081  -1.56987  1.000 531.11022 ? 5  DG A "C3'" 1 
ATOM 90  O "O3'" . DG A 1 5  ? -3.61561  23.72138  -2.98598  1.000 556.71654 ? 5  DG A "O3'" 1 
ATOM 91  C "C2'" . DG A 1 5  ? -2.25557  22.86707  -1.16158  1.000 515.44206 ? 5  DG A "C2'" 1 
ATOM 92  C "C1'" . DG A 1 5  ? -1.19055  23.94727  -1.23242  1.000 516.05268 ? 5  DG A "C1'" 1 
ATOM 93  N N9    . DG A 1 5  ? -0.07568  23.66446  -0.34618  1.000 507.92104 ? 5  DG A N9    1 
ATOM 94  C C8    . DG A 1 5  ? -0.14772  23.45243  1.00547   1.000 503.43445 ? 5  DG A C8    1 
ATOM 95  N N7    . DG A 1 5  ? 1.00213   23.18659  1.54908   1.000 496.26242 ? 5  DG A N7    1 
ATOM 96  C C5    . DG A 1 5  ? 1.89442   23.21336  0.49348   1.000 495.90375 ? 5  DG A C5    1 
ATOM 97  C C6    . DG A 1 5  ? 3.28420   22.99778  0.48130   1.000 489.70770 ? 5  DG A C6    1 
ATOM 98  O O6    . DG A 1 5  ? 4.02512   22.73034  1.43928   1.000 483.05521 ? 5  DG A O6    1 
ATOM 99  N N1    . DG A 1 5  ? 3.80496   23.09175  -0.80153  1.000 491.78470 ? 5  DG A N1    1 
ATOM 100 C C2    . DG A 1 5  ? 3.07592   23.39148  -1.93420  1.000 499.13266 ? 5  DG A C2    1 
ATOM 101 N N2    . DG A 1 5  ? 3.76555   23.45218  -3.08446  1.000 500.16675 ? 5  DG A N2    1 
ATOM 102 N N3    . DG A 1 5  ? 1.76786   23.60149  -1.93548  1.000 505.04236 ? 5  DG A N3    1 
ATOM 103 C C4    . DG A 1 5  ? 1.24458   23.50479  -0.68787  1.000 503.05158 ? 5  DG A C4    1 
ATOM 104 P P     . DC A 1 6  ? -4.02667  22.44221  -3.87671  1.000 592.69432 ? 6  DC A P     1 
ATOM 105 O OP1   . DC A 1 6  ? -5.50264  22.44364  -3.99164  1.000 556.07377 ? 6  DC A OP1   1 
ATOM 106 O OP2   . DC A 1 6  ? -3.34553  21.21774  -3.39346  1.000 513.66374 ? 6  DC A OP2   1 
ATOM 107 O "O5'" . DC A 1 6  ? -3.38856  22.79063  -5.29825  1.000 579.81022 ? 6  DC A "O5'" 1 
ATOM 108 C "C5'" . DC A 1 6  ? -2.13832  23.48217  -5.36006  1.000 552.90764 ? 6  DC A "C5'" 1 
ATOM 109 C "C4'" . DC A 1 6  ? -1.05983  22.58373  -5.93439  1.000 541.86933 ? 6  DC A "C4'" 1 
ATOM 110 O "O4'" . DC A 1 6  ? 0.03240   22.46893  -4.99392  1.000 542.12802 ? 6  DC A "O4'" 1 
ATOM 111 C "C3'" . DC A 1 6  ? -1.52077  21.16043  -6.24104  1.000 514.14511 ? 6  DC A "C3'" 1 
ATOM 112 O "O3'" . DC A 1 6  ? -1.35938  20.89073  -7.61557  1.000 515.71372 ? 6  DC A "O3'" 1 
ATOM 113 C "C2'" . DC A 1 6  ? -0.63040  20.25926  -5.37681  1.000 503.16517 ? 6  DC A "C2'" 1 
ATOM 114 C "C1'" . DC A 1 6  ? 0.53936   21.15640  -5.01531  1.000 503.27219 ? 6  DC A "C1'" 1 
ATOM 115 N N1    . DC A 1 6  ? 1.08701   20.85802  -3.67207  1.000 495.92371 ? 6  DC A N1    1 
ATOM 116 C C2    . DC A 1 6  ? 2.45221   20.59047  -3.50902  1.000 489.04663 ? 6  DC A C2    1 
ATOM 117 O O2    . DC A 1 6  ? 3.19930   20.60989  -4.49404  1.000 489.17715 ? 6  DC A O2    1 
ATOM 118 N N3    . DC A 1 6  ? 2.92014   20.32168  -2.26534  1.000 482.52686 ? 6  DC A N3    1 
ATOM 119 C C4    . DC A 1 6  ? 2.08367   20.31010  -1.22752  1.000 482.71478 ? 6  DC A C4    1 
ATOM 120 N N4    . DC A 1 6  ? 2.58611   20.04335  -0.02089  1.000 476.27110 ? 6  DC A N4    1 
ATOM 121 C C5    . DC A 1 6  ? 0.69236   20.56370  -1.38003  1.000 489.59208 ? 6  DC A C5    1 
ATOM 122 C C6    . DC A 1 6  ? 0.24398   20.83364  -2.60495  1.000 496.00139 ? 6  DC A C6    1 
ATOM 123 P P     . DG A 1 7  ? -1.80041  19.46864  -8.21228  1.000 630.17767 ? 7  DG A P     1 
ATOM 124 O OP1   . DG A 1 7  ? -2.26894  19.72223  -9.59523  1.000 631.95440 ? 7  DG A OP1   1 
ATOM 125 O OP2   . DG A 1 7  ? -2.71929  18.84582  -7.22837  1.000 569.33058 ? 7  DG A OP2   1 
ATOM 126 O "O5'" . DG A 1 7  ? -0.42808  18.63691  -8.25904  1.000 554.71315 ? 7  DG A "O5'" 1 
ATOM 127 C "C5'" . DG A 1 7  ? 0.69500   19.18011  -8.95114  1.000 520.35461 ? 7  DG A "C5'" 1 
ATOM 128 C "C4'" . DG A 1 7  ? 1.95132   18.34378  -8.74420  1.000 491.73750 ? 7  DG A "C4'" 1 
ATOM 129 O "O4'" . DG A 1 7  ? 2.36573   18.38813  -7.35563  1.000 486.72781 ? 7  DG A "O4'" 1 
ATOM 130 C "C3'" . DG A 1 7  ? 1.83545   16.86843  -9.11257  1.000 484.38322 ? 7  DG A "C3'" 1 
ATOM 131 O "O3'" . DG A 1 7  ? 2.97252   16.49643  -9.86706  1.000 480.31489 ? 7  DG A "O3'" 1 
ATOM 132 C "C2'" . DG A 1 7  ? 1.79574   16.15914  -7.75382  1.000 476.61796 ? 7  DG A "C2'" 1 
ATOM 133 C "C1'" . DG A 1 7  ? 2.64355   17.08157  -6.89404  1.000 476.78181 ? 7  DG A "C1'" 1 
ATOM 134 N N9    . DG A 1 7  ? 2.30299   17.04082  -5.47498  1.000 477.43048 ? 7  DG A N9    1 
ATOM 135 C C8    . DG A 1 7  ? 1.07016   17.29068  -4.92808  1.000 489.96287 ? 7  DG A C8    1 
ATOM 136 N N7    . DG A 1 7  ? 1.04829   17.21163  -3.62994  1.000 476.66353 ? 7  DG A N7    1 
ATOM 137 C C5    . DG A 1 7  ? 2.35351   16.89699  -3.28409  1.000 467.17895 ? 7  DG A C5    1 
ATOM 138 C C6    . DG A 1 7  ? 2.92325   16.68851  -2.00935  1.000 460.69929 ? 7  DG A C6    1 
ATOM 139 O O6    . DG A 1 7  ? 2.36264   16.74296  -0.90793  1.000 460.19590 ? 7  DG A O6    1 
ATOM 140 N N1    . DG A 1 7  ? 4.27774   16.38310  -2.09156  1.000 454.44707 ? 7  DG A N1    1 
ATOM 141 C C2    . DG A 1 7  ? 4.99399   16.29376  -3.26375  1.000 454.49774 ? 7  DG A C2    1 
ATOM 142 N N2    . DG A 1 7  ? 6.29799   15.99598  -3.13955  1.000 448.05881 ? 7  DG A N2    1 
ATOM 143 N N3    . DG A 1 7  ? 4.47182   16.49546  -4.47304  1.000 460.60279 ? 7  DG A N3    1 
ATOM 144 C C4    . DG A 1 7  ? 3.14706   16.78928  -4.40614  1.000 466.70093 ? 7  DG A C4    1 
ATOM 145 P P     . DT A 1 8  ? 3.04388   15.06180  -10.58030 1.000 537.11897 ? 8  DT A P     1 
ATOM 146 O OP1   . DT A 1 8  ? 3.80115   15.22841  -11.84224 1.000 537.40164 ? 8  DT A OP1   1 
ATOM 147 O OP2   . DT A 1 8  ? 1.67311   14.50241  -10.61068 1.000 526.05015 ? 8  DT A OP2   1 
ATOM 148 O "O5'" . DT A 1 8  ? 3.92292   14.19192  -9.56616  1.000 481.90658 ? 8  DT A "O5'" 1 
ATOM 149 C "C5'" . DT A 1 8  ? 5.16739   14.70428  -9.08848  1.000 476.03317 ? 8  DT A "C5'" 1 
ATOM 150 C "C4'" . DT A 1 8  ? 5.78427   13.77496  -8.05252  1.000 449.82814 ? 8  DT A "C4'" 1 
ATOM 151 O "O4'" . DT A 1 8  ? 5.34116   14.14045  -6.71730  1.000 450.29899 ? 8  DT A "O4'" 1 
ATOM 152 C "C3'" . DT A 1 8  ? 5.45481   12.28401  -8.22363  1.000 442.68045 ? 8  DT A "C3'" 1 
ATOM 153 O "O3'" . DT A 1 8  ? 6.66322   11.53427  -8.28256  1.000 434.50499 ? 8  DT A "O3'" 1 
ATOM 154 C "C2'" . DT A 1 8  ? 4.63465   11.94402  -6.97544  1.000 440.14983 ? 8  DT A "C2'" 1 
ATOM 155 C "C1'" . DT A 1 8  ? 5.14899   12.96047  -5.97514  1.000 454.69338 ? 8  DT A "C1'" 1 
ATOM 156 N N1    . DT A 1 8  ? 4.19066   13.22492  -4.86587  1.000 443.59972 ? 8  DT A N1    1 
ATOM 157 C C2    . DT A 1 8  ? 4.63784   13.17992  -3.56578  1.000 438.50211 ? 8  DT A C2    1 
ATOM 158 O O2    . DT A 1 8  ? 5.79911   12.95687  -3.26449  1.000 432.62709 ? 8  DT A O2    1 
ATOM 159 N N3    . DT A 1 8  ? 3.67503   13.42806  -2.62385  1.000 440.83921 ? 8  DT A N3    1 
ATOM 160 C C4    . DT A 1 8  ? 2.33580   13.69492  -2.84935  1.000 447.58111 ? 8  DT A C4    1 
ATOM 161 O O4    . DT A 1 8  ? 1.54752   13.90643  -1.93824  1.000 449.29541 ? 8  DT A O4    1 
ATOM 162 C C5    . DT A 1 8  ? 1.93326   13.71708  -4.23273  1.000 452.61555 ? 8  DT A C5    1 
ATOM 163 C C7    . DT A 1 8  ? 0.50555   13.99719  -4.59788  1.000 460.21485 ? 8  DT A C7    1 
ATOM 164 C C6    . DT A 1 8  ? 2.86657   13.47833  -5.16301  1.000 450.36930 ? 8  DT A C6    1 
ATOM 165 P P     . DA A 1 9  ? 6.67937   9.94941   -7.99271  1.000 531.97496 ? 9  DA A P     1 
ATOM 166 O OP1   . DA A 1 9  ? 7.87207   9.38711   -8.65733  1.000 513.21148 ? 9  DA A OP1   1 
ATOM 167 O OP2   . DA A 1 9  ? 5.35732   9.36930   -8.30779  1.000 527.02842 ? 9  DA A OP2   1 
ATOM 168 O "O5'" . DA A 1 9  ? 6.91749   9.84627   -6.41521  1.000 474.31448 ? 9  DA A "O5'" 1 
ATOM 169 C "C5'" . DA A 1 9  ? 8.03524   10.49666  -5.82144  1.000 475.72795 ? 9  DA A "C5'" 1 
ATOM 170 C "C4'" . DA A 1 9  ? 8.73601   9.59845   -4.80404  1.000 407.68544 ? 9  DA A "C4'" 1 
ATOM 171 O "O4'" . DA A 1 9  ? 8.09133   9.70378   -3.51258  1.000 411.80540 ? 9  DA A "O4'" 1 
ATOM 172 C "C3'" . DA A 1 9  ? 8.75136   8.11533   -5.12962  1.000 400.03058 ? 9  DA A "C3'" 1 
ATOM 173 O "O3'" . DA A 1 9  ? 9.92740   7.51516   -4.59505  1.000 391.60236 ? 9  DA A "O3'" 1 
ATOM 174 C "C2'" . DA A 1 9  ? 7.49028   7.59694   -4.44012  1.000 399.40418 ? 9  DA A "C2'" 1 
ATOM 175 C "C1'" . DA A 1 9  ? 7.31078   8.55029   -3.25816  1.000 402.46682 ? 9  DA A "C1'" 1 
ATOM 176 N N9    . DA A 1 9  ? 5.92953   8.97598   -3.08285  1.000 408.97029 ? 9  DA A N9    1 
ATOM 177 C C8    . DA A 1 9  ? 5.04322   9.29864   -4.07078  1.000 418.45806 ? 9  DA A C8    1 
ATOM 178 N N7    . DA A 1 9  ? 3.86615   9.66163   -3.62741  1.000 421.11893 ? 9  DA A N7    1 
ATOM 179 C C5    . DA A 1 9  ? 3.98900   9.57054   -2.24993  1.000 417.85859 ? 9  DA A C5    1 
ATOM 180 C C6    . DA A 1 9  ? 3.08714   9.82023   -1.20075  1.000 426.57385 ? 9  DA A C6    1 
ATOM 181 N N6    . DA A 1 9  ? 1.83429   10.22861  -1.39961  1.000 438.61651 ? 9  DA A N6    1 
ATOM 182 N N1    . DA A 1 9  ? 3.52441   9.63304   0.06462   1.000 423.50038 ? 9  DA A N1    1 
ATOM 183 C C2    . DA A 1 9  ? 4.78188   9.21888   0.25579   1.000 435.65708 ? 9  DA A C2    1 
ATOM 184 N N3    . DA A 1 9  ? 5.72192   8.95476   -0.65181  1.000 445.55558 ? 9  DA A N3    1 
ATOM 185 C C4    . DA A 1 9  ? 5.25482   9.15082   -1.89684  1.000 424.12260 ? 9  DA A C4    1 
ATOM 186 P P     . DG A 1 10 ? 10.06663  5.91417   -4.51036  1.000 461.89910 ? 10 DG A P     1 
ATOM 187 O OP1   . DG A 1 10 ? 11.50446  5.60499   -4.63086  1.000 467.40308 ? 10 DG A OP1   1 
ATOM 188 O OP2   . DG A 1 10 ? 9.13103   5.28097   -5.46497  1.000 429.60821 ? 10 DG A OP2   1 
ATOM 189 O "O5'" . DG A 1 10 ? 9.61037   5.57033   -3.01404  1.000 480.06512 ? 10 DG A "O5'" 1 
ATOM 190 C "C5'" . DG A 1 10 ? 10.36573  6.07919   -1.91248  1.000 467.64888 ? 10 DG A "C5'" 1 
ATOM 191 C "C4'" . DG A 1 10 ? 9.74332   5.69491   -0.57328  1.000 455.55703 ? 10 DG A "C4'" 1 
ATOM 192 O "O4'" . DG A 1 10 ? 8.41625   6.27347   -0.46385  1.000 393.07521 ? 10 DG A "O4'" 1 
ATOM 193 C "C3'" . DG A 1 10 ? 9.58327   4.19277   -0.31512  1.000 477.93005 ? 10 DG A "C3'" 1 
ATOM 194 O "O3'" . DG A 1 10 ? 9.94101   3.89141   1.04465   1.000 474.42503 ? 10 DG A "O3'" 1 
ATOM 195 C "C2'" . DG A 1 10 ? 8.09578   3.94755   -0.58416  1.000 458.07418 ? 10 DG A "C2'" 1 
ATOM 196 C "C1'" . DG A 1 10 ? 7.47385   5.26715   -0.14645  1.000 404.41509 ? 10 DG A "C1'" 1 
ATOM 197 N N9    . DG A 1 10 ? 6.22196   5.58797   -0.83240  1.000 388.86014 ? 10 DG A N9    1 
ATOM 198 C C8    . DG A 1 10 ? 6.02527   5.68086   -2.18723  1.000 387.94623 ? 10 DG A C8    1 
ATOM 199 N N7    . DG A 1 10 ? 4.80640   5.99825   -2.51945  1.000 394.54440 ? 10 DG A N7    1 
ATOM 200 C C5    . DG A 1 10 ? 4.14532   6.12133   -1.30485  1.000 424.08425 ? 10 DG A C5    1 
ATOM 201 C C6    . DG A 1 10 ? 2.79474   6.44850   -1.03101  1.000 460.11756 ? 10 DG A C6    1 
ATOM 202 O O6    . DG A 1 10 ? 1.88628   6.69885   -1.83807  1.000 479.39322 ? 10 DG A O6    1 
ATOM 203 N N1    . DG A 1 10 ? 2.53448   6.46627   0.34154   1.000 475.35614 ? 10 DG A N1    1 
ATOM 204 C C2    . DG A 1 10 ? 3.46776   6.20837   1.32216   1.000 469.47879 ? 10 DG A C2    1 
ATOM 205 N N2    . DG A 1 10 ? 3.02563   6.27140   2.59248   1.000 470.63631 ? 10 DG A N2    1 
ATOM 206 N N3    . DG A 1 10 ? 4.73786   5.89693   1.07703   1.000 458.92297 ? 10 DG A N3    1 
ATOM 207 C C4    . DG A 1 10 ? 5.00573   5.88018   -0.25392  1.000 424.62498 ? 10 DG A C4    1 
ATOM 208 P P     . DC A 1 11 ? 10.02268  2.37005   1.56547   1.000 467.46127 ? 11 DC A P     1 
ATOM 209 O OP1   . DC A 1 11 ? 11.27307  2.24998   2.34911   1.000 422.19796 ? 11 DC A OP1   1 
ATOM 210 O OP2   . DC A 1 11 ? 9.81198   1.46128   0.41488   1.000 368.88390 ? 11 DC A OP2   1 
ATOM 211 O "O5'" . DC A 1 11 ? 8.76757   2.24832   2.55818   1.000 458.49642 ? 11 DC A "O5'" 1 
ATOM 212 C "C5'" . DC A 1 11 ? 8.55256   3.25487   3.55932   1.000 427.36212 ? 11 DC A "C5'" 1 
ATOM 213 C "C4'" . DC A 1 11 ? 7.25730   3.01681   4.32952   1.000 412.79678 ? 11 DC A "C4'" 1 
ATOM 214 O "O4'" . DC A 1 11 ? 6.12884   3.54547   3.58119   1.000 403.31921 ? 11 DC A "O4'" 1 
ATOM 215 C "C3'" . DC A 1 11 ? 6.92288   1.55360   4.62930   1.000 425.99547 ? 11 DC A "C3'" 1 
ATOM 216 O "O3'" . DC A 1 11 ? 6.42576   1.43609   5.96238   1.000 408.37466 ? 11 DC A "O3'" 1 
ATOM 217 C "C2'" . DC A 1 11 ? 5.84667   1.22197   3.59265   1.000 420.17612 ? 11 DC A "C2'" 1 
ATOM 218 C "C1'" . DC A 1 11 ? 5.12430   2.55439   3.46289   1.000 421.61108 ? 11 DC A "C1'" 1 
ATOM 219 N N1    . DC A 1 11 ? 4.42897   2.74573   2.14316   1.000 442.74165 ? 11 DC A N1    1 
ATOM 220 C C2    . DC A 1 11 ? 3.06056   3.08034   2.09689   1.000 457.27629 ? 11 DC A C2    1 
ATOM 221 O O2    . DC A 1 11 ? 2.41819   3.19765   3.15442   1.000 469.08437 ? 11 DC A O2    1 
ATOM 222 N N3    . DC A 1 11 ? 2.46654   3.25433   0.88232   1.000 461.27026 ? 11 DC A N3    1 
ATOM 223 C C4    . DC A 1 11 ? 3.18615   3.11384   -0.23865  1.000 433.97408 ? 11 DC A C4    1 
ATOM 224 N N4    . DC A 1 11 ? 2.56876   3.29695   -1.41268  1.000 406.72050 ? 11 DC A N4    1 
ATOM 225 C C5    . DC A 1 11 ? 4.56929   2.77437   -0.20704  1.000 421.61515 ? 11 DC A C5    1 
ATOM 226 C C6    . DC A 1 11 ? 5.14376   2.60875   0.98787   1.000 431.02842 ? 11 DC A C6    1 
ATOM 227 P P     . DT A 1 12 ? 6.13742   -0.00963  6.60438   1.000 437.30499 ? 12 DT A P     1 
ATOM 228 O OP1   . DT A 1 12 ? 6.60078   0.03284   8.00997   1.000 417.35577 ? 12 DT A OP1   1 
ATOM 229 O OP2   . DT A 1 12 ? 6.67388   -1.04459  5.68891   1.000 383.91212 ? 12 DT A OP2   1 
ATOM 230 O "O5'" . DT A 1 12 ? 4.53946   -0.11719  6.58325   1.000 443.03862 ? 12 DT A "O5'" 1 
ATOM 231 C "C5'" . DT A 1 12 ? 3.73926   0.95832   7.09177   1.000 378.97816 ? 12 DT A "C5'" 1 
ATOM 232 C "C4'" . DT A 1 12 ? 2.27172   0.55171   7.19842   1.000 376.55628 ? 12 DT A "C4'" 1 
ATOM 233 O "O4'" . DT A 1 12 ? 1.59309   0.78901   5.93395   1.000 377.63182 ? 12 DT A "O4'" 1 
ATOM 234 C "C3'" . DT A 1 12 ? 2.02042   -0.91846  7.53600   1.000 421.78934 ? 12 DT A "C3'" 1 
ATOM 235 O "O3'" . DT A 1 12 ? 0.86696   -1.03085  8.34121   1.000 407.25221 ? 12 DT A "O3'" 1 
ATOM 236 C "C2'" . DT A 1 12 ? 1.79500   -1.54685  6.16500   1.000 427.09974 ? 12 DT A "C2'" 1 
ATOM 237 C "C1'" . DT A 1 12 ? 1.06233   -0.42938  5.43251   1.000 406.61554 ? 12 DT A "C1'" 1 
ATOM 238 N N1    . DT A 1 12 ? 1.26938   -0.45866  3.95379   1.000 450.80828 ? 12 DT A N1    1 
ATOM 239 C C2    . DT A 1 12 ? 0.23419   -0.10137  3.11100   1.000 444.59603 ? 12 DT A C2    1 
ATOM 240 O O2    . DT A 1 12 ? -0.86735  0.24922   3.51142   1.000 385.90780 ? 12 DT A O2    1 
ATOM 241 N N3    . DT A 1 12 ? 0.54756   -0.15836  1.77184   1.000 482.50125 ? 12 DT A N3    1 
ATOM 242 C C4    . DT A 1 12 ? 1.76383   -0.53585  1.21521   1.000 464.05991 ? 12 DT A C4    1 
ATOM 243 O O4    . DT A 1 12 ? 1.95697   -0.56016  0.00708   1.000 473.82551 ? 12 DT A O4    1 
ATOM 244 C C5    . DT A 1 12 ? 2.79321   -0.89905  2.15726   1.000 440.42406 ? 12 DT A C5    1 
ATOM 245 C C7    . DT A 1 12 ? 4.14837   -1.32055  1.66873   1.000 382.86435 ? 12 DT A C7    1 
ATOM 246 C C6    . DT A 1 12 ? 2.49941   -0.84583  3.46060   1.000 455.44689 ? 12 DT A C6    1 
ATOM 247 P P     . DG A 1 13 ? 0.58022   -2.36936  9.18491   1.000 474.12771 ? 13 DG A P     1 
ATOM 248 O OP1   . DG A 1 13 ? 0.98115   -2.09319  10.58066  1.000 482.11985 ? 13 DG A OP1   1 
ATOM 249 O OP2   . DG A 1 13 ? 1.15893   -3.54438  8.48344   1.000 352.01873 ? 13 DG A OP2   1 
ATOM 250 O "O5'" . DG A 1 13 ? -1.01441  -2.47444  9.14463   1.000 432.95314 ? 13 DG A "O5'" 1 
ATOM 251 C "C5'" . DG A 1 13 ? -1.80172  -1.28634  8.94350   1.000 353.62814 ? 13 DG A "C5'" 1 
ATOM 252 C "C4'" . DG A 1 13 ? -3.17699  -1.62301  8.38332   1.000 357.90309 ? 13 DG A "C4'" 1 
ATOM 253 O "O4'" . DG A 1 13 ? -3.13322  -1.63932  6.93408   1.000 416.19217 ? 13 DG A "O4'" 1 
ATOM 254 C "C3'" . DG A 1 13 ? -3.73407  -2.97472  8.79597   1.000 392.69079 ? 13 DG A "C3'" 1 
ATOM 255 O "O3'" . DG A 1 13 ? -5.14620  -2.89068  8.91742   1.000 371.38371 ? 13 DG A "O3'" 1 
ATOM 256 C "C2'" . DG A 1 13 ? -3.30631  -3.89997  7.64766   1.000 382.85315 ? 13 DG A "C2'" 1 
ATOM 257 C "C1'" . DG A 1 13 ? -3.30592  -2.96122  6.44006   1.000 416.03786 ? 13 DG A "C1'" 1 
ATOM 258 N N9    . DG A 1 13 ? -2.23109  -3.22266  5.47574   1.000 436.30715 ? 13 DG A N9    1 
ATOM 259 C C8    . DG A 1 13 ? -0.92520  -3.54350  5.75938   1.000 413.62583 ? 13 DG A C8    1 
ATOM 260 N N7    . DG A 1 13 ? -0.18273  -3.70079  4.69755   1.000 348.46468 ? 13 DG A N7    1 
ATOM 261 C C5    . DG A 1 13 ? -1.04262  -3.45068  3.63789   1.000 367.92358 ? 13 DG A C5    1 
ATOM 262 C C6    . DG A 1 13 ? -0.79738  -3.46924  2.24096   1.000 351.18807 ? 13 DG A C6    1 
ATOM 263 O O6    . DG A 1 13 ? 0.26724   -3.71446  1.65043   1.000 353.41634 ? 13 DG A O6    1 
ATOM 264 N N1    . DG A 1 13 ? -1.94648  -3.16225  1.51089   1.000 400.54474 ? 13 DG A N1    1 
ATOM 265 C C2    . DG A 1 13 ? -3.17413  -2.86965  2.06526   1.000 425.66413 ? 13 DG A C2    1 
ATOM 266 N N2    . DG A 1 13 ? -4.16640  -2.59296  1.20215   1.000 459.52322 ? 13 DG A N2    1 
ATOM 267 N N3    . DG A 1 13 ? -3.41642  -2.84924  3.37447   1.000 412.93610 ? 13 DG A N3    1 
ATOM 268 C C4    . DG A 1 13 ? -2.30937  -3.15017  4.09760   1.000 416.38035 ? 13 DG A C4    1 
ATOM 269 P P     . DT A 1 14 ? -5.95036  -3.99205  9.76362   1.000 458.27236 ? 14 DT A P     1 
ATOM 270 O OP1   . DT A 1 14 ? -6.94312  -3.26723  10.59334  1.000 403.38867 ? 14 DT A OP1   1 
ATOM 271 O OP2   . DT A 1 14 ? -4.95502  -4.89617  10.38839  1.000 439.55194 ? 14 DT A OP2   1 
ATOM 272 O "O5'" . DT A 1 14 ? -6.71705  -4.82907  8.64147   1.000 400.07564 ? 14 DT A "O5'" 1 
ATOM 273 C "C5'" . DT A 1 14 ? -7.38194  -4.14257  7.59401   1.000 361.71144 ? 14 DT A "C5'" 1 
ATOM 274 C "C4'" . DT A 1 14 ? -7.56417  -5.04338  6.38867   1.000 369.76039 ? 14 DT A "C4'" 1 
ATOM 275 O "O4'" . DT A 1 14 ? -6.56911  -4.74674  5.38972   1.000 359.37593 ? 14 DT A "O4'" 1 
ATOM 276 C "C3'" . DT A 1 14 ? -7.38971  -6.52231  6.66058   1.000 373.51833 ? 14 DT A "C3'" 1 
ATOM 277 O "O3'" . DT A 1 14 ? -8.60965  -7.06444  7.16073   1.000 351.63425 ? 14 DT A "O3'" 1 
ATOM 278 C "C2'" . DT A 1 14 ? -7.04913  -7.07775  5.26916   1.000 372.78017 ? 14 DT A "C2'" 1 
ATOM 279 C "C1'" . DT A 1 14 ? -6.47949  -5.85611  4.51606   1.000 380.03999 ? 14 DT A "C1'" 1 
ATOM 280 N N1    . DT A 1 14 ? -5.05070  -6.02192  4.06418   1.000 377.49723 ? 14 DT A N1    1 
ATOM 281 C C2    . DT A 1 14 ? -4.75044  -5.93299  2.71671   1.000 376.39109 ? 14 DT A C2    1 
ATOM 282 O O2    . DT A 1 14 ? -5.58742  -5.71641  1.85888   1.000 412.71825 ? 14 DT A O2    1 
ATOM 283 N N3    . DT A 1 14 ? -3.42435  -6.10360  2.41235   1.000 346.03259 ? 14 DT A N3    1 
ATOM 284 C C4    . DT A 1 14 ? -2.39619  -6.35024  3.30646   1.000 342.54402 ? 14 DT A C4    1 
ATOM 285 O O4    . DT A 1 14 ? -1.23907  -6.48688  2.94684   1.000 349.81381 ? 14 DT A O4    1 
ATOM 286 C C5    . DT A 1 14 ? -2.78168  -6.43264  4.69660   1.000 357.55744 ? 14 DT A C5    1 
ATOM 287 C C7    . DT A 1 14 ? -1.75146  -6.70166  5.75361   1.000 388.84001 ? 14 DT A C7    1 
ATOM 288 C C6    . DT A 1 14 ? -4.07200  -6.26744  5.00271   1.000 356.13067 ? 14 DT A C6    1 
ATOM 289 O "O5'" . DT B 2 1  ? -13.82158 -31.20160 -10.55220 1.000 594.61920 ? 1  DT B "O5'" 1 
ATOM 290 C "C5'" . DT B 2 1  ? -15.24167 -31.27412 -10.67329 1.000 589.12002 ? 1  DT B "C5'" 1 
ATOM 291 C "C4'" . DT B 2 1  ? -15.88617 -31.57046 -9.32877  1.000 551.91647 ? 1  DT B "C4'" 1 
ATOM 292 O "O4'" . DT B 2 1  ? -15.41713 -32.84829 -8.84645  1.000 537.82059 ? 1  DT B "O4'" 1 
ATOM 293 C "C3'" . DT B 2 1  ? -15.56860 -30.55821 -8.23901  1.000 534.55796 ? 1  DT B "C3'" 1 
ATOM 294 O "O3'" . DT B 2 1  ? -16.61630 -29.59290 -8.16794  1.000 557.51525 ? 1  DT B "O3'" 1 
ATOM 295 C "C2'" . DT B 2 1  ? -15.50055 -31.39448 -6.95935  1.000 481.19580 ? 1  DT B "C2'" 1 
ATOM 296 C "C1'" . DT B 2 1  ? -15.18975 -32.80696 -7.45222  1.000 495.35623 ? 1  DT B "C1'" 1 
ATOM 297 N N1    . DT B 2 1  ? -13.78908 -33.27285 -7.19916  1.000 451.35681 ? 1  DT B N1    1 
ATOM 298 C C2    . DT B 2 1  ? -13.52427 -34.05207 -6.09535  1.000 454.48565 ? 1  DT B C2    1 
ATOM 299 O O2    . DT B 2 1  ? -14.37074 -34.36255 -5.27594  1.000 470.96880 ? 1  DT B O2    1 
ATOM 300 N N3    . DT B 2 1  ? -12.21899 -34.44751 -5.97621  1.000 457.35114 ? 1  DT B N3    1 
ATOM 301 C C4    . DT B 2 1  ? -11.17581 -34.15902 -6.83666  1.000 475.37963 ? 1  DT B C4    1 
ATOM 302 O O4    . DT B 2 1  ? -10.03579 -34.56067 -6.63817  1.000 503.89972 ? 1  DT B O4    1 
ATOM 303 C C5    . DT B 2 1  ? -11.52421 -33.34825 -7.98211  1.000 451.91595 ? 1  DT B C5    1 
ATOM 304 C C7    . DT B 2 1  ? -10.47733 -32.96447 -8.98807  1.000 451.83109 ? 1  DT B C7    1 
ATOM 305 C C6    . DT B 2 1  ? -12.79996 -32.95708 -8.10850  1.000 451.71775 ? 1  DT B C6    1 
ATOM 306 P P     . DC B 2 2  ? -16.27799 -28.02318 -8.07828  1.000 648.95872 ? 2  DC B P     1 
ATOM 307 O OP1   . DC B 2 2  ? -17.11056 -27.33367 -9.08879  1.000 593.85686 ? 2  DC B OP1   1 
ATOM 308 O OP2   . DC B 2 2  ? -14.80629 -27.86773 -8.11103  1.000 619.23838 ? 2  DC B OP2   1 
ATOM 309 O "O5'" . DC B 2 2  ? -16.79405 -27.59727 -6.62107  1.000 568.81644 ? 2  DC B "O5'" 1 
ATOM 310 C "C5'" . DC B 2 2  ? -15.85675 -27.38375 -5.55452  1.000 540.69123 ? 2  DC B "C5'" 1 
ATOM 311 C "C4'" . DC B 2 2  ? -16.29810 -28.09377 -4.28106  1.000 490.91181 ? 2  DC B "C4'" 1 
ATOM 312 O "O4'" . DC B 2 2  ? -16.06462 -29.51591 -4.42612  1.000 447.50379 ? 2  DC B "O4'" 1 
ATOM 313 C "C3'" . DC B 2 2  ? -15.54857 -27.67843 -3.01730  1.000 433.96958 ? 2  DC B "C3'" 1 
ATOM 314 O "O3'" . DC B 2 2  ? -16.25352 -26.62599 -2.35946  1.000 473.49466 ? 2  DC B "O3'" 1 
ATOM 315 C "C2'" . DC B 2 2  ? -15.55567 -28.95320 -2.17924  1.000 422.44518 ? 2  DC B "C2'" 1 
ATOM 316 C "C1'" . DC B 2 2  ? -15.50859 -30.05026 -3.24042  1.000 431.23693 ? 2  DC B "C1'" 1 
ATOM 317 N N1    . DC B 2 2  ? -14.13012 -30.54939 -3.53959  1.000 429.92381 ? 2  DC B N1    1 
ATOM 318 C C2    . DC B 2 2  ? -13.52251 -31.46090 -2.67214  1.000 452.28094 ? 2  DC B C2    1 
ATOM 319 O O2    . DC B 2 2  ? -14.13633 -31.83515 -1.66397  1.000 451.87901 ? 2  DC B O2    1 
ATOM 320 N N3    . DC B 2 2  ? -12.27427 -31.90765 -2.95915  1.000 469.66782 ? 2  DC B N3    1 
ATOM 321 C C4    . DC B 2 2  ? -11.64698 -31.47914 -4.05738  1.000 476.04830 ? 2  DC B C4    1 
ATOM 322 N N4    . DC B 2 2  ? -10.41857 -31.94690 -4.29925  1.000 498.76348 ? 2  DC B N4    1 
ATOM 323 C C5    . DC B 2 2  ? -12.25101 -30.55319 -4.95484  1.000 438.03351 ? 2  DC B C5    1 
ATOM 324 C C6    . DC B 2 2  ? -13.47832 -30.11770 -4.65893  1.000 439.42105 ? 2  DC B C6    1 
ATOM 325 P P     . DT B 2 3  ? -15.47099 -25.57364 -1.42906  1.000 491.87226 ? 3  DT B P     1 
ATOM 326 O OP1   . DT B 2 3  ? -16.35597 -24.40355 -1.22301  1.000 447.40276 ? 3  DT B OP1   1 
ATOM 327 O OP2   . DT B 2 3  ? -14.12495 -25.38809 -2.01257  1.000 446.90794 ? 3  DT B OP2   1 
ATOM 328 O "O5'" . DT B 2 3  ? -15.28929 -26.34430 -0.04033  1.000 362.07773 ? 3  DT B "O5'" 1 
ATOM 329 C "C5'" . DT B 2 3  ? -16.42356 -26.84004 0.65746   1.000 366.92503 ? 3  DT B "C5'" 1 
ATOM 330 C "C4'" . DT B 2 3  ? -15.99369 -27.69567 1.83249   1.000 366.77849 ? 3  DT B "C4'" 1 
ATOM 331 O "O4'" . DT B 2 3  ? -15.04092 -28.69338 1.37397   1.000 362.74044 ? 3  DT B "O4'" 1 
ATOM 332 C "C3'" . DT B 2 3  ? -15.28342 -26.94026 2.95354   1.000 365.84997 ? 3  DT B "C3'" 1 
ATOM 333 O "O3'" . DT B 2 3  ? -15.53579 -27.57828 4.19870   1.000 406.57022 ? 3  DT B "O3'" 1 
ATOM 334 C "C2'" . DT B 2 3  ? -13.82338 -27.08265 2.55773   1.000 360.07532 ? 3  DT B "C2'" 1 
ATOM 335 C "C1'" . DT B 2 3  ? -13.81023 -28.51489 2.04808   1.000 359.43879 ? 3  DT B "C1'" 1 
ATOM 336 N N1    . DT B 2 3  ? -12.70146 -28.79163 1.10147   1.000 354.29496 ? 3  DT B N1    1 
ATOM 337 C C2    . DT B 2 3  ? -11.63988 -29.56441 1.51257   1.000 351.63307 ? 3  DT B C2    1 
ATOM 338 O O2    . DT B 2 3  ? -11.55577 -30.04753 2.62398   1.000 353.44238 ? 3  DT B O2    1 
ATOM 339 N N3    . DT B 2 3  ? -10.67212 -29.75241 0.57030   1.000 362.88705 ? 3  DT B N3    1 
ATOM 340 C C4    . DT B 2 3  ? -10.65848 -29.25939 -0.71651  1.000 414.08355 ? 3  DT B C4    1 
ATOM 341 O O4    . DT B 2 3  ? -9.74063  -29.48375 -1.49204  1.000 446.62731 ? 3  DT B O4    1 
ATOM 342 C C5    . DT B 2 3  ? -11.79911 -28.45619 -1.08375  1.000 421.20572 ? 3  DT B C5    1 
ATOM 343 C C7    . DT B 2 3  ? -11.89169 -27.86187 -2.45626  1.000 423.01884 ? 3  DT B C7    1 
ATOM 344 C C6    . DT B 2 3  ? -12.75416 -28.26340 -0.16684  1.000 355.58302 ? 3  DT B C6    1 
ATOM 345 P P     . DG B 2 4  ? -15.02521 -26.91799 5.57472   1.000 460.73756 ? 4  DG B P     1 
ATOM 346 O OP1   . DG B 2 4  ? -15.68512 -27.63611 6.68880   1.000 382.23901 ? 4  DG B OP1   1 
ATOM 347 O OP2   . DG B 2 4  ? -15.17621 -25.45014 5.43416   1.000 436.16748 ? 4  DG B OP2   1 
ATOM 348 O "O5'" . DG B 2 4  ? -13.45757 -27.26504 5.63784   1.000 404.01619 ? 4  DG B "O5'" 1 
ATOM 349 C "C5'" . DG B 2 4  ? -12.50841 -26.21166 5.84502   1.000 423.15082 ? 4  DG B "C5'" 1 
ATOM 350 C "C4'" . DG B 2 4  ? -11.16374 -26.73896 6.33051   1.000 357.40775 ? 4  DG B "C4'" 1 
ATOM 351 O "O4'" . DG B 2 4  ? -10.45953 -27.37177 5.22127   1.000 353.31672 ? 4  DG B "O4'" 1 
ATOM 352 C "C3'" . DG B 2 4  ? -10.20779 -25.65430 6.82386   1.000 398.41353 ? 4  DG B "C3'" 1 
ATOM 353 O "O3'" . DG B 2 4  ? -9.25377  -26.21455 7.74611   1.000 353.81426 ? 4  DG B "O3'" 1 
ATOM 354 C "C2'" . DG B 2 4  ? -9.54170  -25.23743 5.52048   1.000 391.23231 ? 4  DG B "C2'" 1 
ATOM 355 C "C1'" . DG B 2 4  ? -9.29799  -26.60984 4.91297   1.000 389.81205 ? 4  DG B "C1'" 1 
ATOM 356 N N9    . DG B 2 4  ? -9.09088  -26.60449 3.46317   1.000 360.60596 ? 4  DG B N9    1 
ATOM 357 C C8    . DG B 2 4  ? -10.06097 -26.57518 2.49029   1.000 347.20266 ? 4  DG B C8    1 
ATOM 358 N N7    . DG B 2 4  ? -9.58262  -26.59108 1.27781   1.000 367.68514 ? 4  DG B N7    1 
ATOM 359 C C5    . DG B 2 4  ? -8.20493  -26.63936 1.45188   1.000 349.48290 ? 4  DG B C5    1 
ATOM 360 C C6    . DG B 2 4  ? -7.16713  -26.67515 0.48870   1.000 387.11710 ? 4  DG B C6    1 
ATOM 361 O O6    . DG B 2 4  ? -7.27163  -26.66943 -0.74500  1.000 467.51901 ? 4  DG B O6    1 
ATOM 362 N N1    . DG B 2 4  ? -5.90822  -26.71864 1.08258   1.000 362.42149 ? 4  DG B N1    1 
ATOM 363 C C2    . DG B 2 4  ? -5.67682  -26.72320 2.43740   1.000 382.72902 ? 4  DG B C2    1 
ATOM 364 N N2    . DG B 2 4  ? -4.38843  -26.77100 2.81726   1.000 393.34247 ? 4  DG B N2    1 
ATOM 365 N N3    . DG B 2 4  ? -6.64341  -26.69338 3.35815   1.000 397.67757 ? 4  DG B N3    1 
ATOM 366 C C4    . DG B 2 4  ? -7.88117  -26.65172 2.79169   1.000 359.25178 ? 4  DG B C4    1 
ATOM 367 P P     . DT B 2 5  ? -8.45316  -25.26268 8.77071   1.000 417.27663 ? 5  DT B P     1 
ATOM 368 O OP1   . DT B 2 5  ? -8.62783  -25.83470 10.12365  1.000 356.80487 ? 5  DT B OP1   1 
ATOM 369 O OP2   . DT B 2 5  ? -8.86764  -23.86641 8.49410   1.000 356.85514 ? 5  DT B OP2   1 
ATOM 370 O "O5'" . DT B 2 5  ? -6.90770  -25.41543 8.35026   1.000 401.84454 ? 5  DT B "O5'" 1 
ATOM 371 C "C5'" . DT B 2 5  ? -6.50969  -25.19634 6.99161   1.000 415.95844 ? 5  DT B "C5'" 1 
ATOM 372 C "C4'" . DT B 2 5  ? -5.05158  -24.77830 6.88437   1.000 389.43733 ? 5  DT B "C4'" 1 
ATOM 373 O "O4'" . DT B 2 5  ? -4.63802  -24.85770 5.49411   1.000 369.39422 ? 5  DT B "O4'" 1 
ATOM 374 C "C3'" . DT B 2 5  ? -4.75726  -23.34074 7.27380   1.000 337.56926 ? 5  DT B "C3'" 1 
ATOM 375 O "O3'" . DT B 2 5  ? -3.36038  -23.19803 7.50501   1.000 333.86217 ? 5  DT B "O3'" 1 
ATOM 376 C "C2'" . DT B 2 5  ? -5.15595  -22.62214 5.99848   1.000 336.27609 ? 5  DT B "C2'" 1 
ATOM 377 C "C1'" . DT B 2 5  ? -4.52085  -23.54761 4.96421   1.000 333.00046 ? 5  DT B "C1'" 1 
ATOM 378 N N1    . DT B 2 5  ? -5.19080  -23.51742 3.64224   1.000 333.00945 ? 5  DT B N1    1 
ATOM 379 C C2    . DT B 2 5  ? -4.42995  -23.60371 2.49731   1.000 329.19200 ? 5  DT B C2    1 
ATOM 380 O O2    . DT B 2 5  ? -3.21808  -23.70687 2.50850   1.000 325.69514 ? 5  DT B O2    1 
ATOM 381 N N3    . DT B 2 5  ? -5.14523  -23.56769 1.32831   1.000 348.76786 ? 5  DT B N3    1 
ATOM 382 C C4    . DT B 2 5  ? -6.51686  -23.45393 1.19475   1.000 372.26593 ? 5  DT B C4    1 
ATOM 383 O O4    . DT B 2 5  ? -7.07100  -23.42838 0.09848   1.000 432.35386 ? 5  DT B O4    1 
ATOM 384 C C5    . DT B 2 5  ? -7.25331  -23.36798 2.43615   1.000 337.82815 ? 5  DT B C5    1 
ATOM 385 C C7    . DT B 2 5  ? -8.74662  -23.24164 2.41774   1.000 342.70056 ? 5  DT B C7    1 
ATOM 386 C C6    . DT B 2 5  ? -6.56201  -23.40257 3.58541   1.000 337.14180 ? 5  DT B C6    1 
ATOM 387 P P     . DA B 2 6  ? -2.81523  -22.54067 8.86345   1.000 469.03199 ? 6  DA B P     1 
ATOM 388 O OP1   . DA B 2 6  ? -2.72352  -23.64018 9.85160   1.000 400.41189 ? 6  DA B OP1   1 
ATOM 389 O OP2   . DA B 2 6  ? -3.64312  -21.34150 9.14379   1.000 407.69426 ? 6  DA B OP2   1 
ATOM 390 O "O5'" . DA B 2 6  ? -1.33700  -22.03665 8.48753   1.000 449.47825 ? 6  DA B "O5'" 1 
ATOM 391 C "C5'" . DA B 2 6  ? -0.36918  -22.95463 7.97484   1.000 364.15871 ? 6  DA B "C5'" 1 
ATOM 392 C "C4'" . DA B 2 6  ? 0.76184   -22.22677 7.25217   1.000 372.39467 ? 6  DA B "C4'" 1 
ATOM 393 O "O4'" . DA B 2 6  ? 0.36941   -21.92704 5.89009   1.000 401.83734 ? 6  DA B "O4'" 1 
ATOM 394 C "C3'" . DA B 2 6  ? 1.19533   -20.90017 7.85479   1.000 376.76209 ? 6  DA B "C3'" 1 
ATOM 395 O "O3'" . DA B 2 6  ? 2.59813   -20.71213 7.62881   1.000 368.28157 ? 6  DA B "O3'" 1 
ATOM 396 C "C2'" . DA B 2 6  ? 0.34073   -19.87973 7.09541   1.000 366.66822 ? 6  DA B "C2'" 1 
ATOM 397 C "C1'" . DA B 2 6  ? 0.16387   -20.53045 5.72685   1.000 376.24685 ? 6  DA B "C1'" 1 
ATOM 398 N N9    . DA B 2 6  ? -1.17294  -20.33749 5.17534   1.000 374.07393 ? 6  DA B N9    1 
ATOM 399 C C8    . DA B 2 6  ? -2.33536  -20.19341 5.88080   1.000 356.79934 ? 6  DA B C8    1 
ATOM 400 N N7    . DA B 2 6  ? -3.39790  -20.04865 5.12643   1.000 352.90389 ? 6  DA B N7    1 
ATOM 401 C C5    . DA B 2 6  ? -2.90049  -20.10506 3.83319   1.000 347.54487 ? 6  DA B C5    1 
ATOM 402 C C6    . DA B 2 6  ? -3.52499  -20.01411 2.57042   1.000 345.53830 ? 6  DA B C6    1 
ATOM 403 N N6    . DA B 2 6  ? -4.84342  -19.84352 2.41483   1.000 353.92865 ? 6  DA B N6    1 
ATOM 404 N N1    . DA B 2 6  ? -2.73843  -20.10696 1.47279   1.000 375.59200 ? 6  DA B N1    1 
ATOM 405 C C2    . DA B 2 6  ? -1.41668  -20.28108 1.63864   1.000 351.43770 ? 6  DA B C2    1 
ATOM 406 N N3    . DA B 2 6  ? -0.71835  -20.37968 2.77439   1.000 344.46680 ? 6  DA B N3    1 
ATOM 407 C C4    . DA B 2 6  ? -1.52860  -20.28441 3.84412   1.000 348.43465 ? 6  DA B C4    1 
ATOM 408 P P     . DC B 2 7  ? 3.26969   -19.25129 7.68050   1.000 419.51725 ? 7  DC B P     1 
ATOM 409 O OP1   . DC B 2 7  ? 4.69994   -19.45491 8.00295   1.000 425.53179 ? 7  DC B OP1   1 
ATOM 410 O OP2   . DC B 2 7  ? 2.46314   -18.33590 8.52400   1.000 389.04604 ? 7  DC B OP2   1 
ATOM 411 O "O5'" . DC B 2 7  ? 3.18344   -18.76114 6.16556   1.000 366.01285 ? 7  DC B "O5'" 1 
ATOM 412 C "C5'" . DC B 2 7  ? 3.80083   -19.53334 5.14661   1.000 360.92688 ? 7  DC B "C5'" 1 
ATOM 413 C "C4'" . DC B 2 7  ? 3.79586   -18.78762 3.82377   1.000 356.92616 ? 7  DC B "C4'" 1 
ATOM 414 O "O4'" . DC B 2 7  ? 2.45420   -18.78679 3.27075   1.000 353.01799 ? 7  DC B "O4'" 1 
ATOM 415 C "C3'" . DC B 2 7  ? 4.23449   -17.31693 3.89304   1.000 361.06598 ? 7  DC B "C3'" 1 
ATOM 416 O "O3'" . DC B 2 7  ? 5.14539   -17.03501 2.82930   1.000 385.54591 ? 7  DC B "O3'" 1 
ATOM 417 C "C2'" . DC B 2 7  ? 2.92228   -16.54636 3.73199   1.000 360.64622 ? 7  DC B "C2'" 1 
ATOM 418 C "C1'" . DC B 2 7  ? 2.12340   -17.48272 2.84423   1.000 370.97734 ? 7  DC B "C1'" 1 
ATOM 419 N N1    . DC B 2 7  ? 0.64655   -17.30164 2.96711   1.000 368.16850 ? 7  DC B N1    1 
ATOM 420 C C2    . DC B 2 7  ? -0.13749  -17.19454 1.81043   1.000 364.20969 ? 7  DC B C2    1 
ATOM 421 O O2    . DC B 2 7  ? 0.41117   -17.25549 0.70133   1.000 398.51386 ? 7  DC B O2    1 
ATOM 422 N N3    . DC B 2 7  ? -1.47863  -17.03235 1.94293   1.000 347.27488 ? 7  DC B N3    1 
ATOM 423 C C4    . DC B 2 7  ? -2.02616  -16.97201 3.16026   1.000 351.90961 ? 7  DC B C4    1 
ATOM 424 N N4    . DC B 2 7  ? -3.34675  -16.81089 3.24701   1.000 351.49805 ? 7  DC B N4    1 
ATOM 425 C C5    . DC B 2 7  ? -1.24299  -17.07287 4.34585   1.000 357.36687 ? 7  DC B C5    1 
ATOM 426 C C6    . DC B 2 7  ? 0.07466   -17.23383 4.20439   1.000 369.59730 ? 7  DC B C6    1 
ATOM 427 P P     . DG B 2 8  ? 5.94487   -15.63752 2.76244   1.000 482.63906 ? 8  DG B P     1 
ATOM 428 O OP1   . DG B 2 8  ? 7.38517   -15.94405 2.90323   1.000 387.98398 ? 8  DG B OP1   1 
ATOM 429 O OP2   . DG B 2 8  ? 5.32830   -14.65737 3.68281   1.000 502.21863 ? 8  DG B OP2   1 
ATOM 430 O "O5'" . DG B 2 8  ? 5.68931   -15.14263 1.26342   1.000 430.33873 ? 8  DG B "O5'" 1 
ATOM 431 C "C5'" . DG B 2 8  ? 5.92356   -16.03988 0.17813   1.000 390.05499 ? 8  DG B "C5'" 1 
ATOM 432 C "C4'" . DG B 2 8  ? 5.42526   -15.46505 -1.14023  1.000 384.37048 ? 8  DG B "C4'" 1 
ATOM 433 O "O4'" . DG B 2 8  ? 3.97563   -15.54339 -1.20808  1.000 382.88315 ? 8  DG B "O4'" 1 
ATOM 434 C "C3'" . DG B 2 8  ? 5.79157   -14.00989 -1.38998  1.000 391.18856 ? 8  DG B "C3'" 1 
ATOM 435 O "O3'" . DG B 2 8  ? 6.14566   -13.82943 -2.75150  1.000 399.29980 ? 8  DG B "O3'" 1 
ATOM 436 C "C2'" . DG B 2 8  ? 4.51613   -13.25248 -1.02941  1.000 367.21110 ? 8  DG B "C2'" 1 
ATOM 437 C "C1'" . DG B 2 8  ? 3.41438   -14.25477 -1.35463  1.000 348.70211 ? 8  DG B "C1'" 1 
ATOM 438 N N9    . DG B 2 8  ? 2.27976   -14.15371 -0.44391  1.000 350.59004 ? 8  DG B N9    1 
ATOM 439 C C8    . DG B 2 8  ? 2.32417   -14.21822 0.92731   1.000 355.50867 ? 8  DG B C8    1 
ATOM 440 N N7    . DG B 2 8  ? 1.15900   -14.09822 1.49101   1.000 356.52621 ? 8  DG B N7    1 
ATOM 441 C C5    . DG B 2 8  ? 0.28097   -13.94240 0.42794   1.000 351.87133 ? 8  DG B C5    1 
ATOM 442 C C6    . DG B 2 8  ? -1.11878  -13.77005 0.43207   1.000 367.71959 ? 8  DG B C6    1 
ATOM 443 O O6    . DG B 2 8  ? -1.87306  -13.71738 1.40936   1.000 354.54464 ? 8  DG B O6    1 
ATOM 444 N N1    . DG B 2 8  ? -1.63138  -13.64584 -0.85764  1.000 398.07638 ? 8  DG B N1    1 
ATOM 445 C C2    . DG B 2 8  ? -0.87743  -13.68945 -2.00808  1.000 399.12329 ? 8  DG B C2    1 
ATOM 446 N N2    . DG B 2 8  ? -1.54692  -13.55806 -3.16470  1.000 434.21536 ? 8  DG B N2    1 
ATOM 447 N N3    . DG B 2 8  ? 0.44329   -13.85565 -2.02439  1.000 343.88837 ? 8  DG B N3    1 
ATOM 448 C C4    . DG B 2 8  ? 0.95225   -13.97621 -0.77236  1.000 348.14407 ? 8  DG B C4    1 
ATOM 449 P P     . DG B 2 9  ? 6.47898   -12.36105 -3.31609  1.000 471.91571 ? 9  DG B P     1 
ATOM 450 O OP1   . DG B 2 9  ? 7.43208   -12.51683 -4.43453  1.000 486.17272 ? 9  DG B OP1   1 
ATOM 451 O OP2   . DG B 2 9  ? 6.84949   -11.49948 -2.17058  1.000 361.15779 ? 9  DG B OP2   1 
ATOM 452 O "O5'" . DG B 2 9  ? 5.08273   -11.85701 -3.91508  1.000 386.95248 ? 9  DG B "O5'" 1 
ATOM 453 C "C5'" . DG B 2 9  ? 4.36932   -12.68131 -4.82944  1.000 388.26745 ? 9  DG B "C5'" 1 
ATOM 454 C "C4'" . DG B 2 9  ? 3.08232   -12.01280 -5.28694  1.000 395.25382 ? 9  DG B "C4'" 1 
ATOM 455 O "O4'" . DG B 2 9  ? 2.06154   -12.15062 -4.26020  1.000 362.62750 ? 9  DG B "O4'" 1 
ATOM 456 C "C3'" . DG B 2 9  ? 3.18832   -10.51565 -5.58168  1.000 356.45910 ? 9  DG B "C3'" 1 
ATOM 457 O "O3'" . DG B 2 9  ? 2.40017   -10.19392 -6.72948  1.000 383.44980 ? 9  DG B "O3'" 1 
ATOM 458 C "C2'" . DG B 2 9  ? 2.62234   -9.88051  -4.31193  1.000 373.92362 ? 9  DG B "C2'" 1 
ATOM 459 C "C1'" . DG B 2 9  ? 1.53787   -10.87780 -3.93934  1.000 362.81445 ? 9  DG B "C1'" 1 
ATOM 460 N N9    . DG B 2 9  ? 1.18577   -10.86569 -2.52080  1.000 353.08071 ? 9  DG B N9    1 
ATOM 461 C C8    . DG B 2 9  ? 2.03461   -11.04692 -1.45659  1.000 357.29201 ? 9  DG B C8    1 
ATOM 462 N N7    . DG B 2 9  ? 1.43866   -10.99016 -0.29956  1.000 360.76178 ? 9  DG B N7    1 
ATOM 463 C C5    . DG B 2 9  ? 0.10726   -10.75719 -0.61576  1.000 358.73033 ? 9  DG B C5    1 
ATOM 464 C C6    . DG B 2 9  ? -1.01152  -10.60189 0.23014   1.000 361.06857 ? 9  DG B C6    1 
ATOM 465 O O6    . DG B 2 9  ? -1.04474  -10.64353 1.46690   1.000 365.57773 ? 9  DG B O6    1 
ATOM 466 N N1    . DG B 2 9  ? -2.18443  -10.37932 -0.49607  1.000 382.64693 ? 9  DG B N1    1 
ATOM 467 C C2    . DG B 2 9  ? -2.25860  -10.31665 -1.86905  1.000 370.83002 ? 9  DG B C2    1 
ATOM 468 N N2    . DG B 2 9  ? -3.47792  -10.09306 -2.39287  1.000 350.45145 ? 9  DG B N2    1 
ATOM 469 N N3    . DG B 2 9  ? -1.21248  -10.45995 -2.67357  1.000 370.30104 ? 9  DG B N3    1 
ATOM 470 C C4    . DG B 2 9  ? -0.06571  -10.67402 -1.97897  1.000 353.93435 ? 9  DG B C4    1 
ATOM 471 P P     . DA B 2 10 ? 2.50240   -8.74448  -7.42030  1.000 406.12461 ? 10 DA B P     1 
ATOM 472 O OP1   . DA B 2 10 ? 2.67221   -8.97021  -8.87457  1.000 406.73430 ? 10 DA B OP1   1 
ATOM 473 O OP2   . DA B 2 10 ? 3.51343   -7.94296  -6.68785  1.000 357.01791 ? 10 DA B OP2   1 
ATOM 474 O "O5'" . DA B 2 10 ? 1.06223   -8.08734  -7.14705  1.000 392.63071 ? 10 DA B "O5'" 1 
ATOM 475 C "C5'" . DA B 2 10 ? -0.13560  -8.86055  -7.31526  1.000 343.92864 ? 10 DA B "C5'" 1 
ATOM 476 C "C4'" . DA B 2 10 ? -1.36087  -7.95849  -7.39855  1.000 345.54724 ? 10 DA B "C4'" 1 
ATOM 477 O "O4'" . DA B 2 10 ? -2.05056  -7.93620  -6.12497  1.000 348.47665 ? 10 DA B "O4'" 1 
ATOM 478 C "C3'" . DA B 2 10 ? -1.07287  -6.50693  -7.73811  1.000 351.54931 ? 10 DA B "C3'" 1 
ATOM 479 O "O3'" . DA B 2 10 ? -2.13785  -5.96924  -8.50067  1.000 350.17182 ? 10 DA B "O3'" 1 
ATOM 480 C "C2'" . DA B 2 10 ? -0.96166  -5.83654  -6.36719  1.000 358.91930 ? 10 DA B "C2'" 1 
ATOM 481 C "C1'" . DA B 2 10 ? -1.88826  -6.67784  -5.48821  1.000 363.56424 ? 10 DA B "C1'" 1 
ATOM 482 N N9    . DA B 2 10 ? -1.33971  -6.92035  -4.15579  1.000 369.62400 ? 10 DA B N9    1 
ATOM 483 C C8    . DA B 2 10 ? -0.04190  -7.22619  -3.85798  1.000 374.93064 ? 10 DA B C8    1 
ATOM 484 N N7    . DA B 2 10 ? 0.18310   -7.40490  -2.58065  1.000 383.86701 ? 10 DA B N7    1 
ATOM 485 C C5    . DA B 2 10 ? -1.05187  -7.20669  -1.99085  1.000 366.87800 ? 10 DA B C5    1 
ATOM 486 C C6    . DA B 2 10 ? -1.46925  -7.25689  -0.64804  1.000 370.93885 ? 10 DA B C6    1 
ATOM 487 N N6    . DA B 2 10 ? -0.64082  -7.53701  0.35821   1.000 374.40057 ? 10 DA B N6    1 
ATOM 488 N N1    . DA B 2 10 ? -2.76762  -7.01018  -0.38048  1.000 371.50963 ? 10 DA B N1    1 
ATOM 489 C C2    . DA B 2 10 ? -3.59135  -6.73121  -1.40419  1.000 368.06340 ? 10 DA B C2    1 
ATOM 490 N N3    . DA B 2 10 ? -3.31310  -6.65754  -2.71516  1.000 363.98324 ? 10 DA B N3    1 
ATOM 491 C C4    . DA B 2 10 ? -2.01009  -6.90790  -2.94197  1.000 363.66162 ? 10 DA B C4    1 
ATOM 492 P P     . DC B 2 11 ? -2.11441  -4.42218  -8.92751  1.000 370.27972 ? 11 DC B P     1 
ATOM 493 O OP1   . DC B 2 11 ? -2.90215  -4.28435  -10.17309 1.000 431.53034 ? 11 DC B OP1   1 
ATOM 494 O OP2   . DC B 2 11 ? -0.70361  -3.96268  -8.88324  1.000 361.34019 ? 11 DC B OP2   1 
ATOM 495 O "O5'" . DC B 2 11 ? -2.92012  -3.70293  -7.74913  1.000 383.93390 ? 11 DC B "O5'" 1 
ATOM 496 C "C5'" . DC B 2 11 ? -4.18984  -4.21846  -7.32771  1.000 382.26787 ? 11 DC B "C5'" 1 
ATOM 497 C "C4'" . DC B 2 11 ? -4.85481  -3.26935  -6.34547  1.000 366.28917 ? 11 DC B "C4'" 1 
ATOM 498 O "O4'" . DC B 2 11 ? -4.44114  -3.59658  -4.98825  1.000 416.49645 ? 11 DC B "O4'" 1 
ATOM 499 C "C3'" . DC B 2 11 ? -4.50635  -1.79997  -6.54839  1.000 373.96222 ? 11 DC B "C3'" 1 
ATOM 500 O "O3'" . DC B 2 11 ? -5.63343  -0.98766  -6.25622  1.000 397.54580 ? 11 DC B "O3'" 1 
ATOM 501 C "C2'" . DC B 2 11 ? -3.37899  -1.58212  -5.54469  1.000 379.87581 ? 11 DC B "C2'" 1 
ATOM 502 C "C1'" . DC B 2 11 ? -3.81439  -2.47697  -4.39243  1.000 403.32539 ? 11 DC B "C1'" 1 
ATOM 503 N N1    . DC B 2 11 ? -2.66813  -2.95591  -3.54358  1.000 434.48520 ? 11 DC B N1    1 
ATOM 504 C C2    . DC B 2 11 ? -2.84459  -3.16108  -2.16113  1.000 457.16033 ? 11 DC B C2    1 
ATOM 505 O O2    . DC B 2 11 ? -3.95168  -2.95056  -1.64694  1.000 508.23945 ? 11 DC B O2    1 
ATOM 506 N N3    . DC B 2 11 ? -1.78820  -3.58841  -1.41951  1.000 422.79969 ? 11 DC B N3    1 
ATOM 507 C C4    . DC B 2 11 ? -0.60762  -3.80418  -2.00467  1.000 383.60667 ? 11 DC B C4    1 
ATOM 508 N N4    . DC B 2 11 ? 0.40207   -4.22751  -1.23796  1.000 385.47951 ? 11 DC B N4    1 
ATOM 509 C C5    . DC B 2 11 ? -0.40825  -3.59810  -3.40208  1.000 380.21525 ? 11 DC B C5    1 
ATOM 510 C C6    . DC B 2 11 ? -1.45129  -3.17539  -4.12361  1.000 397.63095 ? 11 DC B C6    1 
ATOM 511 P P     . DA B 2 12 ? -5.95339  0.30390   -7.15776  1.000 511.38704 ? 12 DA B P     1 
ATOM 512 O OP1   . DA B 2 12 ? -6.96668  -0.09024  -8.16178  1.000 506.21385 ? 12 DA B OP1   1 
ATOM 513 O OP2   . DA B 2 12 ? -4.66047  0.85741   -7.61199  1.000 483.58181 ? 12 DA B OP2   1 
ATOM 514 O "O5'" . DA B 2 12 ? -6.60294  1.34495   -6.12612  1.000 523.82883 ? 12 DA B "O5'" 1 
ATOM 515 C "C5'" . DA B 2 12 ? -7.88546  1.07956   -5.56077  1.000 521.07717 ? 12 DA B "C5'" 1 
ATOM 516 C "C4'" . DA B 2 12 ? -7.87041  1.23719   -4.04570  1.000 522.35647 ? 12 DA B "C4'" 1 
ATOM 517 O "O4'" . DA B 2 12 ? -6.70630  0.56667   -3.49414  1.000 490.61182 ? 12 DA B "O4'" 1 
ATOM 518 C "C3'" . DA B 2 12 ? -7.82599  2.67870   -3.53093  1.000 538.37228 ? 12 DA B "C3'" 1 
ATOM 519 O "O3'" . DA B 2 12 ? -8.74890  2.83463   -2.44515  1.000 550.15678 ? 12 DA B "O3'" 1 
ATOM 520 C "C2'" . DA B 2 12 ? -6.37430  2.84934   -3.07534  1.000 540.18441 ? 12 DA B "C2'" 1 
ATOM 521 C "C1'" . DA B 2 12 ? -6.01028  1.43798   -2.62926  1.000 506.23880 ? 12 DA B "C1'" 1 
ATOM 522 N N9    . DA B 2 12 ? -4.58165  1.13623   -2.73778  1.000 482.46861 ? 12 DA B N9    1 
ATOM 523 C C8    . DA B 2 12 ? -3.82562  1.16762   -3.87414  1.000 472.68828 ? 12 DA B C8    1 
ATOM 524 N N7    . DA B 2 12 ? -2.56843  0.84407   -3.68615  1.000 460.78203 ? 12 DA B N7    1 
ATOM 525 C C5    . DA B 2 12 ? -2.49133  0.57783   -2.33048  1.000 459.31217 ? 12 DA B C5    1 
ATOM 526 C C6    . DA B 2 12 ? -1.42149  0.18366   -1.50242  1.000 478.29513 ? 12 DA B C6    1 
ATOM 527 N N6    . DA B 2 12 ? -0.18220  -0.01832  -1.95499  1.000 517.74161 ? 12 DA B N6    1 
ATOM 528 N N1    . DA B 2 12 ? -1.67488  0.00592   -0.18851  1.000 477.86492 ? 12 DA B N1    1 
ATOM 529 C C2    . DA B 2 12 ? -2.92069  0.21180   0.25897   1.000 460.34412 ? 12 DA B C2    1 
ATOM 530 N N3    . DA B 2 12 ? -4.00867  0.58071   -0.42382  1.000 453.68115 ? 12 DA B N3    1 
ATOM 531 C C4    . DA B 2 12 ? -3.72246  0.75015   -1.72616  1.000 461.26792 ? 12 DA B C4    1 
ATOM 532 P P     . DG B 2 13 ? -9.16129  4.29625   -1.91189  1.000 571.44552 ? 13 DG B P     1 
ATOM 533 O OP1   . DG B 2 13 ? -10.62398 4.29883   -1.68577  1.000 556.12798 ? 13 DG B OP1   1 
ATOM 534 O OP2   . DG B 2 13 ? -8.55850  5.30975   -2.80715  1.000 485.83224 ? 13 DG B OP2   1 
ATOM 535 O "O5'" . DG B 2 13 ? -8.44100  4.39160   -0.48537  1.000 552.95048 ? 13 DG B "O5'" 1 
ATOM 536 C "C5'" . DG B 2 13 ? -8.57781  3.31958   0.45313   1.000 526.12111 ? 13 DG B "C5'" 1 
ATOM 537 C "C4'" . DG B 2 13 ? -7.72455  3.55365   1.69561   1.000 521.27596 ? 13 DG B "C4'" 1 
ATOM 538 O "O4'" . DG B 2 13 ? -6.35623  3.11986   1.45567   1.000 523.82768 ? 13 DG B "O4'" 1 
ATOM 539 C "C3'" . DG B 2 13 ? -7.63549  5.00280   2.16259   1.000 520.16533 ? 13 DG B "C3'" 1 
ATOM 540 O "O3'" . DG B 2 13 ? -7.69117  5.05749   3.58395   1.000 520.96477 ? 13 DG B "O3'" 1 
ATOM 541 C "C2'" . DG B 2 13 ? -6.27592  5.46259   1.62706   1.000 495.14569 ? 13 DG B "C2'" 1 
ATOM 542 C "C1'" . DG B 2 13 ? -5.45284  4.18365   1.71107   1.000 506.35393 ? 13 DG B "C1'" 1 
ATOM 543 N N9    . DG B 2 13 ? -4.37360  4.10400   0.72082   1.000 507.00901 ? 13 DG B N9    1 
ATOM 544 C C8    . DG B 2 13 ? -4.48354  4.32293   -0.63095  1.000 506.38556 ? 13 DG B C8    1 
ATOM 545 N N7    . DG B 2 13 ? -3.36473  4.16141   -1.28051  1.000 486.79345 ? 13 DG B N7    1 
ATOM 546 C C5    . DG B 2 13 ? -2.44818  3.80005   -0.30155  1.000 492.15241 ? 13 DG B C5    1 
ATOM 547 C C6    . DG B 2 13 ? -1.06764  3.49821   -0.41499  1.000 485.16784 ? 13 DG B C6    1 
ATOM 548 O O6    . DG B 2 13 ? -0.36775  3.49038   -1.44080  1.000 456.02227 ? 13 DG B O6    1 
ATOM 549 N N1    . DG B 2 13 ? -0.50236  3.18332   0.82336   1.000 500.16748 ? 13 DG B N1    1 
ATOM 550 C C2    . DG B 2 13 ? -1.19184  3.15837   2.01826   1.000 485.42407 ? 13 DG B C2    1 
ATOM 551 N N2    . DG B 2 13 ? -0.47507  2.83707   3.10927   1.000 464.02759 ? 13 DG B N2    1 
ATOM 552 N N3    . DG B 2 13 ? -2.48743  3.44504   2.13738   1.000 480.81032 ? 13 DG B N3    1 
ATOM 553 C C4    . DG B 2 13 ? -3.05017  3.75548   0.93977   1.000 493.80118 ? 13 DG B C4    1 
ATOM 554 P P     . DC B 2 14 ? -7.80736  6.47401   4.33502   1.000 490.22295 ? 14 DC B P     1 
ATOM 555 O OP1   . DC B 2 14 ? -8.55248  6.25141   5.59554   1.000 489.39360 ? 14 DC B OP1   1 
ATOM 556 O OP2   . DC B 2 14 ? -8.30311  7.46595   3.35023   1.000 464.23729 ? 14 DC B OP2   1 
ATOM 557 O "O5'" . DC B 2 14 ? -6.28638  6.83746   4.69329   1.000 502.00579 ? 14 DC B "O5'" 1 
ATOM 558 C "C5'" . DC B 2 14 ? -5.51128  5.95439   5.51583   1.000 482.24359 ? 14 DC B "C5'" 1 
ATOM 559 C "C4'" . DC B 2 14 ? -4.06708  6.43628   5.64877   1.000 501.97229 ? 14 DC B "C4'" 1 
ATOM 560 O "O4'" . DC B 2 14 ? -3.27979  5.95498   4.54053   1.000 508.02012 ? 14 DC B "O4'" 1 
ATOM 561 C "C3'" . DC B 2 14 ? -3.88081  7.94967   5.65958   1.000 528.02861 ? 14 DC B "C3'" 1 
ATOM 562 O "O3'" . DC B 2 14 ? -3.82418  8.44439   7.02441   1.000 515.91501 ? 14 DC B "O3'" 1 
ATOM 563 C "C2'" . DC B 2 14 ? -2.57132  8.19696   4.87759   1.000 534.22489 ? 14 DC B "C2'" 1 
ATOM 564 C "C1'" . DC B 2 14 ? -2.17872  6.81641   4.33258   1.000 519.76026 ? 14 DC B "C1'" 1 
ATOM 565 N N1    . DC B 2 14 ? -1.84733  6.79839   2.85832   1.000 517.12941 ? 14 DC B N1    1 
ATOM 566 C C2    . DC B 2 14 ? -0.61055  6.29353   2.41496   1.000 490.30134 ? 14 DC B C2    1 
ATOM 567 O O2    . DC B 2 14 ? 0.22566   5.90414   3.23769   1.000 510.82532 ? 14 DC B O2    1 
ATOM 568 N N3    . DC B 2 14 ? -0.34123  6.27945   1.08241   1.000 472.87357 ? 14 DC B N3    1 
ATOM 569 C C4    . DC B 2 14 ? -1.25451  6.72034   0.21532   1.000 487.93342 ? 14 DC B C4    1 
ATOM 570 N N4    . DC B 2 14 ? -0.95387  6.67469   -1.08680  1.000 489.88739 ? 14 DC B N4    1 
ATOM 571 C C5    . DC B 2 14 ? -2.51979  7.22100   0.64271   1.000 526.00017 ? 14 DC B C5    1 
ATOM 572 C C6    . DC B 2 14 ? -2.77225  7.23986   1.95646   1.000 527.72763 ? 14 DC B C6    1 
ATOM 573 P P     . DT B 2 15 ? -2.51965  8.25355   7.95600   1.000 519.00874 ? 15 DT B P     1 
ATOM 574 O OP1   . DT B 2 15 ? -1.88067  6.94573   7.70097   1.000 483.33767 ? 15 DT B OP1   1 
ATOM 575 O OP2   . DT B 2 15 ? -2.95053  8.57207   9.33374   1.000 500.67495 ? 15 DT B OP2   1 
ATOM 576 O "O5'" . DT B 2 15 ? -1.52044  9.41019   7.48441   1.000 521.92508 ? 15 DT B "O5'" 1 
ATOM 577 C "C5'" . DT B 2 15 ? -0.51236  9.87995   8.36933   1.000 508.82748 ? 15 DT B "C5'" 1 
ATOM 578 C "C4'" . DT B 2 15 ? 0.83658   9.24512   8.06457   1.000 504.27975 ? 15 DT B "C4'" 1 
ATOM 579 O "O4'" . DT B 2 15 ? 0.84785   8.72866   6.70388   1.000 495.10175 ? 15 DT B "O4'" 1 
ATOM 580 C "C3'" . DT B 2 15 ? 2.02104   10.20502  8.14594   1.000 513.24154 ? 15 DT B "C3'" 1 
ATOM 581 O "O3'" . DT B 2 15 ? 3.18292   9.51813   8.58240   1.000 511.15373 ? 15 DT B "O3'" 1 
ATOM 582 C "C2'" . DT B 2 15 ? 2.16540   10.65554  6.70319   1.000 511.24105 ? 15 DT B "C2'" 1 
ATOM 583 C "C1'" . DT B 2 15 ? 1.88686   9.35380   5.97322   1.000 498.16625 ? 15 DT B "C1'" 1 
ATOM 584 N N1    . DT B 2 15 ? 1.42603   9.56238   4.58236   1.000 493.89471 ? 15 DT B N1    1 
ATOM 585 C C2    . DT B 2 15 ? 2.21666   9.14614   3.53165   1.000 487.89477 ? 15 DT B C2    1 
ATOM 586 O O2    . DT B 2 15 ? 3.29341   8.59141   3.68056   1.000 485.77914 ? 15 DT B O2    1 
ATOM 587 N N3    . DT B 2 15 ? 1.68626   9.39520   2.28967   1.000 484.55397 ? 15 DT B N3    1 
ATOM 588 C C4    . DT B 2 15 ? 0.47822   10.01388  2.00576   1.000 486.64527 ? 15 DT B C4    1 
ATOM 589 O O4    . DT B 2 15 ? 0.08247   10.19547  0.86056   1.000 493.04155 ? 15 DT B O4    1 
ATOM 590 C C5    . DT B 2 15 ? -0.29030  10.42925  3.15388   1.000 493.07924 ? 15 DT B C5    1 
ATOM 591 C C7    . DT B 2 15 ? -1.61575  11.11061  2.96901   1.000 496.14352 ? 15 DT B C7    1 
ATOM 592 C C6    . DT B 2 15 ? 0.21703   10.18912  4.36933   1.000 496.38242 ? 15 DT B C6    1 
ATOM 593 P P     . DA B 2 16 ? 4.43590   10.34653  9.15557   1.000 531.88063 ? 16 DA B P     1 
ATOM 594 O OP1   . DA B 2 16 ? 4.72412   9.82452   10.50866  1.000 517.61989 ? 16 DA B OP1   1 
ATOM 595 O OP2   . DA B 2 16 ? 4.14160   11.78761  8.97072   1.000 473.66021 ? 16 DA B OP2   1 
ATOM 596 O "O5'" . DA B 2 16 ? 5.65085   9.94550   8.18950   1.000 479.98415 ? 16 DA B "O5'" 1 
ATOM 597 C "C5'" . DA B 2 16 ? 5.58811   10.24724  6.79978   1.000 477.59688 ? 16 DA B "C5'" 1 
ATOM 598 C "C4'" . DA B 2 16 ? 6.94171   10.68339  6.26825   1.000 472.53736 ? 16 DA B "C4'" 1 
ATOM 599 O "O4'" . DA B 2 16 ? 6.85199   10.84921  4.83708   1.000 471.38862 ? 16 DA B "O4'" 1 
ATOM 600 C "C3'" . DA B 2 16 ? 7.43191   12.02786  6.78216   1.000 479.89671 ? 16 DA B "C3'" 1 
ATOM 601 O "O3'" . DA B 2 16 ? 8.85541   12.10668  6.67581   1.000 479.81624 ? 16 DA B "O3'" 1 
ATOM 602 C "C2'" . DA B 2 16 ? 6.74383   13.00509  5.83709   1.000 460.48799 ? 16 DA B "C2'" 1 
ATOM 603 C "C1'" . DA B 2 16 ? 6.67891   12.22005  4.52554   1.000 464.27027 ? 16 DA B "C1'" 1 
ATOM 604 N N9    . DA B 2 16 ? 5.40781   12.38700  3.83871   1.000 465.24757 ? 16 DA B N9    1 
ATOM 605 C C8    . DA B 2 16 ? 4.18131   12.55831  4.41583   1.000 466.62168 ? 16 DA B C8    1 
ATOM 606 N N7    . DA B 2 16 ? 3.20684   12.69933  3.55308   1.000 467.30010 ? 16 DA B N7    1 
ATOM 607 C C5    . DA B 2 16 ? 3.83877   12.61782  2.32420   1.000 466.25317 ? 16 DA B C5    1 
ATOM 608 C C6    . DA B 2 16 ? 3.35607   12.69321  1.00692   1.000 466.41554 ? 16 DA B C6    1 
ATOM 609 N N6    . DA B 2 16 ? 2.06532   12.87358  0.70969   1.000 467.53267 ? 16 DA B N6    1 
ATOM 610 N N1    . DA B 2 16 ? 4.25336   12.57676  0.00371   1.000 465.66766 ? 16 DA B N1    1 
ATOM 611 C C2    . DA B 2 16 ? 5.54507   12.39661  0.30985   1.000 464.85712 ? 16 DA B C2    1 
ATOM 612 N N3    . DA B 2 16 ? 6.11581   12.30965  1.51025   1.000 464.43494 ? 16 DA B N3    1 
ATOM 613 C C4    . DA B 2 16 ? 5.19710   12.42384  2.48258   1.000 465.15261 ? 16 DA B C4    1 
ATOM 614 P P     . DC B 2 17 ? 9.62063   13.51520  6.83468   1.000 480.44467 ? 17 DC B P     1 
ATOM 615 O OP1   . DC B 2 17 ? 10.96827  13.20384  7.35941   1.000 492.91923 ? 17 DC B OP1   1 
ATOM 616 O OP2   . DC B 2 17 ? 8.76220   14.46374  7.57922   1.000 450.78450 ? 17 DC B OP2   1 
ATOM 617 O "O5'" . DC B 2 17 ? 9.77975   14.04001  5.32844   1.000 450.98907 ? 17 DC B "O5'" 1 
ATOM 618 C "C5'" . DC B 2 17 ? 10.52793  13.26753  4.39087   1.000 457.09062 ? 17 DC B "C5'" 1 
ATOM 619 C "C4'" . DC B 2 17 ? 10.56048  13.92435  3.01705   1.000 451.03735 ? 17 DC B "C4'" 1 
ATOM 620 O "O4'" . DC B 2 17 ? 9.24856   13.85608  2.39725   1.000 471.47012 ? 17 DC B "O4'" 1 
ATOM 621 C "C3'" . DC B 2 17 ? 10.97342  15.40083  2.99803   1.000 443.80702 ? 17 DC B "C3'" 1 
ATOM 622 O "O3'" . DC B 2 17 ? 12.02045  15.59171  2.04888   1.000 442.55514 ? 17 DC B "O3'" 1 
ATOM 623 C "C2'" . DC B 2 17 ? 9.69017   16.12992  2.58427   1.000 441.87992 ? 17 DC B "C2'" 1 
ATOM 624 C "C1'" . DC B 2 17 ? 8.98200   15.07755  1.74880   1.000 462.23627 ? 17 DC B "C1'" 1 
ATOM 625 N N1    . DC B 2 17 ? 7.50130   15.26947  1.69148   1.000 463.43173 ? 17 DC B N1    1 
ATOM 626 C C2    . DC B 2 17 ? 6.84136   15.35759  0.45092   1.000 455.45975 ? 17 DC B C2    1 
ATOM 627 O O2    . DC B 2 17 ? 7.49577   15.27537  -0.59886  1.000 452.43884 ? 17 DC B O2    1 
ATOM 628 N N3    . DC B 2 17 ? 5.49467   15.53358  0.43891   1.000 449.56592 ? 17 DC B N3    1 
ATOM 629 C C4    . DC B 2 17 ? 4.82342   15.61861  1.59037   1.000 450.04715 ? 17 DC B C4    1 
ATOM 630 N N4    . DC B 2 17 ? 3.50063   15.78567  1.53422   1.000 451.24631 ? 17 DC B N4    1 
ATOM 631 C C5    . DC B 2 17 ? 5.47761   15.53648  2.85295   1.000 449.61497 ? 17 DC B C5    1 
ATOM 632 C C6    . DC B 2 17 ? 6.79962   15.36061  2.85588   1.000 448.58085 ? 17 DC B C6    1 
ATOM 633 P P     . DG B 2 18 ? 12.69990  17.03568  1.83635   1.000 489.11889 ? 18 DG B P     1 
ATOM 634 O OP1   . DG B 2 18 ? 14.16037  16.83917  1.96246   1.000 457.44349 ? 18 DG B OP1   1 
ATOM 635 O OP2   . DG B 2 18 ? 12.02486  18.05589  2.67248   1.000 436.94243 ? 18 DG B OP2   1 
ATOM 636 O "O5'" . DG B 2 18 ? 12.37912  17.37691  0.30857   1.000 475.06587 ? 18 DG B "O5'" 1 
ATOM 637 C "C5'" . DG B 2 18 ? 12.92134  16.56236  -0.73129  1.000 470.66931 ? 18 DG B "C5'" 1 
ATOM 638 C "C4'" . DG B 2 18 ? 12.47084  17.03670  -2.10710  1.000 475.70763 ? 18 DG B "C4'" 1 
ATOM 639 O "O4'" . DG B 2 18 ? 11.02768  16.95352  -2.21622  1.000 472.69336 ? 18 DG B "O4'" 1 
ATOM 640 C "C3'" . DG B 2 18 ? 12.81075  18.47662  -2.45760  1.000 433.80391 ? 18 DG B "C3'" 1 
ATOM 641 O "O3'" . DG B 2 18 ? 12.92744  18.57860  -3.87146  1.000 456.48467 ? 18 DG B "O3'" 1 
ATOM 642 C "C2'" . DG B 2 18 ? 11.58250  19.22363  -1.94054  1.000 430.74059 ? 18 DG B "C2'" 1 
ATOM 643 C "C1'" . DG B 2 18 ? 10.47718  18.25409  -2.33174  1.000 435.18735 ? 18 DG B "C1'" 1 
ATOM 644 N N9    . DG B 2 18 ? 9.29772   18.30403  -1.48448  1.000 434.96974 ? 18 DG B N9    1 
ATOM 645 C C8    . DG B 2 18 ? 9.23649   18.04339  -0.13897  1.000 435.28955 ? 18 DG B C8    1 
ATOM 646 N N7    . DG B 2 18 ? 8.03440   18.13012  0.35120   1.000 435.73891 ? 18 DG B N7    1 
ATOM 647 C C5    . DG B 2 18 ? 7.24630   18.44835  -0.74329  1.000 435.57628 ? 18 DG B C5    1 
ATOM 648 C C6    . DG B 2 18 ? 5.85764   18.66826  -0.82286  1.000 436.08431 ? 18 DG B C6    1 
ATOM 649 O O6    . DG B 2 18 ? 5.02463   18.61987  0.08696   1.000 437.05958 ? 18 DG B O6    1 
ATOM 650 N N1    . DG B 2 18 ? 5.45966   18.98387  -2.11793  1.000 435.64782 ? 18 DG B N1    1 
ATOM 651 C C2    . DG B 2 18 ? 6.29913   19.05903  -3.20170  1.000 435.11269 ? 18 DG B C2    1 
ATOM 652 N N2    . DG B 2 18 ? 5.72328   19.36477  -4.37283  1.000 438.44202 ? 18 DG B N2    1 
ATOM 653 N N3    . DG B 2 18 ? 7.60791   18.85247  -3.14101  1.000 434.94877 ? 18 DG B N3    1 
ATOM 654 C C4    . DG B 2 18 ? 8.00929   18.55422  -1.88206  1.000 435.07552 ? 18 DG B C4    1 
ATOM 655 P P     . DC B 2 19 ? 13.49197  19.91152  -4.56496  1.000 489.79073 ? 19 DC B P     1 
ATOM 656 O OP1   . DC B 2 19 ? 14.69592  19.52069  -5.33277  1.000 507.38549 ? 19 DC B OP1   1 
ATOM 657 O OP2   . DC B 2 19 ? 13.59098  20.97179  -3.53750  1.000 468.30113 ? 19 DC B OP2   1 
ATOM 658 O "O5'" . DC B 2 19 ? 12.33637  20.31170  -5.59986  1.000 434.69579 ? 19 DC B "O5'" 1 
ATOM 659 C "C5'" . DC B 2 19 ? 10.96762  20.02352  -5.29350  1.000 431.36786 ? 19 DC B "C5'" 1 
ATOM 660 C "C4'" . DC B 2 19 ? 10.12175  21.28124  -5.37005  1.000 434.80002 ? 19 DC B "C4'" 1 
ATOM 661 O "O4'" . DC B 2 19 ? 9.00262   21.19714  -4.44241  1.000 426.78668 ? 19 DC B "O4'" 1 
ATOM 662 C "C3'" . DC B 2 19 ? 10.85749  22.57333  -5.01117  1.000 432.50942 ? 19 DC B "C3'" 1 
ATOM 663 O "O3'" . DC B 2 19 ? 10.35477  23.65247  -5.79590  1.000 458.43701 ? 19 DC B "O3'" 1 
ATOM 664 C "C2'" . DC B 2 19 ? 10.45597  22.75604  -3.55139  1.000 436.33681 ? 19 DC B "C2'" 1 
ATOM 665 C "C1'" . DC B 2 19 ? 8.99411   22.36395  -3.65225  1.000 422.32301 ? 19 DC B "C1'" 1 
ATOM 666 N N1    . DC B 2 19 ? 8.33978   22.05714  -2.35664  1.000 422.68824 ? 19 DC B N1    1 
ATOM 667 C C2    . DC B 2 19 ? 6.94595   21.95923  -2.30137  1.000 423.89266 ? 19 DC B C2    1 
ATOM 668 O O2    . DC B 2 19 ? 6.27614   22.14902  -3.32525  1.000 424.28983 ? 19 DC B O2    1 
ATOM 669 N N3    . DC B 2 19 ? 6.35234   21.69044  -1.11885  1.000 424.79070 ? 19 DC B N3    1 
ATOM 670 C C4    . DC B 2 19 ? 7.09771   21.49512  -0.02775  1.000 424.43406 ? 19 DC B C4    1 
ATOM 671 N N4    . DC B 2 19 ? 6.45917   21.22388  1.11261   1.000 425.79245 ? 19 DC B N4    1 
ATOM 672 C C5    . DC B 2 19 ? 8.52186   21.58491  -0.06027  1.000 422.93360 ? 19 DC B C5    1 
ATOM 673 C C6    . DC B 2 19 ? 9.09645   21.86606  -1.23661  1.000 430.77796 ? 19 DC B C6    1 
ATOM 674 P P     . DA B 2 20 ? 10.55945  23.73248  -7.39247  1.000 485.54052 ? 20 DA B P     1 
ATOM 675 O OP1   . DA B 2 20 ? 10.69112  22.39444  -8.01216  1.000 525.89674 ? 20 DA B OP1   1 
ATOM 676 O OP2   . DA B 2 20 ? 11.63392  24.72097  -7.62587  1.000 454.08351 ? 20 DA B OP2   1 
ATOM 677 O "O5'" . DA B 2 20 ? 9.18108   24.38312  -7.87687  1.000 420.72466 ? 20 DA B "O5'" 1 
ATOM 678 C "C5'" . DA B 2 20 ? 8.01649   24.25934  -7.05223  1.000 420.18090 ? 20 DA B "C5'" 1 
ATOM 679 C "C4'" . DA B 2 20 ? 7.42050   25.62428  -6.74888  1.000 425.42955 ? 20 DA B "C4'" 1 
ATOM 680 O "O4'" . DA B 2 20 ? 7.07433   25.71289  -5.33667  1.000 432.38591 ? 20 DA B "O4'" 1 
ATOM 681 C "C3'" . DA B 2 20 ? 8.35078   26.80527  -7.02355  1.000 461.62632 ? 20 DA B "C3'" 1 
ATOM 682 O "O3'" . DA B 2 20 ? 7.60130   27.92714  -7.47978  1.000 458.33908 ? 20 DA B "O3'" 1 
ATOM 683 C "C2'" . DA B 2 20 ? 8.94607   27.07360  -5.64486  1.000 481.93923 ? 20 DA B "C2'" 1 
ATOM 684 C "C1'" . DA B 2 20 ? 7.73467   26.82458  -4.75993  1.000 444.32107 ? 20 DA B "C1'" 1 
ATOM 685 N N9    . DA B 2 20 ? 8.06973   26.49622  -3.37582  1.000 439.75818 ? 20 DA B N9    1 
ATOM 686 C C8    . DA B 2 20 ? 9.29977   26.56464  -2.77985  1.000 464.04211 ? 20 DA B C8    1 
ATOM 687 N N7    . DA B 2 20 ? 9.29686   26.20055  -1.51824  1.000 438.77985 ? 20 DA B N7    1 
ATOM 688 C C5    . DA B 2 20 ? 7.97418   25.87444  -1.27178  1.000 411.66866 ? 20 DA B C5    1 
ATOM 689 C C6    . DA B 2 20 ? 7.30967   25.41353  -0.11985  1.000 412.88976 ? 20 DA B C6    1 
ATOM 690 N N6    . DA B 2 20 ? 7.92794   25.19572  1.04315   1.000 455.64848 ? 20 DA B N6    1 
ATOM 691 N N1    . DA B 2 20 ? 5.98245   25.18974  -0.21179  1.000 414.68770 ? 20 DA B N1    1 
ATOM 692 C C2    . DA B 2 20 ? 5.37764   25.42102  -1.38165  1.000 414.90324 ? 20 DA B C2    1 
ATOM 693 N N3    . DA B 2 20 ? 5.89316   25.83651  -2.53038  1.000 413.77711 ? 20 DA B N3    1 
ATOM 694 C C4    . DA B 2 20 ? 7.20671   26.05134  -2.40600  1.000 412.27354 ? 20 DA B C4    1 
ATOM 695 P P     . DT B 2 21 ? 7.01112   27.98534  -8.97500  1.000 509.91100 ? 21 DT B P     1 
ATOM 696 O OP1   . DT B 2 21 ? 7.17123   26.66326  -9.62724  1.000 435.67918 ? 21 DT B OP1   1 
ATOM 697 O OP2   . DT B 2 21 ? 7.57250   29.19845  -9.61622  1.000 495.31173 ? 21 DT B OP2   1 
ATOM 698 O "O5'" . DT B 2 21 ? 5.45459   28.27373  -8.73477  1.000 477.44405 ? 21 DT B "O5'" 1 
ATOM 699 C "C5'" . DT B 2 21 ? 4.85515   27.97044  -7.46524  1.000 440.83250 ? 21 DT B "C5'" 1 
ATOM 700 C "C4'" . DT B 2 21 ? 4.74605   29.21403  -6.59634  1.000 444.57113 ? 21 DT B "C4'" 1 
ATOM 701 O "O4'" . DT B 2 21 ? 5.27734   28.94089  -5.27547  1.000 448.08192 ? 21 DT B "O4'" 1 
ATOM 702 C "C3'" . DT B 2 21 ? 5.51303   30.44399  -7.11074  1.000 451.27226 ? 21 DT B "C3'" 1 
ATOM 703 O "O3'" . DT B 2 21 ? 4.60798   31.51724  -7.36801  1.000 442.24515 ? 21 DT B "O3'" 1 
ATOM 704 C "C2'" . DT B 2 21 ? 6.49084   30.77964  -5.97129  1.000 489.96139 ? 21 DT B "C2'" 1 
ATOM 705 C "C1'" . DT B 2 21 ? 5.80192   30.14146  -4.77796  1.000 497.50975 ? 21 DT B "C1'" 1 
ATOM 706 N N1    . DT B 2 21 ? 6.71422   29.85830  -3.61194  1.000 515.68814 ? 21 DT B N1    1 
ATOM 707 C C2    . DT B 2 21 ? 6.22872   29.16029  -2.53117  1.000 485.65877 ? 21 DT B C2    1 
ATOM 708 O O2    . DT B 2 21 ? 5.09019   28.73100  -2.46893  1.000 456.79863 ? 21 DT B O2    1 
ATOM 709 N N3    . DT B 2 21 ? 7.13490   28.97028  -1.51906  1.000 494.90229 ? 21 DT B N3    1 
ATOM 710 C C4    . DT B 2 21 ? 8.44955   29.40481  -1.47598  1.000 500.49545 ? 21 DT B C4    1 
ATOM 711 O O4    . DT B 2 21 ? 9.18393   29.18190  -0.51939  1.000 497.85349 ? 21 DT B O4    1 
ATOM 712 C C5    . DT B 2 21 ? 8.89545   30.13892  -2.63431  1.000 508.09474 ? 21 DT B C5    1 
ATOM 713 C C7    . DT B 2 21 ? 10.30457  30.66117  -2.70096  1.000 482.30909 ? 21 DT B C7    1 
ATOM 714 C C6    . DT B 2 21 ? 8.01534   30.33221  -3.63390  1.000 524.39598 ? 21 DT B C6    1 
ATOM 715 P P     . DC C 3 1  ? -11.04463 -10.42625 4.51061   1.000 347.76998 ? 15 DC C P     1 
ATOM 716 O OP1   . DC C 3 1  ? -12.06626 -10.17718 5.55108   1.000 346.43480 ? 15 DC C OP1   1 
ATOM 717 O OP2   . DC C 3 1  ? -10.86144 -11.77337 3.92213   1.000 347.16870 ? 15 DC C OP2   1 
ATOM 718 O "O5'" . DC C 3 1  ? -11.30199 -9.41529  3.30603   1.000 348.04208 ? 15 DC C "O5'" 1 
ATOM 719 C "C5'" . DC C 3 1  ? -10.25807 -8.54987  2.88777   1.000 350.27773 ? 15 DC C "C5'" 1 
ATOM 720 C "C4'" . DC C 3 1  ? -10.14920 -8.52519  1.37340   1.000 350.50460 ? 15 DC C "C4'" 1 
ATOM 721 O "O4'" . DC C 3 1  ? -8.82621  -8.06007  0.99378   1.000 352.96716 ? 15 DC C "O4'" 1 
ATOM 722 C "C3'" . DC C 3 1  ? -10.32182 -9.87662  0.69482   1.000 367.68051 ? 15 DC C "C3'" 1 
ATOM 723 O "O3'" . DC C 3 1  ? -10.87734 -9.70887  -0.60691  1.000 371.90731 ? 15 DC C "O3'" 1 
ATOM 724 C "C2'" . DC C 3 1  ? -8.89519  -10.40287 0.63138   1.000 365.81881 ? 15 DC C "C2'" 1 
ATOM 725 C "C1'" . DC C 3 1  ? -8.07317  -9.12469  0.44654   1.000 353.53500 ? 15 DC C "C1'" 1 
ATOM 726 N N1    . DC C 3 1  ? -6.75314  -9.18602  1.14190   1.000 355.78083 ? 15 DC C N1    1 
ATOM 727 C C2    . DC C 3 1  ? -5.57207  -9.22025  0.39001   1.000 365.09789 ? 15 DC C C2    1 
ATOM 728 O O2    . DC C 3 1  ? -5.63750  -9.17933  -0.84550  1.000 357.92131 ? 15 DC C O2    1 
ATOM 729 N N3    . DC C 3 1  ? -4.38265  -9.29937  1.03963   1.000 390.13877 ? 15 DC C N3    1 
ATOM 730 C C4    . DC C 3 1  ? -4.35134  -9.34234  2.37437   1.000 404.98147 ? 15 DC C C4    1 
ATOM 731 N N4    . DC C 3 1  ? -3.15757  -9.41789  2.97044   1.000 442.68536 ? 15 DC C N4    1 
ATOM 732 C C5    . DC C 3 1  ? -5.54257  -9.31574  3.15508   1.000 385.59319 ? 15 DC C C5    1 
ATOM 733 C C6    . DC C 3 1  ? -6.70911  -9.24075  2.50501   1.000 355.86719 ? 15 DC C C6    1 
ATOM 734 P P     . DC C 3 2  ? -11.43295 -10.97729 -1.42743  1.000 435.20619 ? 16 DC C P     1 
ATOM 735 O OP1   . DC C 3 2  ? -12.48687 -10.46981 -2.33488  1.000 399.27011 ? 16 DC C OP1   1 
ATOM 736 O OP2   . DC C 3 2  ? -11.74333 -12.06772 -0.47150  1.000 389.43241 ? 16 DC C OP2   1 
ATOM 737 O "O5'" . DC C 3 2  ? -10.18282 -11.43458 -2.31617  1.000 432.89604 ? 16 DC C "O5'" 1 
ATOM 738 C "C5'" . DC C 3 2  ? -9.63818  -10.54864 -3.29719  1.000 385.24265 ? 16 DC C "C5'" 1 
ATOM 739 C "C4'" . DC C 3 2  ? -8.84842  -11.32224 -4.34191  1.000 385.55528 ? 16 DC C "C4'" 1 
ATOM 740 O "O4'" . DC C 3 2  ? -7.46345  -11.44163 -3.92142  1.000 354.46525 ? 16 DC C "O4'" 1 
ATOM 741 C "C3'" . DC C 3 2  ? -9.34893  -12.73984 -4.59724  1.000 409.52130 ? 16 DC C "C3'" 1 
ATOM 742 O "O3'" . DC C 3 2  ? -9.28389  -13.05366 -5.98005  1.000 414.23120 ? 16 DC C "O3'" 1 
ATOM 743 C "C2'" . DC C 3 2  ? -8.41233  -13.61545 -3.76818  1.000 356.13643 ? 16 DC C "C2'" 1 
ATOM 744 C "C1'" . DC C 3 2  ? -7.12354  -12.79863 -3.69372  1.000 377.42139 ? 16 DC C "C1'" 1 
ATOM 745 N N1    . DC C 3 2  ? -6.46521  -12.90225 -2.36022  1.000 405.95550 ? 16 DC C N1    1 
ATOM 746 C C2    . DC C 3 2  ? -5.06981  -13.05459 -2.26164  1.000 409.40994 ? 16 DC C C2    1 
ATOM 747 O O2    . DC C 3 2  ? -4.38385  -13.09223 -3.29516  1.000 439.12684 ? 16 DC C O2    1 
ATOM 748 N N3    . DC C 3 2  ? -4.51206  -13.15144 -1.02423  1.000 364.08766 ? 16 DC C N3    1 
ATOM 749 C C4    . DC C 3 2  ? -5.28948  -13.10712 0.06252   1.000 358.76696 ? 16 DC C C4    1 
ATOM 750 N N4    . DC C 3 2  ? -4.70830  -13.20655 1.25928   1.000 367.33717 ? 16 DC C N4    1 
ATOM 751 C C5    . DC C 3 2  ? -6.70068  -12.96023 -0.02622  1.000 371.12061 ? 16 DC C C5    1 
ATOM 752 C C6    . DC C 3 2  ? -7.23901  -12.86436 -1.23992  1.000 399.79049 ? 16 DC C C6    1 
ATOM 753 P P     . DG C 3 3  ? -9.60996  -14.54287 -6.48997  1.000 425.34604 ? 17 DG C P     1 
ATOM 754 O OP1   . DG C 3 3  ? -10.20438 -14.38441 -7.83766  1.000 375.87581 ? 17 DG C OP1   1 
ATOM 755 O OP2   . DG C 3 3  ? -10.33702 -15.29145 -5.43103  1.000 349.04756 ? 17 DG C OP2   1 
ATOM 756 O "O5'" . DG C 3 3  ? -8.16551  -15.19624 -6.64693  1.000 361.98923 ? 17 DG C "O5'" 1 
ATOM 757 C "C5'" . DG C 3 3  ? -7.15530  -14.46143 -7.29317  1.000 355.14950 ? 17 DG C "C5'" 1 
ATOM 758 C "C4'" . DG C 3 3  ? -5.79459  -15.08408 -7.06317  1.000 357.12392 ? 17 DG C "C4'" 1 
ATOM 759 O "O4'" . DG C 3 3  ? -5.39757  -14.93557 -5.67668  1.000 357.14244 ? 17 DG C "O4'" 1 
ATOM 760 C "C3'" . DG C 3 3  ? -5.68446  -16.57263 -7.37585  1.000 357.20651 ? 17 DG C "C3'" 1 
ATOM 761 O "O3'" . DG C 3 3  ? -4.44917  -16.78265 -8.01459  1.000 376.95876 ? 17 DG C "O3'" 1 
ATOM 762 C "C2'" . DG C 3 3  ? -5.71295  -17.21506 -5.98567  1.000 356.24891 ? 17 DG C "C2'" 1 
ATOM 763 C "C1'" . DG C 3 3  ? -4.94759  -16.17837 -5.18594  1.000 357.43104 ? 17 DG C "C1'" 1 
ATOM 764 N N9    . DG C 3 3  ? -5.21314  -16.19889 -3.75518  1.000 356.34101 ? 17 DG C N9    1 
ATOM 765 C C8    . DG C 3 3  ? -6.43483  -16.07339 -3.14773  1.000 353.92536 ? 17 DG C C8    1 
ATOM 766 N N7    . DG C 3 3  ? -6.37510  -16.08401 -1.84548  1.000 384.86281 ? 17 DG C N7    1 
ATOM 767 C C5    . DG C 3 3  ? -5.01948  -16.22142 -1.56564  1.000 388.10475 ? 17 DG C C5    1 
ATOM 768 C C6    . DG C 3 3  ? -4.34396  -16.30407 -0.31635  1.000 386.71657 ? 17 DG C C6    1 
ATOM 769 O O6    . DG C 3 3  ? -4.83068  -16.26646 0.82757   1.000 372.72305 ? 17 DG C O6    1 
ATOM 770 N N1    . DG C 3 3  ? -2.96703  -16.43991 -0.48497  1.000 389.86156 ? 17 DG C N1    1 
ATOM 771 C C2    . DG C 3 3  ? -2.32355  -16.49323 -1.70232  1.000 380.63925 ? 17 DG C C2    1 
ATOM 772 N N2    . DG C 3 3  ? -0.98939  -16.62845 -1.66203  1.000 399.69548 ? 17 DG C N2    1 
ATOM 773 N N3    . DG C 3 3  ? -2.94385  -16.41950 -2.87905  1.000 369.16468 ? 17 DG C N3    1 
ATOM 774 C C4    . DG C 3 3  ? -4.28728  -16.28656 -2.73432  1.000 370.40383 ? 17 DG C C4    1 
ATOM 775 P P     . DT C 3 4  ? -4.19193  -18.05736 -8.95152  1.000 360.75016 ? 18 DT C P     1 
ATOM 776 O OP1   . DT C 3 4  ? -4.42057  -17.65248 -10.35433 1.000 371.36075 ? 18 DT C OP1   1 
ATOM 777 O OP2   . DT C 3 4  ? -4.94135  -19.20570 -8.39427  1.000 358.97305 ? 18 DT C OP2   1 
ATOM 778 O "O5'" . DT C 3 4  ? -2.63018  -18.29638 -8.74616  1.000 363.55260 ? 18 DT C "O5'" 1 
ATOM 779 C "C5'" . DT C 3 4  ? -1.99925  -17.75981 -7.58161  1.000 364.27347 ? 18 DT C "C5'" 1 
ATOM 780 C "C4'" . DT C 3 4  ? -1.70189  -18.86738 -6.60027  1.000 371.87338 ? 18 DT C "C4'" 1 
ATOM 781 O "O4'" . DT C 3 4  ? -2.24751  -18.56001 -5.29334  1.000 362.40298 ? 18 DT C "O4'" 1 
ATOM 782 C "C3'" . DT C 3 4  ? -2.30242  -20.21903 -6.99004  1.000 363.10303 ? 18 DT C "C3'" 1 
ATOM 783 O "O3'" . DT C 3 4  ? -1.27934  -21.12846 -7.25156  1.000 365.43060 ? 18 DT C "O3'" 1 
ATOM 784 C "C2'" . DT C 3 4  ? -3.12448  -20.63268 -5.76713  1.000 360.75699 ? 18 DT C "C2'" 1 
ATOM 785 C "C1'" . DT C 3 4  ? -2.49530  -19.79085 -4.67634  1.000 363.98423 ? 18 DT C "C1'" 1 
ATOM 786 N N1    . DT C 3 4  ? -3.37476  -19.61701 -3.49173  1.000 410.38390 ? 18 DT C N1    1 
ATOM 787 C C2    . DT C 3 4  ? -2.81365  -19.56860 -2.23347  1.000 427.46172 ? 18 DT C C2    1 
ATOM 788 O O2    . DT C 3 4  ? -1.61101  -19.60879 -2.03757  1.000 449.93812 ? 18 DT C O2    1 
ATOM 789 N N3    . DT C 3 4  ? -3.71570  -19.44094 -1.20550  1.000 442.29710 ? 18 DT C N3    1 
ATOM 790 C C4    . DT C 3 4  ? -5.09828  -19.38265 -1.31223  1.000 443.81342 ? 18 DT C C4    1 
ATOM 791 O O4    . DT C 3 4  ? -5.83014  -19.26522 -0.33031  1.000 436.59538 ? 18 DT C O4    1 
ATOM 792 C C5    . DT C 3 4  ? -5.61757  -19.46184 -2.66217  1.000 467.63305 ? 18 DT C C5    1 
ATOM 793 C C7    . DT C 3 4  ? -7.09820  -19.40981 -2.90947  1.000 510.23641 ? 18 DT C C7    1 
ATOM 794 C C6    . DT C 3 4  ? -4.74103  -19.58368 -3.67017  1.000 436.86571 ? 18 DT C C6    1 
ATOM 795 P P     . DA C 3 5  ? -1.25599  -21.93499 -8.63675  1.000 383.61164 ? 19 DA C P     1 
ATOM 796 O OP1   . DA C 3 5  ? -0.86484  -20.99111 -9.70890  1.000 367.93468 ? 19 DA C OP1   1 
ATOM 797 O OP2   . DA C 3 5  ? -2.52873  -22.68135 -8.75435  1.000 423.07589 ? 19 DA C OP2   1 
ATOM 798 O "O5'" . DA C 3 5  ? -0.07890  -22.98937 -8.40984  1.000 416.62589 ? 19 DA C "O5'" 1 
ATOM 799 C "C5'" . DA C 3 5  ? 1.18599   -22.53421 -7.91993  1.000 385.03721 ? 19 DA C "C5'" 1 
ATOM 800 C "C4'" . DA C 3 5  ? 1.46750   -23.06797 -6.52292  1.000 409.01950 ? 19 DA C "C4'" 1 
ATOM 801 O "O4'" . DA C 3 5  ? 0.35884   -22.75618 -5.63764  1.000 444.93733 ? 19 DA C "O4'" 1 
ATOM 802 C "C3'" . DA C 3 5  ? 1.68267   -24.57872 -6.43305  1.000 403.50985 ? 19 DA C "C3'" 1 
ATOM 803 O "O3'" . DA C 3 5  ? 2.86190   -24.84241 -5.66764  1.000 480.94287 ? 19 DA C "O3'" 1 
ATOM 804 C "C2'" . DA C 3 5  ? 0.41090   -25.08474 -5.73819  1.000 400.09826 ? 19 DA C "C2'" 1 
ATOM 805 C "C1'" . DA C 3 5  ? 0.02685   -23.89145 -4.87354  1.000 434.62543 ? 19 DA C "C1'" 1 
ATOM 806 N N9    . DA C 3 5  ? -1.40334  -23.82151 -4.55712  1.000 434.45762 ? 19 DA C N9    1 
ATOM 807 C C8    . DA C 3 5  ? -2.43759  -23.84698 -5.44904  1.000 428.56150 ? 19 DA C C8    1 
ATOM 808 N N7    . DA C 3 5  ? -3.62400  -23.75749 -4.89245  1.000 445.91408 ? 19 DA C N7    1 
ATOM 809 C C5    . DA C 3 5  ? -3.35293  -23.66059 -3.53467  1.000 422.87844 ? 19 DA C C5    1 
ATOM 810 C C6    . DA C 3 5  ? -4.19169  -23.53957 -2.39985  1.000 385.12091 ? 19 DA C C6    1 
ATOM 811 N N6    . DA C 3 5  ? -5.52761  -23.49364 -2.47088  1.000 401.21704 ? 19 DA C N6    1 
ATOM 812 N N1    . DA C 3 5  ? -3.59997  -23.46951 -1.18661  1.000 362.85751 ? 19 DA C N1    1 
ATOM 813 C C2    . DA C 3 5  ? -2.26136  -23.51592 -1.11966  1.000 363.47932 ? 19 DA C C2    1 
ATOM 814 N N3    . DA C 3 5  ? -1.37167  -23.62732 -2.11220  1.000 363.01339 ? 19 DA C N3    1 
ATOM 815 C C4    . DA C 3 5  ? -1.98798  -23.69472 -3.30628  1.000 389.87983 ? 19 DA C C4    1 
ATOM 816 P P     . DC C 3 6  ? 3.23895   -26.33652 -5.20859  1.000 557.11685 ? 20 DC C P     1 
ATOM 817 O OP1   . DC C 3 6  ? 4.69699   -26.38193 -4.95469  1.000 500.11889 ? 20 DC C OP1   1 
ATOM 818 O OP2   . DC C 3 6  ? 2.65683   -27.26423 -6.20395  1.000 519.52491 ? 20 DC C OP2   1 
ATOM 819 O "O5'" . DC C 3 6  ? 2.47221   -26.50241 -3.80985  1.000 448.44108 ? 20 DC C "O5'" 1 
ATOM 820 C "C5'" . DC C 3 6  ? 2.77332   -27.58824 -2.94169  1.000 417.31396 ? 20 DC C "C5'" 1 
ATOM 821 C "C4'" . DC C 3 6  ? 2.25692   -27.30905 -1.54111  1.000 393.48132 ? 20 DC C "C4'" 1 
ATOM 822 O "O4'" . DC C 3 6  ? 0.99760   -26.58548 -1.62228  1.000 384.60214 ? 20 DC C "O4'" 1 
ATOM 823 C "C3'" . DC C 3 6  ? 1.99939   -28.56170 -0.70280  1.000 411.48612 ? 20 DC C "C3'" 1 
ATOM 824 O "O3'" . DC C 3 6  ? 2.81488   -28.55625 0.48229   1.000 414.13812 ? 20 DC C "O3'" 1 
ATOM 825 C "C2'" . DC C 3 6  ? 0.50068   -28.50750 -0.38074  1.000 415.79715 ? 20 DC C "C2'" 1 
ATOM 826 C "C1'" . DC C 3 6  ? 0.11352   -27.05203 -0.63417  1.000 402.81178 ? 20 DC C "C1'" 1 
ATOM 827 N N1    . DC C 3 6  ? -1.28349  -26.92898 -1.15719  1.000 384.62650 ? 20 DC C N1    1 
ATOM 828 C C2    . DC C 3 6  ? -2.37557  -26.80506 -0.27366  1.000 379.60453 ? 20 DC C C2    1 
ATOM 829 O O2    . DC C 3 6  ? -2.17197  -26.76879 0.94577   1.000 385.86602 ? 20 DC C O2    1 
ATOM 830 N N3    . DC C 3 6  ? -3.63266  -26.72910 -0.78753  1.000 387.39254 ? 20 DC C N3    1 
ATOM 831 C C4    . DC C 3 6  ? -3.81378  -26.77330 -2.10666  1.000 419.84844 ? 20 DC C C4    1 
ATOM 832 N N4    . DC C 3 6  ? -5.06362  -26.68685 -2.57550  1.000 466.54209 ? 20 DC C N4    1 
ATOM 833 C C5    . DC C 3 6  ? -2.71970  -26.90415 -3.01209  1.000 446.63875 ? 20 DC C C5    1 
ATOM 834 C C6    . DC C 3 6  ? -1.48950  -26.98192 -2.50001  1.000 429.12452 ? 20 DC C C6    1 
ATOM 835 P P     . DA C 3 7  ? 2.94041   -29.87126 1.40632   1.000 374.10299 ? 21 DA C P     1 
ATOM 836 O OP1   . DA C 3 7  ? 4.38046   -30.17757 1.55088   1.000 378.18419 ? 21 DA C OP1   1 
ATOM 837 O OP2   . DA C 3 7  ? 2.03056   -30.92368 0.89166   1.000 372.11980 ? 21 DA C OP2   1 
ATOM 838 O "O5'" . DA C 3 7  ? 2.40488   -29.36808 2.83054   1.000 375.98144 ? 21 DA C "O5'" 1 
ATOM 839 C "C5'" . DA C 3 7  ? 1.22315   -28.53734 2.91266   1.000 391.31689 ? 21 DA C "C5'" 1 
ATOM 840 C "C4'" . DA C 3 7  ? 0.09940   -29.27160 3.62490   1.000 446.97921 ? 21 DA C "C4'" 1 
ATOM 841 O "O4'" . DA C 3 7  ? -1.18213  -28.66124 3.33386   1.000 485.62429 ? 21 DA C "O4'" 1 
ATOM 842 C "C3'" . DA C 3 7  ? -0.09404  -30.71049 3.21024   1.000 395.23375 ? 21 DA C "C3'" 1 
ATOM 843 O "O3'" . DA C 3 7  ? 0.87805   -31.52021 3.81681   1.000 368.81658 ? 21 DA C "O3'" 1 
ATOM 844 C "C2'" . DA C 3 7  ? -1.48096  -30.97314 3.76959   1.000 385.99414 ? 21 DA C "C2'" 1 
ATOM 845 C "C1'" . DA C 3 7  ? -2.19202  -29.66453 3.41085   1.000 461.00145 ? 21 DA C "C1'" 1 
ATOM 846 N N9    . DA C 3 7  ? -2.89889  -29.70607 2.12693   1.000 427.70931 ? 21 DA C N9    1 
ATOM 847 C C8    . DA C 3 7  ? -2.34397  -29.68742 0.87695   1.000 373.54723 ? 21 DA C C8    1 
ATOM 848 N N7    . DA C 3 7  ? -3.22159  -29.72186 -0.09851  1.000 359.32486 ? 21 DA C N7    1 
ATOM 849 C C5    . DA C 3 7  ? -4.43951  -29.77173 0.55471   1.000 389.34308 ? 21 DA C C5    1 
ATOM 850 C C6    . DA C 3 7  ? -5.76268  -29.82882 0.07942   1.000 395.38039 ? 21 DA C C6    1 
ATOM 851 N N6    . DA C 3 7  ? -6.07236  -29.84176 -1.22492  1.000 380.74378 ? 21 DA C N6    1 
ATOM 852 N N1    . DA C 3 7  ? -6.75680  -29.87074 1.00014   1.000 404.92706 ? 21 DA C N1    1 
ATOM 853 C C2    . DA C 3 7  ? -6.43221  -29.86038 2.30322   1.000 402.39327 ? 21 DA C C2    1 
ATOM 854 N N3    . DA C 3 7  ? -5.22340  -29.80593 2.86635   1.000 428.06724 ? 21 DA C N3    1 
ATOM 855 C C4    . DA C 3 7  ? -4.26227  -29.76222 1.92938   1.000 418.99346 ? 21 DA C C4    1 
# 
loop_
_atom_site_anisotrop.id 
_atom_site_anisotrop.type_symbol 
_atom_site_anisotrop.pdbx_label_atom_id 
_atom_site_anisotrop.pdbx_label_alt_id 
_atom_site_anisotrop.pdbx_label_comp_id 
_atom_site_anisotrop.pdbx_label_asym_id 
_atom_site_anisotrop.pdbx_label_seq_id 
_atom_site_anisotrop.pdbx_PDB_ins_code 
_atom_site_anisotrop.U[1][1] 
_atom_site_anisotrop.U[2][2] 
_atom_site_anisotrop.U[3][3] 
_atom_site_anisotrop.U[1][2] 
_atom_site_anisotrop.U[1][3] 
_atom_site_anisotrop.U[2][3] 
_atom_site_anisotrop.pdbx_auth_seq_id 
_atom_site_anisotrop.pdbx_auth_comp_id 
_atom_site_anisotrop.pdbx_auth_asym_id 
_atom_site_anisotrop.pdbx_auth_atom_id 
1   O "O5'" . DG A 1  ? 8.14791 2.73236 7.55931 -0.26058 2.63000  -0.67201 1  DG A "O5'" 
2   C "C5'" . DG A 1  ? 8.21900 2.73244 7.66053 -0.18213 2.55609  -0.66541 1  DG A "C5'" 
3   C "C4'" . DG A 1  ? 8.17644 2.74488 7.75523 -0.15685 2.54310  -0.69986 1  DG A "C4'" 
4   O "O4'" . DG A 1  ? 8.34791 2.77629 7.92109 -0.07532 2.50513  -0.69113 1  DG A "O4'" 
5   C "C3'" . DG A 1  ? 9.44344 4.14119 9.12901 -0.15406 2.49368  -0.72157 1  DG A "C3'" 
6   O "O3'" . DG A 1  ? 9.62695 4.46862 9.42875 -0.20229 2.53152  -0.76042 1  DG A "O3'" 
7   C "C2'" . DG A 1  ? 9.43294 4.03969 9.14747 -0.06175 2.41896  -0.71682 1  DG A "C2'" 
8   C "C1'" . DG A 1  ? 8.40496 2.87656 8.08468 -0.02532 2.44337  -0.71090 1  DG A "C1'" 
9   N N9    . DG A 1  ? 8.46111 2.78827 8.09934 0.06334  2.38047  -0.68919 1  DG A N9    
10  C C8    . DG A 1  ? 8.77041 2.98121 8.28733 0.09237  2.35215  -0.64963 1  DG A C8    
11  N N7    . DG A 1  ? 8.96085 3.05776 8.46907 0.17679  2.29300  -0.63782 1  DG A N7    
12  C C5    . DG A 1  ? 8.68459 2.82669 8.31793 0.20631  2.28138  -0.67338 1  DG A C5    
13  C C6    . DG A 1  ? 8.78881 2.85732 8.47356 0.29420  2.22368  -0.68136 1  DG A C6    
14  O O6    . DG A 1  ? 8.92942 2.87396 8.55768 0.36653  2.16768  -0.65674 1  DG A O6    
15  N N1    . DG A 1  ? 8.71526 2.87132 8.53223 0.29461  2.23392  -0.72349 1  DG A N1    
16  C C2    . DG A 1  ? 8.56179 2.85723 8.45046 0.21817  2.29312  -0.75243 1  DG A C2    
17  N N2    . DG A 1  ? 8.51364 2.87685 8.52816 0.23055  2.29516  -0.79154 1  DG A N2    
18  N N3    . DG A 1  ? 8.46366 2.82880 8.30467 0.13622  2.34592  -0.74429 1  DG A N3    
19  C C4    . DG A 1  ? 8.53162 2.81479 8.24565 0.13601  2.33601  -0.70502 1  DG A C4    
20  P P     . DA A 2  ? 9.45359 4.28858 9.34738 -0.18476 2.55848  -0.78965 2  DA A P     
21  O OP1   . DA A 2  ? 8.07761 2.78661 7.89031 -0.17910 2.60443  -0.77396 2  DA A OP1   
22  O OP2   . DA A 2  ? 9.20976 4.21618 9.20804 -0.24657 2.59180  -0.82437 2  DA A OP2   
23  O "O5'" . DA A 2  ? 9.01367 3.79963 8.97653 -0.09739 2.48182  -0.79740 2  DA A "O5'" 
24  C "C5'" . DA A 2  ? 8.70119 3.59462 8.75361 -0.08787 2.43041  -0.81534 2  DA A "C5'" 
25  C "C4'" . DA A 2  ? 8.45130 3.28422 8.56898 0.00018  2.36712  -0.82573 2  DA A "C4'" 
26  O "O4'" . DA A 2  ? 8.43657 3.10351 8.45300 0.06679  2.32801  -0.79096 2  DA A "O4'" 
27  C "C3'" . DA A 2  ? 8.22361 3.15325 8.42872 0.02229  2.30481  -0.84228 2  DA A "C3'" 
28  O "O3'" . DA A 2  ? 8.71595 3.66763 9.03780 0.06607  2.28530  -0.87538 2  DA A "O3'" 
29  C "C2'" . DA A 2  ? 8.01394 2.83590 8.13140 0.08313  2.23846  -0.80671 2  DA A "C2'" 
30  C "C1'" . DA A 2  ? 8.54552 3.20055 8.58865 0.13172  2.24671  -0.78702 2  DA A "C1'" 
31  N N9    . DA A 2  ? 8.67489 3.20050 8.59013 0.16831  2.21274  -0.74371 2  DA A N9    
32  C C8    . DA A 2  ? 8.57305 3.08978 8.38144 0.12136  2.23348  -0.71431 2  DA A C8    
33  N N7    . DA A 2  ? 8.34042 2.72697 8.04539 0.16923  2.19583  -0.67773 2  DA A N7    
34  C C5    . DA A 2  ? 8.45444 2.75868 8.20130 0.25547  2.14407  -0.68298 2  DA A C5    
35  C C6    . DA A 2  ? 8.62230 2.78022 8.30502 0.33847  2.08542  -0.65508 2  DA A C6    
36  N N6    . DA A 2  ? 8.70626 2.77133 8.26268 0.34517  2.07132  -0.61386 2  DA A N6    
37  N N1    . DA A 2  ? 8.70109 2.81396 8.45514 0.41481  2.04094  -0.67174 2  DA A N1    
38  C C2    . DA A 2  ? 8.61758 2.82529 8.49789 0.40675  2.05716  -0.71401 2  DA A C2    
39  N N3    . DA A 2  ? 8.46148 2.80754 8.41130 0.33037  2.11327  -0.74249 2  DA A N3    
40  C C4    . DA A 2  ? 8.38576 2.77380 8.26244 0.25687  2.15400  -0.72438 2  DA A C4    
41  P P     . DA A 3  ? 8.34246 3.39267 8.77625 0.09923  2.22151  -0.90026 3  DA A P     
42  O OP1   . DA A 3  ? 8.45874 3.59503 9.02284 0.08999  2.24642  -0.94374 3  DA A OP1   
43  O OP2   . DA A 3  ? 7.64488 2.78811 8.05578 0.05260  2.20800  -0.88984 3  DA A OP2   
44  O "O5'" . DA A 3  ? 8.49702 3.41096 8.90000 0.20566  2.14366  -0.88214 3  DA A "O5'" 
45  C "C5'" . DA A 3  ? 8.53509 3.33390 8.94302 0.26879  2.13844  -0.88604 3  DA A "C5'" 
46  C "C4'" . DA A 3  ? 8.47101 3.20731 8.90837 0.37040  2.05132  -0.88566 3  DA A "C4'" 
47  O "O4'" . DA A 3  ? 8.79923 3.41201 9.11395 0.41164  2.00853  -0.84143 3  DA A "O4'" 
48  C "C3'" . DA A 3  ? 8.28061 3.14305 8.81956 0.38117  2.00298  -0.90942 3  DA A "C3'" 
49  O "O3'" . DA A 3  ? 8.46798 3.29116 9.07399 0.47421  1.93931  -0.92538 3  DA A "O3'" 
50  C "C2'" . DA A 3  ? 7.90679 2.76001 8.35604 0.37152  1.96966  -0.87413 3  DA A "C2'" 
51  C "C1'" . DA A 3  ? 8.33243 3.00871 8.64966 0.41503  1.95810  -0.83261 3  DA A "C1'" 
52  N N9    . DA A 3  ? 8.16797 2.81942 8.36471 0.36240  1.98214  -0.79609 3  DA A N9    
53  C C8    . DA A 3  ? 7.95482 2.70762 8.13855 0.26836  2.03970  -0.79851 3  DA A C8    
54  N N7    . DA A 3  ? 7.98753 2.68918 8.05157 0.24059  2.05007  -0.76234 3  DA A N7    
55  C C5    . DA A 3  ? 8.33334 2.88783 8.32543 0.32013  1.99695  -0.73287 3  DA A C5    
56  C C6    . DA A 3  ? 8.48524 2.92536 8.34295 0.33534  1.98043  -0.68837 3  DA A C6    
57  N N6    . DA A 3  ? 8.43521 2.89423 8.20513 0.26830  2.01870  -0.66678 3  DA A N6    
58  N N1    . DA A 3  ? 8.62128 2.92856 8.43862 0.42265  1.92238  -0.66746 3  DA A N1    
59  C C2    . DA A 3  ? 8.77425 3.06607 8.68109 0.49189  1.88210  -0.69089 3  DA A C2    
60  N N3    . DA A 3  ? 8.91291 3.30475 8.94885 0.48677  1.89318  -0.73421 3  DA A N3    
61  C C4    . DA A 3  ? 8.53179 3.05317 8.60397 0.39696  1.95307  -0.75288 3  DA A C4    
62  P P     . DT A 4  ? 8.74194 3.69919 9.48368 0.49600  1.89371  -0.96166 4  DT A P     
63  O OP1   . DT A 4  ? 7.89992 2.91354 8.75774 0.49395  1.92601  -1.00515 4  DT A OP1   
64  O OP2   . DT A 4  ? 7.70980 2.78348 8.45034 0.43169  1.89695  -0.95711 4  DT A OP2   
65  O "O5'" . DT A 4  ? 8.46512 3.32458 9.18805 0.60778  1.79970  -0.94609 4  DT A "O5'" 
66  C "C5'" . DT A 4  ? 8.54867 3.23816 9.15403 0.66082  1.77595  -0.90783 4  DT A "C5'" 
67  C "C4'" . DT A 4  ? 8.61475 3.25511 9.16271 0.71901  1.69626  -0.87705 4  DT A "C4'" 
68  O "O4'" . DT A 4  ? 8.41358 3.00299 8.83203 0.67230  1.71661  -0.83455 4  DT A "O4'" 
69  C "C3'" . DT A 4  ? 8.05495 2.82795 8.69077 0.72329  1.65227  -0.89648 4  DT A "C3'" 
70  O "O3'" . DT A 4  ? 8.30641 3.01391 8.92920 0.81844  1.56369  -0.88144 4  DT A "O3'" 
71  C "C2'" . DT A 4  ? 7.93519 2.76860 8.50721 0.63862  1.68410  -0.87505 4  DT A "C2'" 
72  C "C1'" . DT A 4  ? 8.08926 2.76795 8.51297 0.65074  1.68644  -0.82784 4  DT A "C1'" 
73  N N1    . DT A 4  ? 8.02302 2.72517 8.36062 0.55989  1.74337  -0.80524 4  DT A N1    
74  C C2    . DT A 4  ? 8.12947 2.71473 8.33053 0.56566  1.73687  -0.75969 4  DT A C2    
75  O O2    . DT A 4  ? 8.27676 2.73766 8.42243 0.64158  1.68484  -0.73516 4  DT A O2    
76  N N3    . DT A 4  ? 8.05675 2.67892 8.18826 0.47853  1.79318  -0.74407 4  DT A N3    
77  C C4    . DT A 4  ? 8.00593 2.76746 8.19018 0.38950  1.85129  -0.76860 4  DT A C4    
78  O O4    . DT A 4  ? 8.83611 3.62342 8.95079 0.31740  1.89682  -0.75276 4  DT A O4    
79  C C5    . DT A 4  ? 8.02240 2.89975 8.34971 0.38755  1.85389  -0.81463 4  DT A C5    
80  C C7    . DT A 4  ? 8.74414 3.77847 9.13924 0.29406  1.91272  -0.84332 4  DT A C7    
81  C C6    . DT A 4  ? 7.85760 2.70021 8.25395 0.47124  1.80171  -0.83080 4  DT A C6    
82  P P     . DG A 5  ? 9.11350 3.92530 9.86046 0.87194  1.50087  -0.91350 5  DG A P     
83  O OP1   . DG A 5  ? 8.42777 3.22298 9.26121 0.92932  1.49306  -0.94714 5  DG A OP1   
84  O OP2   . DG A 5  ? 8.14501 3.11816 8.95168 0.79119  1.53111  -0.93175 5  DG A OP2   
85  O "O5'" . DG A 5  ? 8.58573 3.31010 9.26101 0.95411  1.41000  -0.87677 5  DG A "O5'" 
86  C "C5'" . DG A 5  ? 8.32397 2.88798 8.92925 1.03626  1.36655  -0.85240 5  DG A "C5'" 
87  C "C4'" . DG A 5  ? 8.38933 2.85997 8.86980 1.05501  1.32420  -0.80081 5  DG A "C4'" 
88  O "O4'" . DG A 5  ? 8.35855 2.81855 8.74668 0.96288  1.39410  -0.77620 5  DG A "O4'" 
89  C "C3'" . DG A 5  ? 8.37813 2.92167 8.87997 1.07949  1.25882  -0.79369 5  DG A "C3'" 
90  O "O3'" . DG A 5  ? 8.76984 3.19538 9.18746 1.15274  1.18612  -0.75357 5  DG A "O3'" 
91  C "C2'" . DG A 5  ? 8.16262 2.79172 8.63011 0.97517  1.31532  -0.78455 5  DG A "C2'" 
92  C "C1'" . DG A 5  ? 8.24276 2.76587 8.59902 0.92892  1.37702  -0.75725 5  DG A "C1'" 
93  N N9    . DG A 5  ? 8.11394 2.72484 8.45991 0.81878  1.45779  -0.76351 5  DG A N9    
94  C C8    . DG A 5  ? 7.98104 2.72038 8.42679 0.75793  1.51202  -0.80480 5  DG A C8    
95  N N7    . DG A 5  ? 7.88138 2.68186 8.29247 0.66289  1.57527  -0.80050 5  DG A N7    
96  C C5    . DG A 5  ? 7.95131 2.65941 8.23138 0.66022  1.56408  -0.75441 5  DG A C5    
97  C C6    . DG A 5  ? 7.89780 2.61973 8.08913 0.57853  1.61309  -0.73132 5  DG A C6    
98  O O6    . DG A 5  ? 7.77292 2.59569 7.98529 0.49077  1.67563  -0.74749 5  DG A O6    
99  N N1    . DG A 5  ? 8.00263 2.61128 8.07167 0.60639  1.58166  -0.68543 5  DG A N1    
100 C C2    . DG A 5  ? 8.14529 2.63850 8.18099 0.70140  1.51078  -0.66295 5  DG A C2    
101 N N2    . DG A 5  ? 8.23238 2.62737 8.14430 0.71114  1.49223  -0.61736 5  DG A N2    
102 N N3    . DG A 5  ? 8.19699 2.67643 8.31589 0.78062  1.46102  -0.68421 5  DG A N3    
103 C C4    . DG A 5  ? 8.09510 2.68506 8.33350 0.75478  1.49251  -0.73039 5  DG A C4    
104 P P     . DC A 6  ? 9.20665 3.67698 9.63605 1.20264  1.10063  -0.74001 6  DC A P     
105 O OP1   . DC A 6  ? 8.71004 3.18898 9.22925 1.29950  1.03132  -0.76610 6  DC A OP1   
106 O OP2   . DC A 6  ? 8.15391 2.75814 8.60484 1.12337  1.13056  -0.74611 6  DC A OP2   
107 O "O5'" . DC A 6  ? 9.13736 3.46372 9.42907 1.23068  1.06501  -0.68290 6  DC A "O5'" 
108 C "C5'" . DC A 6  ? 8.85870 3.10920 9.04007 1.16394  1.13195  -0.65367 6  DC A "C5'" 
109 C "C4'" . DC A 6  ? 8.73814 3.01211 8.83831 1.11177  1.13619  -0.61931 6  DC A "C4'" 
110 O "O4'" . DC A 6  ? 8.72305 3.06856 8.80678 1.00355  1.22594  -0.62874 6  DC A "O4'" 
111 C "C3'" . DC A 6  ? 8.33380 2.70929 8.49207 1.13717  1.07214  -0.62469 6  DC A "C3'" 
112 O "O3'" . DC A 6  ? 8.40698 2.70406 8.48373 1.18228  1.01010  -0.57970 6  DC A "O3'" 
113 C "C2'" . DC A 6  ? 8.14498 2.65227 8.32074 1.03480  1.13326  -0.63927 6  DC A "C2'" 
114 C "C1'" . DC A 6  ? 8.19432 2.64473 8.28300 0.95846  1.21958  -0.62534 6  DC A "C1'" 
115 N N1    . DC A 6  ? 8.04131 2.61658 8.18495 0.86341  1.29662  -0.65819 6  DC A N1    
116 C C2    . DC A 6  ? 7.96982 2.57331 8.03841 0.77197  1.35483  -0.64143 6  DC A C2    
117 O O2    . DC A 6  ? 8.03674 2.55892 7.99084 0.77053  1.34441  -0.59940 6  DC A O2    
118 N N3    . DC A 6  ? 7.82887 2.55147 7.95348 0.68667  1.42119  -0.67227 6  DC A N3    
119 C C4    . DC A 6  ? 7.76080 2.57059 8.00958 0.68884  1.43244  -0.71676 6  DC A C4    
120 N N4    . DC A 6  ? 7.62228 2.55029 7.92356 0.60180  1.49773  -0.74482 6  DC A N4    
121 C C5    . DC A 6  ? 7.83107 2.61444 8.15675 0.78024  1.37646  -0.73488 6  DC A C5    
122 C C6    . DC A 6  ? 7.97003 2.63626 8.23949 0.86582  1.30903  -0.70511 6  DC A C6    
123 P P     . DG A 7  ? 9.81562 4.19476 9.93350 1.21942  0.93261  -0.57506 7  DG A P     
124 O OP1   . DG A 7  ? 9.89051 4.15951 9.96136 1.30773  0.85158  -0.53813 7  DG A OP1   
125 O OP2   . DG A 7  ? 8.95566 3.46702 9.20930 1.22832  0.92453  -0.62600 7  DG A OP2   
126 O "O5'" . DG A 7  ? 8.86732 3.29807 8.91118 1.12751  0.97624  -0.55249 7  DG A "O5'" 
127 C "C5'" . DG A 7  ? 8.51262 2.83849 8.42000 1.09238  1.00919  -0.50811 7  DG A "C5'" 
128 C "C4'" . DG A 7  ? 8.14312 2.54246 7.99821 0.99839  1.05716  -0.49812 7  DG A "C4'" 
129 O "O4'" . DG A 7  ? 8.03104 2.52449 7.93790 0.91628  1.13602  -0.53571 7  DG A "O4'" 
130 C "C3'" . DG A 7  ? 8.00636 2.50264 7.89536 1.00531  1.00250  -0.49553 7  DG A "C3'" 
131 O "O3'" . DG A 7  ? 8.00343 2.46816 7.77818 0.96287  1.01363  -0.45511 7  DG A "O3'" 
132 C "C2'" . DG A 7  ? 7.82103 2.47337 7.81492 0.94349  1.04298  -0.54372 7  DG A "C2'" 
133 C "C1'" . DG A 7  ? 7.84152 2.47528 7.79874 0.86570  1.13781  -0.55287 7  DG A "C1'" 
134 N N9    . DG A 7  ? 7.77499 2.52096 7.84423 0.82449  1.18338  -0.60285 7  DG A N9    
135 C C8    . DG A 7  ? 7.88724 2.66234 8.06677 0.87721  1.16191  -0.63841 7  DG A C8    
136 N N7    . DG A 7  ? 7.65480 2.53687 7.91938 0.81919  1.21697  -0.67895 7  DG A N7    
137 C C5    . DG A 7  ? 7.53850 2.46583 7.74635 0.72251  1.27665  -0.66987 7  DG A C5    
138 C C6    . DG A 7  ? 7.40129 2.44454 7.65864 0.62897  1.34822  -0.70014 7  DG A C6    
139 O O6    . DG A 7  ? 7.33032 2.46023 7.69479 0.61145  1.37539  -0.74129 7  DG A O6    
140 N N1    . DG A 7  ? 7.34627 2.40397 7.51668 0.55092  1.38856  -0.67856 7  DG A N1    
141 C C2    . DG A 7  ? 7.41631 2.38638 7.46615 0.56064  1.36577  -0.63365 7  DG A C2    
142 N N2    . DG A 7  ? 7.34673 2.35077 7.32669 0.47706  1.41307  -0.62067 7  DG A N2    
143 N N3    . DG A 7  ? 7.54674 2.40585 7.54821 0.64615  1.30094  -0.60361 7  DG A N3    
144 C C4    . DG A 7  ? 7.60049 2.44516 7.68686 0.72448  1.25774  -0.62393 7  DG A C4    
145 P P     . DT A 8  ? 8.70042 3.23298 8.47467 0.97301  0.95338  -0.43799 8  DT A P     
146 O OP1   . DT A 8  ? 8.78437 3.21077 8.42368 0.97846  0.94111  -0.38374 8  DT A OP1   
147 O OP2   . DT A 8  ? 8.50261 3.09197 8.39294 1.05276  0.87649  -0.46062 8  DT A OP2   
148 O "O5'" . DT A 8  ? 7.94780 2.61592 7.74653 0.86954  1.01305  -0.46362 8  DT A "O5'" 
149 C "C5'" . DT A 8  ? 7.90340 2.55740 7.62629 0.78021  1.09891  -0.45916 8  DT A "C5'" 
150 C "C4'" . DT A 8  ? 7.50442 2.30804 7.27897 0.69060  1.14279  -0.48984 8  DT A "C4'" 
151 O "O4'" . DT A 8  ? 7.45228 2.32803 7.32900 0.66445  1.18691  -0.53589 8  DT A "O4'" 
152 C "C3'" . DT A 8  ? 7.35743 2.26995 7.19246 0.70124  1.08464  -0.49764 8  DT A "C3'" 
153 O "O3'" . DT A 8  ? 7.25708 2.22220 7.02993 0.62390  1.11214  -0.48513 8  DT A "O3'" 
154 C "C2'" . DT A 8  ? 7.23593 2.27242 7.21533 0.69261  1.09314  -0.55059 8  DT A "C2'" 
155 C "C1'" . DT A 8  ? 7.42440 2.45301 7.39886 0.63025  1.17945  -0.56892 8  DT A "C1'" 
156 N N1    . DT A 8  ? 7.21938 2.31545 7.31994 0.64070  1.19395  -0.61510 8  DT A N1    
157 C C2    . DT A 8  ? 7.10208 2.30255 7.25645 0.55594  1.26288  -0.64872 8  DT A C2    
158 O O2    . DT A 8  ? 7.03136 2.27205 7.13444 0.47316  1.31198  -0.64295 8  DT A O2    
159 N N3    . DT A 8  ? 7.07340 2.33184 7.34464 0.57177  1.27220  -0.68959 8  DT A N3    
160 C C4    . DT A 8  ? 7.14738 2.37267 7.48598 0.66316  1.21991  -0.70154 8  DT A C4    
161 O O4    . DT A 8  ? 7.11393 2.39973 7.55752 0.66903  1.23519  -0.74013 8  DT A O4    
162 C C5    . DT A 8  ? 7.26762 2.38489 7.54482 0.75105  1.14563  -0.66539 8  DT A C5    
163 C C7    . DT A 8  ? 7.35570 2.43307 7.69730 0.85641  1.08053  -0.67509 8  DT A C7    
164 C C6    . DT A 8  ? 7.29660 2.35545 7.45993 0.73513  1.13623  -0.62375 8  DT A C6    
165 P P     . DA A 9  ? 8.41917 3.53298 8.26048 0.59321  1.08229  -0.50436 9  DA A P     
166 O OP1   . DA A 9  ? 8.21842 3.32571 7.95557 0.54510  1.08873  -0.47282 9  DA A OP1   
167 O OP2   . DA A 9  ? 8.31787 3.45886 8.24795 0.67889  1.00265  -0.51412 9  DA A OP2   
168 O "O5'" . DA A 9  ? 7.61719 2.85938 7.54522 0.50987  1.14935  -0.55225 9  DA A "O5'" 
169 C "C5'" . DA A 9  ? 7.65592 2.89298 7.52658 0.42745  1.23095  -0.55300 9  DA A "C5'" 
170 C "C4'" . DA A 9  ? 6.72672 2.11801 6.64545 0.33317  1.26902  -0.58205 9  DA A "C4'" 
171 O "O4'" . DA A 9  ? 6.70731 2.19223 6.74719 0.31427  1.29680  -0.62763 9  DA A "O4'" 
172 C "C3'" . DA A 9  ? 6.59045 2.07394 6.53495 0.32824  1.21611  -0.58243 9  DA A "C3'" 
173 O "O3'" . DA A 9  ? 6.45939 2.03853 6.38119 0.23230  1.25817  -0.58990 9  DA A "O3'" 
174 C "C2'" . DA A 9  ? 6.50355 2.08113 6.59087 0.36240  1.18346  -0.62180 9  DA A "C2'" 
175 C "C1'" . DA A 9  ? 6.51721 2.11364 6.66105 0.33169  1.24783  -0.65288 9  DA A "C1'" 
176 N N9    . DA A 9  ? 6.57654 2.15312 6.80934 0.40675  1.21934  -0.67295 9  DA A N9    
177 C C8    . DA A 9  ? 6.73572 2.20922 6.95456 0.50670  1.15834  -0.65258 9  DA A C8    
178 N N7    . DA A 9  ? 6.73402 2.21826 7.04833 0.55871  1.14400  -0.67999 9  DA A N7    
179 C C5    . DA A 9  ? 6.62612 2.22762 7.02298 0.48579  1.20198  -0.72065 9  DA A C5    
180 C C6    . DA A 9  ? 6.67320 2.34429 7.19038 0.49032  1.22081  -0.76353 9  DA A C6    
181 N N6    . DA A 9  ? 6.81949 2.44984 7.39610 0.57677  1.18078  -0.77386 9  DA A N6    
182 N N1    . DA A 9  ? 6.57623 2.36398 7.15088 0.40240  1.28157  -0.79550 9  DA A N1    
183 C C2    . DA A 9  ? 6.73534 2.56785 7.24979 0.31835  1.31799  -0.78529 9  DA A C2    
184 N N3    . DA A 9  ? 6.91672 2.69381 7.31855 0.30586  1.30553  -0.74759 9  DA A N3    
185 C C4    . DA A 9  ? 6.70238 2.36225 7.05009 0.39225  1.24748  -0.71624 9  DA A C4    
186 P P     . DG A 10 ? 7.28902 3.00282 7.25821 0.20088  1.21871  -0.60274 10 DG A P     
187 O OP1   . DG A 10 ? 7.38019 3.11853 7.26047 0.12409  1.25185  -0.58677 10 DG A OP1   
188 O OP2   . DG A 10 ? 6.88384 2.56653 6.87279 0.28650  1.13586  -0.58861 10 DG A OP2   
189 O "O5'" . DG A 10 ? 7.42503 3.28647 7.52879 0.15590  1.24568  -0.65442 10 DG A "O5'" 
190 C "C5'" . DG A 10 ? 7.24753 3.16469 7.35630 0.07453  1.32174  -0.67370 10 DG A "C5'" 
191 C "C4'" . DG A 10 ? 7.00307 3.05914 7.24688 0.04345  1.33702  -0.72128 10 DG A "C4'" 
192 O "O4'" . DG A 10 ? 6.20134 2.21354 6.52020 0.11562  1.31932  -0.73640 10 DG A "O4'" 
193 C "C3'" . DG A 10 ? 7.21537 3.41254 7.53125 0.01951  1.29525  -0.74161 10 DG A "C3'" 
194 O "O3'" . DG A 10 ? 7.10071 3.44001 7.48527 -0.06242 1.34080  -0.77624 10 DG A "O3'" 
195 C "C2'" . DG A 10 ? 6.93754 3.12551 7.34169 0.10523  1.23683  -0.75448 10 DG A "C2'" 
196 C "C1'" . DG A 10 ? 6.27229 2.38954 6.70409 0.13664  1.27357  -0.76491 10 DG A "C1'" 
197 N N9    . DG A 10 ? 6.09277 2.12664 6.55549 0.23998  1.22107  -0.75953 10 DG A N9    
198 C C8    . DG A 10 ? 6.14591 2.06071 6.53358 0.31574  1.16700  -0.72169 10 DG A C8    
199 N N7    . DG A 10 ? 6.22878 2.09476 6.66735 0.40393  1.12446  -0.72558 10 DG A N7    
200 C C5    . DG A 10 ? 6.53257 2.49126 7.08944 0.38417  1.15449  -0.77024 10 DG A C5    
201 C C6    . DG A 10 ? 6.95394 2.91773 7.61070 0.45086  1.13207  -0.79541 10 DG A C6    
202 O O6    . DG A 10 ? 7.22327 3.10894 7.88256 0.54590  1.07672  -0.78245 10 DG A O6    
203 N N1    . DG A 10 ? 7.07376 3.15142 7.83619 0.39731  1.17976  -0.83996 10 DG A N1    
204 C C2    . DG A 10 ? 6.96565 3.13899 7.73340 0.29398  1.23906  -0.85627 10 DG A C2    
205 N N2    . DG A 10 ? 6.90920 3.18664 7.78620 0.25563  1.27743  -0.89871 10 DG A N2    
206 N N3    . DG A 10 ? 6.86377 3.03557 7.53765 0.23325  1.25774  -0.83275 10 DG A N3    
207 C C4    . DG A 10 ? 6.50010 2.56127 7.07244 0.28267  1.21467  -0.79083 10 DG A C4    
208 P P     . DC A 11 ? 6.93303 3.43998 7.38838 -0.11083 1.31137  -0.80033 11 DC A P     
209 O OP1   . DC A 11 ? 6.34086 2.93568 6.76507 -0.20514 1.36293  -0.80548 11 DC A OP1   
210 O OP2   . DC A 11 ? 5.70281 2.18290 6.13020 -0.06316 1.23959  -0.77955 11 DC A OP2   
211 O "O5'" . DC A 11 ? 6.74183 3.33667 7.34228 -0.09565 1.30875  -0.84355 11 DC A "O5'" 
212 C "C5'" . DC A 11 ? 6.33166 2.92997 6.97620 -0.11499 1.36861  -0.86478 11 DC A "C5'" 
213 C "C4'" . DC A 11 ? 6.07331 2.75304 6.85806 -0.09146 1.35570  -0.90482 11 DC A "C4'" 
214 O "O4'" . DC A 11 ? 5.98299 2.55509 6.78620 0.00627  1.31838  -0.89831 11 DC A "O4'" 
215 C "C3'" . DC A 11 ? 6.16453 2.98917 7.03219 -0.11181 1.31189  -0.92819 11 DC A "C3'" 
216 O "O3'" . DC A 11 ? 5.86184 2.81047 6.84406 -0.15170 1.34178  -0.96993 11 DC A "O3'" 
217 C "C2'" . DC A 11 ? 6.10249 2.86656 6.99574 -0.01661 1.24085  -0.92034 11 DC A "C2'" 
218 C "C1'" . DC A 11 ? 6.15895 2.80455 7.05579 0.04652  1.25922  -0.91775 11 DC A "C1'" 
219 N N1    . DC A 11 ? 6.48001 3.00143 7.34071 0.14938  1.19935  -0.89070 11 DC A N1    
220 C C2    . DC A 11 ? 6.64297 3.14288 7.58857 0.22855  1.17091  -0.90749 11 DC A C2    
221 O O2    . DC A 11 ? 6.72803 3.31296 7.78209 0.21047  1.19727  -0.94650 11 DC A O2    
222 N N3    . DC A 11 ? 6.74316 3.13294 7.65007 0.32464  1.11294  -0.88000 11 DC A N3    
223 C C4    . DC A 11 ? 6.46629 2.76736 7.25540 0.34016  1.08594  -0.83738 11 DC A C4    
224 N N4    . DC A 11 ? 6.16881 2.36397 6.92074 0.43650  1.02682  -0.80935 11 DC A N4    
225 C C5    . DC A 11 ? 6.33131 2.65231 7.03583 0.25820  1.11688  -0.82135 11 DC A C5    
226 C C6    . DC A 11 ? 6.40061 2.83229 7.14422 0.16648  1.17208  -0.84889 11 DC A C6    
227 P P     . DT A 12 ? 6.13781 3.26089 7.21689 -0.19086 1.31033  -1.00057 12 DT A P     
228 O OP1   . DT A 12 ? 5.83235 3.07259 6.95268 -0.27387 1.36749  -1.02548 12 DT A OP1   
229 O OP2   . DT A 12 ? 5.47962 2.60922 6.49808 -0.18962 1.25737  -0.97732 12 DT A OP2   
230 O "O5'" . DT A 12 ? 6.16647 3.30146 7.36552 -0.11870 1.27214  -1.02757 12 DT A "O5'" 
231 C "C5'" . DT A 12 ? 5.34984 2.44302 6.60658 -0.08830 1.30627  -1.04597 12 DT A "C5'" 
232 C "C4'" . DT A 12 ? 5.25747 2.40565 6.64430 -0.03151 1.26493  -1.07741 12 DT A "C4'" 
233 O "O4'" . DT A 12 ? 5.31966 2.34927 6.67937 0.06954  1.21056  -1.05460 12 DT A "O4'" 
234 C "C3'" . DT A 12 ? 5.75137 3.05446 7.22024 -0.06194 1.22575  -1.10151 12 DT A "C3'" 
235 O "O3'" . DT A 12 ? 5.49044 2.88455 7.09874 -0.05113 1.22619  -1.14387 12 DT A "O3'" 
236 C "C2'" . DT A 12 ? 5.85130 3.09560 7.28095 0.00744  1.15214  -1.07534 12 DT A "C2'" 
237 C "C1'" . DT A 12 ? 5.64691 2.74509 7.05754 0.10065  1.14296  -1.05978 12 DT A "C1'" 
238 N N1    . DT A 12 ? 6.28181 3.25635 7.59051 0.16720  1.09226  -1.01578 12 DT A N1    
239 C C2    . DT A 12 ? 6.22493 3.11600 7.55170 0.27146  1.04491  -1.00569 12 DT A C2    
240 O O2    . DT A 12 ? 5.44076 2.35552 6.86646 0.31336  1.04206  -1.03260 12 DT A O2    
241 N N3    . DT A 12 ? 6.77700 3.55675 7.99910 0.32569  0.99990  -0.96171 12 DT A N3    
242 C C4    . DT A 12 ? 6.59288 3.33877 7.70053 0.28413  0.99979  -0.92968 12 DT A C4    
243 O O4    . DT A 12 ? 6.77984 3.42464 7.79873 0.33688  0.95827  -0.89080 12 DT A O4    
244 C C5    . DT A 12 ? 6.26460 3.10583 7.36367 0.17480  1.05057  -0.94443 12 DT A C5    
245 C C7    . DT A 12 ? 5.58124 2.40258 6.56328 0.12247  1.05387  -0.91368 12 DT A C7    
246 C C6    . DT A 12 ? 6.38606 3.33559 7.58326 0.12364  1.09249  -0.98521 12 DT A C6    
247 P P     . DG A 13 ? 6.23893 3.82100 7.95476 -0.10480 1.20798  -1.18028 13 DG A P     
248 O OP1   . DG A 13 ? 6.30080 3.96966 8.04790 -0.18769 1.27459  -1.20351 13 DG A OP1   
249 O OP2   . DG A 13 ? 4.69776 2.31407 6.36327 -0.11615 1.15682  -1.16087 13 DG A OP2   
250 O "O5'" . DG A 13 ? 5.66228 3.27616 7.51180 -0.03192 1.16957  -1.21138 13 DG A "O5'" 
251 C "C5'" . DG A 13 ? 4.68589 2.19610 6.55427 0.03725  1.18186  -1.21247 13 DG A "C5'" 
252 C "C4'" . DG A 13 ? 4.70340 2.22764 6.66764 0.12688  1.11877  -1.22705 13 DG A "C4'" 
253 O "O4'" . DG A 13 ? 5.50842 2.91706 7.38794 0.20515  1.06318  -1.18622 13 DG A "O4'" 
254 C "C3'" . DG A 13 ? 5.05094 2.73994 7.12957 0.10485  1.08015  -1.26013 13 DG A "C3'" 
255 O "O3'" . DG A 13 ? 4.72548 2.45479 6.93062 0.16666  1.05442  -1.29087 13 DG A "O3'" 
256 C "C2'" . DG A 13 ? 4.95589 2.62458 6.96622 0.13103  1.01693  -1.22814 13 DG A "C2'" 
257 C "C1'" . DG A 13 ? 5.46856 2.95874 7.38024 0.21660  0.99962  -1.18632 13 DG A "C1'" 
258 N N9    . DG A 13 ? 5.79785 3.20670 7.57314 0.21229  0.98061  -1.14150 13 DG A N9    
259 C C8    . DG A 13 ? 5.53119 2.96085 7.22387 0.12586  1.01259  -1.12895 13 DG A C8    
260 N N7    . DG A 13 ? 4.77384 2.11534 6.35088 0.14371  0.98577  -1.08774 13 DG A N7    
261 C C5    . DG A 13 ? 5.04942 2.30183 6.62817 0.24981  0.93289  -1.06969 13 DG A C5    
262 C C6    . DG A 13 ? 4.91039 2.04568 6.38748 0.31395  0.88532  -1.02418 13 DG A C6    
263 O O6    . DG A 13 ? 4.99306 2.07767 6.35748 0.28605  0.88284  -0.99191 13 DG A O6    
264 N N1    . DG A 13 ? 5.54163 2.62029 7.05695 0.42088  0.83590  -1.01681 13 DG A N1    
265 C C2    . DG A 13 ? 5.80090 2.93242 7.43998 0.45979  0.83342  -1.05102 13 DG A C2    
266 N N2    . DG A 13 ? 6.24499 3.31412 7.90069 0.56685  0.77918  -1.03618 13 DG A N2    
267 N N3    . DG A 13 ? 5.57030 2.81080 7.30859 0.39821  0.87976  -1.09591 13 DG A N3    
268 C C4    . DG A 13 ? 5.60882 2.90301 7.30872 0.29467  0.92779  -1.10194 13 DG A C4    
269 P P     . DT A 14 ? 5.71294 3.62867 8.07065 0.13451  1.03458  -1.33977 14 DT A P     
270 O OP1   . DT A 14 ? 4.97190 2.91719 7.43785 0.14701  1.06702  -1.37730 14 DT A OP1   
271 O OP2   . DT A 14 ? 5.45197 3.46691 7.78208 0.03525  1.05299  -1.34328 14 DT A OP2   
272 O "O5'" . DT A 14 ? 4.95896 2.88832 7.35377 0.21938  0.94490  -1.33087 14 DT A "O5'" 
273 C "C5'" . DT A 14 ? 4.51980 2.33137 6.89222 0.32683  0.90730  -1.30698 14 DT A "C5'" 
274 C "C4'" . DT A 14 ? 4.62813 2.43858 6.98249 0.38973  0.82472  -1.28128 14 DT A "C4'" 
275 O "O4'" . DT A 14 ? 4.59444 2.26663 6.79358 0.40571  0.81932  -1.22933 14 DT A "O4'" 
276 C "C3'" . DT A 14 ? 4.60775 2.56733 7.01691 0.33564  0.79287  -1.29985 14 DT A "C3'" 
277 O "O3'" . DT A 14 ? 4.23427 2.32693 6.79930 0.35375  0.76394  -1.34325 14 DT A "O3'" 
278 C "C2'" . DT A 14 ? 4.64793 2.54406 6.97196 0.39127  0.72639  -1.25515 14 DT A "C2'" 
279 C "C1'" . DT A 14 ? 4.84989 2.55571 7.03419 0.43157  0.75067  -1.20992 14 DT A "C1'" 
280 N N1    . DT A 14 ? 4.88904 2.52456 6.92957 0.38281  0.76526  -1.17268 14 DT A N1    
281 C C2    . DT A 14 ? 4.95101 2.46566 6.88448 0.44808  0.72204  -1.12377 14 DT A C2    
282 O O2    . DT A 14 ? 5.42518 2.88574 7.37050 0.54599  0.67078  -1.10658 14 DT A O2    
283 N N3    . DT A 14 ? 4.62573 2.08747 6.43445 0.39381  0.74037  -1.09440 14 DT A N3    
284 C C4    . DT A 14 ? 4.57091 2.09245 6.35175 0.28473  0.79418  -1.10791 14 DT A C4    
285 O O4    . DT A 14 ? 4.71719 2.19008 6.38406 0.24301  0.80545  -1.07940 14 DT A O4    
286 C C5    . DT A 14 ? 4.68107 2.32979 6.57471 0.22370  0.83505  -1.15676 14 DT A C5    
287 C C7    . DT A 14 ? 5.05893 2.78660 6.92861 0.10812  0.89081  -1.17101 14 DT A C7    
288 C C6    . DT A 14 ? 4.60596 2.30271 6.62267 0.27406  0.81993  -1.18696 14 DT A C6    
289 O "O5'" . DT B 1  ? 7.14910 7.84976 7.59395 -0.61784 -1.35260 2.51263  1  DT B "O5'" 
290 C "C5'" . DT B 1  ? 7.00154 7.79894 7.58340 -0.65169 -1.33532 2.59364  1  DT B "C5'" 
291 C "C4'" . DT B 1  ? 6.62050 7.24007 7.10974 -0.56294 -1.27611 2.60374  1  DT B "C4'" 
292 O "O4'" . DT B 1  ? 6.56200 7.00629 6.86645 -0.52529 -1.27389 2.54674  1  DT B "O4'" 
293 C "C3'" . DT B 1  ? 6.46443 6.95938 6.88696 -0.47277 -1.23174 2.58905  1  DT B "C3'" 
294 O "O3'" . DT B 1  ? 6.66711 7.26544 7.25049 -0.47911 -1.20415 2.66504  1  DT B "O3'" 
295 C "C2'" . DT B 1  ? 5.93856 6.18489 6.15980 -0.38518 -1.18633 2.55177  1  DT B "C2'" 
296 C "C1'" . DT B 1  ? 6.15325 6.37301 6.29503 -0.42016 -1.22145 2.51666  1  DT B "C1'" 
297 N N1    . DT B 1  ? 5.70229 5.78407 5.66314 -0.37418 -1.24201 2.42862  1  DT B N1    
298 C C2    . DT B 1  ? 5.88487 5.73486 5.64865 -0.29196 -1.20707 2.39001  1  DT B C2    
299 O O2    . DT B 1  ? 6.14636 5.88386 5.86445 -0.25665 -1.15503 2.42287  1  DT B O2    
300 N N3    . DT B 1  ? 6.00189 5.75370 5.62166 -0.25239 -1.23297 2.31236  1  DT B N3    
301 C C4    . DT B 1  ? 6.18506 6.04190 5.83530 -0.28836 -1.28765 2.26742  1  DT B C4    
302 O O4    . DT B 1  ? 6.62297 6.38281 6.14011 -0.24495 -1.30722 2.19738  1  DT B O4    
303 C C5    . DT B 1  ? 5.74402 5.83269 5.59403 -0.38084 -1.31780 2.31075  1  DT B C5    
304 C C7    . DT B 1  ? 5.69003 5.89754 5.57995 -0.43298 -1.37039 2.26965  1  DT B C7    
305 C C6    . DT B 1  ? 5.65931 5.84972 5.65418 -0.41808 -1.29488 2.38971  1  DT B C6    
306 P P     . DC B 2  ? 7.78499 8.43425 8.43824 -0.45760 -1.19581 2.67561  2  DC B P     
307 O OP1   . DC B 2  ? 6.93241 7.81543 7.81602 -0.53619 -1.21804 2.75448  2  DC B OP1   
308 O OP2   . DC B 2  ? 7.47552 8.05240 8.00032 -0.43770 -1.22049 2.59671  2  DC B OP2   
309 O "O5'" . DC B 2  ? 6.84871 7.33123 7.43249 -0.36103 -1.12420 2.68838  2  DC B "O5'" 
310 C "C5'" . DC B 2  ? 6.62369 6.90250 7.01762 -0.27416 -1.09532 2.62310  2  DC B "C5'" 
311 C "C4'" . DC B 2  ? 6.11432 6.17954 6.35857 -0.20309 -1.03702 2.61442  2  DC B "C4'" 
312 O "O4'" . DC B 2  ? 5.62620 5.61804 5.75886 -0.21648 -1.05624 2.57943  2  DC B "O4'" 
313 C "C3'" . DC B 2  ? 5.52601 5.37744 5.58541 -0.10847 -0.99534 2.56196  2  DC B "C3'" 
314 O "O3'" . DC B 2  ? 6.00636 5.84956 6.13472 -0.07535 -0.94579 2.60758  2  DC B "O3'" 
315 C "C2'" . DC B 2  ? 5.51431 5.15582 5.38085 -0.06400 -0.96581 2.52971  2  DC B "C2'" 
316 C "C1'" . DC B 2  ? 5.57922 5.32154 5.48428 -0.13321 -1.01911 2.52448  2  DC B "C1'" 
317 N N1    . DC B 2  ? 5.61901 5.31529 5.40086 -0.12466 -1.06463 2.44716  2  DC B N1    
318 C C2    . DC B 2  ? 6.04780 5.52515 5.61167 -0.05734 -1.04533 2.39191  2  DC B C2    
319 O O2    . DC B 2  ? 6.12915 5.44470 5.59549 -0.01013 -0.98829 2.40809  2  DC B O2    
320 N N3    . DC B 2  ? 6.31050 5.75846 5.77628 -0.04598 -1.08805 2.32344  2  DC B N3    
321 C C4    . DC B 2  ? 6.29989 5.91829 5.86949 -0.10394 -1.14543 2.30697  2  DC B C4    
322 N N4    . DC B 2  ? 6.63282 6.21555 6.10238 -0.09086 -1.18483 2.23716  2  DC B N4    
323 C C5    . DC B 2  ? 5.67678 5.50906 5.45744 -0.17814 -1.16307 2.36312  2  DC B C5    
324 C C6    . DC B 2  ? 5.64862 5.51571 5.53166 -0.18317 -1.12292 2.43281  2  DC B C6    
325 P P     . DT B 3  ? 6.31774 6.03298 6.33818 -0.00109 -0.91570 2.56899  3  DT B P     
326 O OP1   . DT B 3  ? 5.67901 5.47099 5.84927 0.00288  -0.88057 2.63309  3  DT B OP1   
327 O OP2   . DT B 3  ? 5.75254 5.50357 5.72437 -0.01096 -0.96721 2.50936  3  DT B OP2   
328 O "O5'" . DT B 3  ? 4.84650 4.28590 4.62490 0.07700  -0.86455 2.52561  3  DT B "O5'" 
329 C "C5'" . DT B 3  ? 4.94400 4.29162 4.70586 0.08879  -0.81093 2.56665  3  DT B "C5'" 
330 C "C4'" . DT B 3  ? 5.11871 4.19553 4.62167 0.15454  -0.77322 2.51490  3  DT B "C4'" 
331 O "O4'" . DT B 3  ? 5.11107 4.16185 4.50956 0.15036  -0.81948 2.45943  3  DT B "O4'" 
332 C "C3'" . DT B 3  ? 5.21529 4.12061 4.56473 0.23014  -0.73903 2.47335  3  DT B "C3'" 
333 O "O3'" . DT B 3  ? 5.87796 4.53810 5.03176 0.28004  -0.68217 2.46034  3  DT B "O3'" 
334 C "C2'" . DT B 3  ? 5.17209 4.07827 4.43086 0.24685  -0.79029 2.40376  3  DT B "C2'" 
335 C "C1'" . DT B 3  ? 5.17828 4.08213 4.39662 0.21863  -0.81780 2.39164  3  DT B "C1'" 
336 N N1    . DT B 3  ? 5.07611 4.08167 4.30382 0.19525  -0.88522 2.34398  3  DT B N1    
337 C C2    . DT B 3  ? 5.15187 4.01641 4.19217 0.24844  -0.89348 2.27873  3  DT B C2    
338 O O2    . DT B 3  ? 5.30277 3.96128 4.16516 0.31630  -0.84634 2.26066  3  DT B O2    
339 N N3    . DT B 3  ? 5.24587 4.22391 4.31827 0.21893  -0.95721 2.23745  3  DT B N3    
340 C C4    . DT B 3  ? 5.75840 4.96027 5.01462 0.13833  -1.01088 2.25385  3  DT B C4    
341 O O4    . DT B 3  ? 6.14259 5.42254 5.40467 0.11181  -1.06469 2.21117  3  DT B O4    
342 C C5    . DT B 3  ? 5.74004 5.08015 5.18371 0.08713  -0.99728 2.32674  3  DT B C5    
343 C C7    . DT B 3  ? 5.61136 5.19884 5.26259 -0.00122 -1.04869 2.35650  3  DT B C7    
344 C C6    . DT B 3  ? 4.94747 4.18913 4.37393 0.12033  -0.93645 2.36794  3  DT B C6    
345 P P     . DG B 4  ? 6.69743 5.14149 5.66702 0.35553  -0.63673 2.42406  4  DG B P     
346 O OP1   . DG B 4  ? 5.83028 4.05161 4.64145 0.37874  -0.57745 2.43210  4  DG B OP1   
347 O OP2   . DG B 4  ? 6.29329 4.86344 5.41566 0.34800  -0.63498 2.45136  4  DG B OP2   
348 O "O5'" . DG B 4  ? 6.06507 4.42426 4.86145 0.40632  -0.67041 2.34462  4  DG B "O5'" 
349 C "C5'" . DG B 4  ? 6.31799 4.67659 5.08321 0.44311  -0.68136 2.30794  4  DG B "C5'" 
350 C "C4'" . DG B 4  ? 5.60230 3.82017 4.15740 0.51297  -0.68766 2.23621  4  DG B "C4'" 
351 O "O4'" . DG B 4  ? 5.48199 3.84364 4.09880 0.48474  -0.74738 2.21114  4  DG B "O4'" 
352 C "C3'" . DG B 4  ? 6.15949 4.33337 4.64503 0.56298  -0.68493 2.19694  4  DG B "C3'" 
353 O "O3'" . DG B 4  ? 5.72750 3.72354 3.99229 0.65013  -0.65630 2.14674  4  DG B "O3'" 
354 C "C2'" . DG B 4  ? 5.94174 4.34110 4.58220 0.51798  -0.74924 2.18431  4  DG B "C2'" 
355 C "C1'" . DG B 4  ? 5.91782 4.35168 4.54158 0.50196  -0.78090 2.16808  4  DG B "C1'" 
356 N N9    . DG B 4  ? 5.41634 4.07395 4.21108 0.42641  -0.84836 2.17050  4  DG B N9    
357 C C8    . DG B 4  ? 5.12431 3.95343 4.11438 0.34263  -0.87131 2.22562  4  DG B C8    
358 N N7    . DG B 4  ? 5.28819 4.29231 4.38985 0.28395  -0.93232 2.21416  4  DG B N7    
359 C C5    . DG B 4  ? 5.11953 4.06454 4.09469 0.33082  -0.95238 2.14469  4  DG B C5    
360 C C6    . DG B 4  ? 5.54433 4.60859 4.55577 0.29699  -1.01347 2.10126  4  DG B C6    
361 O O6    . DG B 4  ? 6.45455 5.69649 5.61256 0.21387  -1.06251 2.11634  4  DG B O6    
362 N N1    . DG B 4  ? 5.31601 4.27903 4.17533 0.36829  -1.01218 2.03645  4  DG B N1    
363 C C2    . DG B 4  ? 5.68858 4.46793 4.38545 0.46210  -0.95604 2.02062  4  DG B C2    
364 N N2    . DG B 4  ? 5.87157 4.61078 4.46287 0.52132  -0.96081 1.96426  4  DG B N2    
365 N N3    . DG B 4  ? 5.93607 4.58934 4.58453 0.49283  -0.89675 2.06051  4  DG B N3    
366 C C4    . DG B 4  ? 5.37185 4.11373 4.16436 0.42200  -0.90037 2.11932  4  DG B C4    
367 P P     . DT B 5  ? 6.59938 4.49764 4.75759 0.71061  -0.62327 2.09848  5  DT B P     
368 O OP1   . DT B 5  ? 5.93421 3.66421 3.95855 0.75153  -0.55188 2.06848  5  DT B OP1   
369 O OP2   . DT B 5  ? 5.78106 3.73597 4.04184 0.67256  -0.64409 2.13300  5  DT B OP2   
370 O "O5'" . DT B 5  ? 6.36041 4.38179 4.52606 0.75069  -0.64646 2.04635  5  DT B "O5'" 
371 C "C5'" . DT B 5  ? 6.44519 4.63498 4.72435 0.70451  -0.72164 2.05288  5  DT B "C5'" 
372 C "C4'" . DT B 5  ? 6.08898 4.35547 4.35240 0.74364  -0.73950 2.00484  5  DT B "C4'" 
373 O "O4'" . DT B 5  ? 5.73189 4.18004 4.12337 0.67256  -0.81723 1.98733  5  DT B "O4'" 
374 C "C3'" . DT B 5  ? 5.43919 3.68851 3.69839 0.75695  -0.72501 1.98861  5  DT B "C3'" 
375 O "O3'" . DT B 5  ? 5.37167 3.69500 3.61858 0.79989  -0.71765 1.93885  5  DT B "O3'" 
376 C "C2'" . DT B 5  ? 5.31293 3.72040 3.74361 0.66728  -0.78621 2.01342  5  DT B "C2'" 
377 C "C1'" . DT B 5  ? 5.20851 3.74943 3.69456 0.63300  -0.84256 1.98759  5  DT B "C1'" 
378 N N1    . DT B 5  ? 5.08783 3.80311 3.76190 0.53152  -0.89344 2.02120  5  DT B N1    
379 C C2    . DT B 5  ? 4.96192 3.83008 3.71580 0.48057  -0.95566 1.99272  5  DT B C2    
380 O O2    . DT B 5  ? 4.94269 3.80990 3.62236 0.51326  -0.97499 1.93752  5  DT B O2    
381 N N3    . DT B 5  ? 5.09512 4.12872 4.02774 0.38695  -0.99266 2.03443  5  DT B N3    
382 C C4    . DT B 5  ? 5.33718 4.41692 4.39031 0.34424  -0.97295 2.10393  5  DT B C4    
383 O O4    . DT B 5  ? 5.98410 5.23564 5.20773 0.26195  -1.00622 2.14356  5  DT B O4    
384 C C5    . DT B 5  ? 4.98397 3.90077 3.95119 0.40158  -0.90888 2.12848  5  DT B C5    
385 C C7    . DT B 5  ? 4.98822 3.94880 4.08404 0.36240  -0.88119 2.20332  5  DT B C7    
386 C C6    . DT B 5  ? 5.09990 3.83445 3.87552 0.48868  -0.87376 2.08449  5  DT B C6    
387 P P     . DA B 6  ? 6.05330 3.29525 8.47252 0.53945  1.05638  0.15245  6  DA B P     
388 O OP1   . DA B 6  ? 5.16755 2.43059 7.61569 0.59409  1.13906  0.18390  6  DA B OP1   
389 O OP2   . DA B 6  ? 5.41871 2.46713 7.60468 0.55986  0.96001  0.11679  6  DA B OP2   
390 O "O5'" . DA B 6  ? 5.81567 3.01835 8.24410 0.49778  0.94057  0.17743  6  DA B "O5'" 
391 C "C5'" . DA B 6  ? 4.59317 1.98460 7.25859 0.46352  1.00699  0.20999  6  DA B "C5'" 
392 C "C4'" . DA B 6  ? 4.69661 2.07221 7.38046 0.40316  0.89604  0.22230  6  DA B "C4'" 
393 O "O4'" . DA B 6  ? 4.97182 2.49860 7.79758 0.33978  0.92671  0.19279  6  DA B "O4'" 
394 C "C3'" . DA B 6  ? 4.94058 2.03623 7.33845 0.40947  0.72024  0.22531  6  DA B "C3'" 
395 O "O3'" . DA B 6  ? 4.82484 1.91083 7.25734 0.36542  0.64217  0.26206  6  DA B "O3'" 
396 C "C2'" . DA B 6  ? 4.84482 1.90907 7.17783 0.37443  0.68421  0.18450  6  DA B "C2'" 
397 C "C1'" . DA B 6  ? 4.77117 2.12417 7.40032 0.32051  0.79848  0.17374  6  DA B "C1'" 
398 N N9    . DA B 6  ? 4.71485 2.13269 7.36557 0.31763  0.86129  0.13328  6  DA B N9    
399 C C8    . DA B 6  ? 4.58044 1.89292 7.08339 0.36986  0.88228  0.10988  6  DA B C8    
400 N N7    . DA B 6  ? 4.47659 1.88723 7.04493 0.35078  0.94342  0.07875  6  DA B N7    
401 C C5    . DA B 6  ? 4.27964 1.87316 7.05233 0.28434  0.96379  0.07987  6  DA B C5    
402 C C6    . DA B 6  ? 4.14535 1.91089 7.07263 0.23878  1.02328  0.05495  6  DA B C6    
403 N N6    . DA B 6  ? 4.25772 2.03601 7.15395 0.25070  1.07670  0.02607  6  DA B N6    
404 N N1    . DA B 6  ? 4.40969 2.33529 7.52580 0.18188  1.02496  0.06161  6  DA B N1    
405 C C2    . DA B 6  ? 4.09689 2.01066 7.24548 0.16822  0.97111  0.09322  6  DA B C2    
406 N N3    . DA B 6  ? 4.10435 1.86378 7.12004 0.20342  0.91361  0.12186  6  DA B N3    
407 C C4    . DA B 6  ? 4.26965 1.87178 7.09750 0.26312  0.91332  0.11245  6  DA B C4    
408 P P     . DC B 7  ? 5.62297 2.48372 7.83306 0.32395  0.47433  0.26785  7  DC B P     
409 O OP1   . DC B 7  ? 5.70228 2.53688 7.92911 0.30695  0.42040  0.31756  7  DC B OP1   
410 O OP2   . DC B 7  ? 5.41501 2.02771 7.33926 0.36859  0.40597  0.23994  7  DC B OP2   
411 O "O5'" . DC B 7  ? 4.84549 1.85609 7.20525 0.24144  0.47646  0.24942  7  DC B "O5'" 
412 C "C5'" . DC B 7  ? 4.60098 1.86590 7.24669 0.19366  0.54508  0.26430  7  DC B "C5'" 
413 C "C4'" . DC B 7  ? 4.49371 1.84666 7.22119 0.11846  0.51146  0.24889  7  DC B "C4'" 
414 O "O4'" . DC B 7  ? 4.39921 1.83865 7.17521 0.13042  0.58862  0.20600  7  DC B "O4'" 
415 C "C3'" . DC B 7  ? 4.69013 1.82935 7.19938 0.07406  0.36249  0.25749  7  DC B "C3'" 
416 O "O3'" . DC B 7  ? 4.91319 2.17243 7.56338 -0.00695 0.32219  0.27704  7  DC B "O3'" 
417 C "C2'" . DC B 7  ? 4.75142 1.81142 7.14008 0.08823  0.36064  0.21724  7  DC B "C2'" 
418 C "C1'" . DC B 7  ? 4.71224 2.03412 7.34910 0.09458  0.49691  0.19204  7  DC B "C1'" 
419 N N1    . DC B 7  ? 4.71371 2.00142 7.27359 0.13587  0.54607  0.15335  7  DC B N1    
420 C C2    . DC B 7  ? 4.56502 2.01144 7.26185 0.10651  0.60256  0.12744  7  DC B C2    
421 O O2    . DC B 7  ? 4.88436 2.49576 7.76160 0.05027  0.60962  0.13490  7  DC B O2    
422 N N3    . DC B 7  ? 4.38362 1.79985 7.01139 0.14216  0.64791  0.09560  7  DC B N3    
423 C C4    . DC B 7  ? 4.56686 1.80507 6.99903 0.20487  0.63568  0.08773  7  DC B C4    
424 N N4    . DC B 7  ? 4.58751 1.80629 6.96152 0.23651  0.68051  0.05750  7  DC B N4    
425 C C5    . DC B 7  ? 4.73925 1.81238 7.02668 0.23928  0.57607  0.11125  7  DC B C5    
426 C C6    . DC B 7  ? 4.86121 1.96429 7.21751 0.20284  0.53412  0.14437  7  DC B C6    
427 P P     . DG B 8  ? 6.25265 3.34416 8.74127 -0.07498 0.17960  0.29757  8  DG B P     
428 O OP1   . DG B 8  ? 5.02118 2.14335 7.57708 -0.11080 0.13814  0.34159  8  DG B OP1   
429 O OP2   . DG B 8  ? 6.68411 3.50985 8.88805 -0.04246 0.11929  0.27999  8  DG B OP2   
430 O "O5'" . DG B 8  ? 5.48970 2.73947 8.12172 -0.14042 0.18038  0.28490  8  DG B "O5'" 
431 C "C5'" . DG B 8  ? 4.79420 2.31819 7.70792 -0.16372 0.25938  0.28580  8  DG B "C5'" 
432 C "C4'" . DG B 8  ? 4.65306 2.29336 7.65791 -0.21025 0.26024  0.26854  8  DG B "C4'" 
433 O "O4'" . DG B 8  ? 4.63600 2.28854 7.62326 -0.16243 0.33456  0.22806  8  DG B "O4'" 
434 C "C3'" . DG B 8  ? 4.83355 2.33577 7.69407 -0.27420 0.13555  0.28600  8  DG B "C3'" 
435 O "O3'" . DG B 8  ? 4.81976 2.50170 7.85012 -0.33777 0.12757  0.29558  8  DG B "O3'" 
436 C "C2'" . DG B 8  ? 4.64221 1.98762 7.32252 -0.23802 0.13049  0.25629  8  DG B "C2'" 
437 C "C1'" . DG B 8  ? 4.30627 1.81431 7.12852 -0.18386 0.25963  0.22134  8  DG B "C1'" 
438 N N9    . DG B 8  ? 4.43635 1.79473 7.08974 -0.11645 0.28570  0.19361  8  DG B N9    
439 C C8    . DG B 8  ? 4.62541 1.79062 7.09168 -0.06456 0.26274  0.19541  8  DG B C8    
440 N N7    . DG B 8  ? 4.71331 1.77910 7.05395 -0.00775 0.29269  0.16638  8  DG B N7    
441 C C5    . DG B 8  ? 4.57034 1.77340 7.02578 -0.02526 0.34025  0.14523  8  DG B C5    
442 C C6    . DG B 8  ? 4.79442 1.97882 7.19843 0.01371  0.38810  0.11270  8  DG B C6    
443 O O6    . DG B 8  ? 4.73046 1.76919 6.97143 0.07315  0.39539  0.09468  8  DG B O6    
444 N N1    . DG B 8  ? 5.06786 2.42585 7.63138 -0.02205 0.42863  0.10233  8  DG B N1    
445 C C2    . DG B 8  ? 4.96397 2.49101 7.70987 -0.08447 0.42180  0.11968  8  DG B C2    
446 N N2    . DG B 8  ? 5.31437 2.99228 8.19155 -0.10670 0.46549  0.10572  8  DG B N2    
447 N N3    . DG B 8  ? 4.24063 1.78907 7.03649 -0.12148 0.37513  0.14946  8  DG B N3    
448 C C4    . DG B 8  ? 4.39978 1.78196 7.04614 -0.09023 0.33722  0.16129  8  DG B C4    
449 P P     . DG B 9  ? 5.79660 3.39730 8.73674 -0.41271 0.01416  0.31648  9  DG B P     
450 O OP1   . DG B 9  ? 5.85031 3.64429 8.97775 -0.47795 -0.00212 0.34218  9  DG B OP1   
451 O OP2   . DG B 9  ? 4.55494 1.90336 7.26406 -0.41461 -0.07488 0.32859  9  DG B OP2   
452 O "O5'" . DG B 9  ? 4.72496 2.33314 7.64433 -0.39572 0.04836  0.28694  9  DG B "O5'" 
453 C "C5'" . DG B 9  ? 4.60564 2.42873 7.71802 -0.37423 0.15330  0.26171  9  DG B "C5'" 
454 C "C4'" . DG B 9  ? 4.71979 2.51678 7.78128 -0.36266 0.16839  0.23958  9  DG B "C4'" 
455 O "O4'" . DG B 9  ? 4.39889 2.05879 7.32052 -0.29170 0.20886  0.21010  9  DG B "O4'" 
456 C "C3'" . DG B 9  ? 4.31341 1.98230 7.24811 -0.41818 0.06028  0.26451  9  DG B "C3'" 
457 O "O3'" . DG B 9  ? 4.58657 2.37127 7.61149 -0.43416 0.08767  0.25808  9  DG B "O3'" 
458 C "C2'" . DG B 9  ? 4.70280 2.11193 7.39266 -0.37482 0.02580  0.25140  9  DG B "C2'" 
459 C "C1'" . DG B 9  ? 4.53566 1.99393 7.25570 -0.29723 0.13510  0.21222  9  DG B "C1'" 
460 N N9    . DG B 9  ? 4.54991 1.79845 7.06710 -0.23720 0.12884  0.19690  9  DG B N9    
461 C C8    . DG B 9  ? 4.68072 1.80217 7.09258 -0.22492 0.09018  0.20985  9  DG B C8    
462 N N7    . DG B 9  ? 4.84756 1.78669 7.07304 -0.16285 0.09473  0.19055  9  DG B N7    
463 C C5    . DG B 9  ? 4.82369 1.77294 7.03350 -0.13383 0.13818  0.16300  9  DG B C5    
464 C C6    . DG B 9  ? 4.95824 1.75928 7.00144 -0.06725 0.15981  0.13413  9  DG B C6    
465 O O6    . DG B 9  ? 5.13407 1.75656 6.99965 -0.01692 0.14405  0.12595  9  DG B O6    
466 N N1    . DG B 9  ? 5.18728 2.06633 7.28523 -0.06043 0.20395  0.11449  9  DG B N1    
467 C C2    . DG B 9  ? 4.91029 1.98283 7.19672 -0.10988 0.22584  0.12208  9  DG B C2    
468 N N2    . DG B 9  ? 4.62718 1.74858 6.93980 -0.09363 0.27043  0.10225  9  DG B N2    
469 N N3    . DG B 9  ? 4.80765 2.01696 7.24515 -0.17009 0.20491  0.14807  9  DG B N3    
470 C C4    . DG B 9  ? 4.63984 1.77840 7.02965 -0.17949 0.16047  0.16730  9  DG B C4    
471 P P     . DA B 10 ? 4.91322 2.63819 7.87948 -0.49926 -0.00709 0.29054  10 DA B P     
472 O OP1   . DA B 10 ? 4.77928 2.73244 7.94233 -0.54226 0.01763  0.30337  10 DA B OP1   
473 O OP2   . DA B 10 ? 4.39266 1.94909 7.22331 -0.53560 -0.11013 0.31851  10 DA B OP2   
474 O "O5'" . DA B 10 ? 4.82913 2.42396 7.66510 -0.45650 0.00912  0.26790  10 DA B "O5'" 
475 C "C5'" . DA B 10 ? 4.15718 1.84741 7.06314 -0.39873 0.11457  0.22972  10 DA B "C5'" 
476 C "C4'" . DA B 10 ? 4.24596 1.83467 7.04860 -0.38130 0.10810  0.22200  10 DA B "C4'" 
477 O "O4'" . DA B 10 ? 4.40644 1.80617 7.02791 -0.31689 0.12017  0.19473  10 DA B "O4'" 
478 C "C3'" . DA B 10 ? 4.38675 1.86586 7.10466 -0.43818 0.00660  0.26018  10 DA B "C3'" 
479 O "O3'" . DA B 10 ? 4.34813 1.86402 7.09278 -0.43717 0.02632  0.26101  10 DA B "O3'" 
480 C "C2'" . DA B 10 ? 4.64539 1.85839 7.13351 -0.41392 -0.05154 0.25516  10 DA B "C2'" 
481 C "C1'" . DA B 10 ? 4.74202 1.90822 7.16355 -0.33132 0.02724  0.21136  10 DA B "C1'" 
482 N N9    . DA B 10 ? 4.92019 1.92657 7.19726 -0.30042 0.00529  0.20192  10 DA B N9    
483 C C8    . DA B 10 ? 4.97761 1.99105 7.27700 -0.33031 -0.03224 0.22067  10 DA B C8    
484 N N7    . DA B 10 ? 5.19598 2.04578 7.34344 -0.28992 -0.04311 0.20864  10 DA B N7    
485 C C5    . DA B 10 ? 5.06783 1.79303 7.07883 -0.22829 -0.01142 0.17860  10 DA B C5    
486 C C6    . DA B 10 ? 5.25105 1.77919 7.06376 -0.16287 -0.00569 0.15439  10 DA B C6    
487 N N6    . DA B 10 ? 5.36224 1.78240 7.08088 -0.14888 -0.03050 0.15827  10 DA B N6    
488 N N1    . DA B 10 ? 5.31743 1.76562 7.03262 -0.11152 0.02619  0.12749  10 DA B N1    
489 C C2    . DA B 10 ? 5.20230 1.76356 7.01888 -0.12615 0.05238  0.12638  10 DA B C2    
490 N N3    . DA B 10 ? 5.02620 1.77365 7.02985 -0.18504 0.05248  0.14879  10 DA B N3    
491 C C4    . DA B 10 ? 4.96863 1.78928 7.05958 -0.23424 0.01859  0.17394  10 DA B C4    
492 P P     . DC B 11 ? 4.66034 2.07346 7.33514 -0.48793 -0.06313 0.30162  11 DC B P     
493 O OP1   . DC B 11 ? 5.34382 2.90762 8.14474 -0.50254 -0.02731 0.31266  11 DC B OP1   
494 O OP2   . DC B 11 ? 4.55750 1.94295 7.22883 -0.54876 -0.14847 0.33657  11 DC B OP2   
495 O "O5'" . DC B 11 ? 4.99219 2.14985 7.44570 -0.43610 -0.07989 0.28056  11 DC B "O5'" 
496 C "C5'" . DC B 11 ? 4.99432 2.12875 7.40137 -0.36454 -0.00339 0.24018  11 DC B "C5'" 
497 C "C4'" . DC B 11 ? 4.94855 1.83066 7.13810 -0.32741 -0.03647 0.22880  11 DC B "C4'" 
498 O "O4'" . DC B 11 ? 5.68682 2.41225 7.72589 -0.28961 -0.04582 0.20513  11 DC B "O4'" 
499 C "C3'" . DC B 11 ? 5.10572 1.86906 7.23408 -0.37732 -0.12237 0.26552  11 DC B "C3'" 
500 O "O3'" . DC B 11 ? 5.49182 2.11138 7.50172 -0.34150 -0.11876 0.25592  11 DC B "O3'" 
501 C "C2'" . DC B 11 ? 5.26646 1.88427 7.28281 -0.39036 -0.18058 0.26583  11 DC B "C2'" 
502 C "C1'" . DC B 11 ? 5.63114 2.16237 7.53103 -0.31605 -0.12689 0.22118  11 DC B "C1'" 
503 N N1    . DC B 11 ? 6.05979 2.53731 7.91136 -0.31981 -0.15145 0.21776  11 DC B N1    
504 C C2    . DC B 11 ? 6.46930 2.76277 8.13793 -0.26035 -0.14004 0.18673  11 DC B C2    
505 O O2    . DC B 11 ? 7.19631 3.37306 8.74140 -0.20478 -0.11074 0.16061  11 DC B O2    
506 N N3    . DC B 11 ? 6.06107 2.31049 7.69291 -0.26472 -0.16201 0.18800  11 DC B N3    
507 C C4    . DC B 11 ? 5.47434 1.85596 7.24501 -0.32571 -0.19571 0.21753  11 DC B C4    
508 N N4    . DC B 11 ? 5.52571 1.86113 7.25963 -0.32764 -0.21697 0.22002  11 DC B N4    
509 C C5    . DC B 11 ? 5.30828 1.87690 7.26127 -0.38660 -0.20932 0.24773  11 DC B C5    
510 C C6    . DC B 11 ? 5.50480 2.11328 7.49009 -0.38105 -0.18600 0.24719  11 DC B C6    
511 P P     . DA B 12 ? 6.92040 3.53638 8.97360 -0.38467 -0.16197 0.29746  12 DA B P     
512 O OP1   . DA B 12 ? 6.75665 3.54032 8.93685 -0.37300 -0.10076 0.29947  12 DA B OP1   
513 O OP2   . DA B 12 ? 6.53033 3.18631 8.65726 -0.45922 -0.23622 0.33953  12 DA B OP2   
514 O "O5'" . DA B 12 ? 7.23419 3.58663 9.08228 -0.34484 -0.18414 0.28108  12 DA B "O5'" 
515 C "C5'" . DA B 12 ? 7.26091 3.53306 9.00460 -0.27215 -0.12702 0.24335  12 DA B "C5'" 
516 C "C4'" . DA B 12 ? 7.42779 3.46381 8.95556 -0.22417 -0.13533 0.20711  12 DA B "C4'" 
517 O "O4'" . DA B 12 ? 7.02580 3.06961 8.54560 -0.23702 -0.15071 0.19962  12 DA B "O4'" 
518 C "C3'" . DA B 12 ? 7.74214 3.56621 9.14734 -0.23531 -0.18720 0.21585  12 DA B "C3'" 
519 O "O3'" . DA B 12 ? 8.01822 3.65033 9.23489 -0.16586 -0.15689 0.17625  12 DA B "O3'" 
520 C "C2'" . DA B 12 ? 7.78242 3.56224 9.17989 -0.27986 -0.24287 0.22445  12 DA B "C2'" 
521 C "C1'" . DA B 12 ? 7.32944 3.18171 8.72362 -0.25145 -0.20505 0.19931  12 DA B "C1'" 
522 N N9    . DA B 12 ? 6.97385 2.90591 8.45185 -0.30464 -0.24681 0.21865  12 DA B N9    
523 C C8    . DA B 12 ? 6.73013 2.84197 8.38789 -0.37290 -0.28064 0.25908  12 DA B C8    
524 N N7    . DA B 12 ? 6.55366 2.70317 8.25077 -0.40902 -0.31694 0.26893  12 DA B N7    
525 C C5    . DA B 12 ? 6.64459 2.62773 8.17943 -0.36108 -0.30465 0.23341  12 DA B C5    
526 C C6    . DA B 12 ? 6.91598 2.84968 8.40738 -0.36676 -0.32844 0.22647  12 DA B C6    
527 N N6    . DA B 12 ? 7.33445 3.38877 8.94860 -0.42658 -0.37373 0.25531  12 DA B N6    
528 N N1    . DA B 12 ? 7.02726 2.78453 8.34491 -0.30797 -0.30383 0.19063  12 DA B N1    
529 C C2    . DA B 12 ? 6.88697 2.52512 8.07890 -0.24777 -0.25942 0.16249  12 DA B C2    
530 N N3    . DA B 12 ? 6.78400 2.45334 8.00049 -0.23652 -0.23631 0.16485  12 DA B N3    
531 C C4    . DA B 12 ? 6.76149 2.60803 8.15656 -0.29596 -0.26055 0.20188  12 DA B C4    
532 P P     . DG B 13 ? 8.40286 3.81457 9.49489 -0.15928 -0.18337 0.17532  13 DG B P     
533 O OP1   . DG B 13 ? 8.26204 3.60575 9.26254 -0.09441 -0.13584 0.15178  13 DG B OP1   
534 O OP2   . DG B 13 ? 7.25733 2.72322 8.47886 -0.23123 -0.24145 0.22335  13 DG B OP2   
535 O "O5'" . DG B 13 ? 8.28398 3.50673 9.21891 -0.14251 -0.19600 0.14286  13 DG B "O5'" 
536 C "C5'" . DG B 13 ? 7.99700 3.17666 8.81653 -0.08424 -0.15337 0.10451  13 DG B "C5'" 
537 C "C4'" . DG B 13 ? 8.02993 3.04499 8.73119 -0.08148 -0.16945 0.08263  13 DG B "C4'" 
538 O "O4'" . DG B 13 ? 7.98844 3.11621 8.79842 -0.13484 -0.20884 0.10297  13 DG B "O4'" 
539 C "C3'" . DG B 13 ? 8.08997 2.93401 8.73993 -0.10143 -0.20014 0.07901  13 DG B "C3'" 
540 O "O3'" . DG B 13 ? 8.21643 2.87355 8.70430 -0.05495 -0.17082 0.03689  13 DG B "O3'" 
541 C "C2'" . DG B 13 ? 7.69627 2.62677 8.49023 -0.18397 -0.27531 0.11263  13 DG B "C2'" 
542 C "C1'" . DG B 13 ? 7.78852 2.83409 8.61654 -0.18650 -0.26958 0.11274  13 DG B "C1'" 
543 N N9    . DG B 13 ? 7.67948 2.90093 8.68363 -0.26060 -0.32595 0.15412  13 DG B N9    
544 C C8    . DG B 13 ? 7.56780 2.94796 8.72459 -0.30444 -0.34521 0.19413  13 DG B C8    
545 N N7    . DG B 13 ? 7.22712 2.74777 8.52104 -0.36706 -0.39404 0.22647  13 DG B N7    
546 C C5    . DG B 13 ? 7.33931 2.79115 8.56908 -0.36506 -0.41121 0.20685  13 DG B C5    
547 C C6    . DG B 13 ? 7.19084 2.73345 8.50988 -0.41821 -0.46379 0.22710  13 DG B C6    
548 O O6    . DG B 13 ? 6.71542 2.42201 8.18934 -0.47910 -0.50489 0.26680  13 DG B O6    
549 N N1    . DG B 13 ? 7.45523 2.88151 8.66735 -0.39459 -0.46586 0.19819  13 DG B N1    
550 C C2    . DG B 13 ? 7.38504 2.63223 8.42662 -0.32715 -0.41864 0.15507  13 DG B C2    
551 N N2    . DG B 13 ? 7.16720 2.32920 8.13454 -0.31367 -0.42733 0.13479  13 DG B N2    
552 N N3    . DG B 13 ? 7.38527 2.54503 8.33830 -0.27680 -0.36715 0.13498  13 DG B N3    
553 C C4    . DG B 13 ? 7.47965 2.74880 8.53375 -0.29963 -0.36852 0.16273  13 DG B C4    
554 P P     . DC B 14 ? 7.91180 2.37512 8.33932 -0.05999 -0.18484 0.01651  14 DC B P     
555 O OP1   . DC B 14 ? 8.01256 2.31408 8.26810 0.01433  -0.11551 -0.02984 14 DC B OP1   
556 O OP2   . DC B 14 ? 7.54568 2.03576 8.05747 -0.09204 -0.21327 0.04664  14 DC B OP2   
557 O "O5'" . DC B 14 ? 8.03716 2.49970 8.53707 -0.12114 -0.25619 0.01986  14 DC B "O5'" 
558 C "C5'" . DC B 14 ? 7.80073 2.26277 8.25955 -0.10691 -0.24798 0.00166  14 DC B "C5'" 
559 C "C4'" . DC B 14 ? 8.01608 2.49430 8.56228 -0.17581 -0.33630 0.01112  14 DC B "C4'" 
560 O "O4'" . DC B 14 ? 7.98427 2.65114 8.66704 -0.22974 -0.38021 0.05601  14 DC B "O4'" 
561 C "C3'" . DC B 14 ? 8.36495 2.74944 8.94830 -0.22240 -0.40201 0.00883  14 DC B "C3'" 
562 O "O3'" . DC B 14 ? 8.30037 2.51187 8.79019 -0.19998 -0.40123 -0.04149 14 DC B "O3'" 
563 C "C2'" . DC B 14 ? 8.35496 2.86274 9.08041 -0.30673 -0.49780 0.04913  14 DC B "C2'" 
564 C "C1'" . DC B 14 ? 8.09743 2.77708 8.87401 -0.30414 -0.47473 0.07422  14 DC B "C1'" 
565 N N1    . DC B 14 ? 7.94960 2.81582 8.88314 -0.36106 -0.51283 0.12768  14 DC B N1    
566 C C2    . DC B 14 ? 7.52709 2.53371 8.56842 -0.41432 -0.56482 0.15660  14 DC B C2    
567 O O2    . DC B 14 ? 7.81133 2.78212 8.81558 -0.41587 -0.58491 0.13983  14 DC B O2    
568 N N3    . DC B 14 ? 7.19813 2.37996 8.38896 -0.46493 -0.59369 0.20428  14 DC B N3    
569 C C4    . DC B 14 ? 7.36149 2.58184 8.59591 -0.46248 -0.57332 0.22416  14 DC B C4    
570 N N4    . DC B 14 ? 7.27376 2.67593 8.66379 -0.51275 -0.60031 0.27223  14 DC B N4    
571 C C5    . DC B 14 ? 7.92782 3.00576 9.05204 -0.40810 -0.52313 0.19713  14 DC B C5    
572 C C6    . DC B 14 ? 8.05713 2.96152 9.03259 -0.35908 -0.49348 0.14895  14 DC B C6    
573 P P     . DT B 15 ? 8.34954 2.53411 8.83632 -0.22565 -0.45889 -0.06245 15 DT B P     
574 O OP1   . DT B 15 ? 7.84161 2.16391 8.35910 -0.22346 -0.44785 -0.03743 15 DT B OP1   
575 O OP2   . DT B 15 ? 8.21004 2.22469 8.58864 -0.17935 -0.42667 -0.12033 15 DT B OP2   
576 O "O5'" . DT B 15 ? 8.35070 2.54226 8.93782 -0.31419 -0.57403 -0.04362 15 DT B "O5'" 
577 C "C5'" . DT B 15 ? 8.21700 2.32622 8.78990 -0.34951 -0.64812 -0.07324 15 DT B "C5'" 
578 C "C4'" . DT B 15 ? 8.09135 2.32936 8.73962 -0.39920 -0.71146 -0.04215 15 DT B "C4'" 
579 O "O4'" . DT B 15 ? 7.88101 2.29715 8.63344 -0.42039 -0.70235 0.01493  15 DT B "O4'" 
580 C "C3'" . DT B 15 ? 8.19705 2.40488 8.89892 -0.47907 -0.82760 -0.04279 15 DT B "C3'" 
581 O "O3'" . DT B 15 ? 8.15112 2.40962 8.86078 -0.50108 -0.87230 -0.04123 15 DT B "O3'" 
582 C "C2'" . DT B 15 ? 8.08736 2.41929 8.91818 -0.53401 -0.86499 0.01509  15 DT B "C2'" 
583 C "C1'" . DT B 15 ? 7.85547 2.34889 8.72369 -0.50330 -0.79961 0.05057  15 DT B "C1'" 
584 N N1    . DT B 15 ? 7.72763 2.34032 8.69780 -0.52447 -0.79161 0.09932  15 DT B N1    
585 C C2    . DT B 15 ? 7.54713 2.34325 8.64740 -0.57618 -0.83121 0.15046  15 DT B C2    
586 O O2    . DT B 15 ? 7.48588 2.35108 8.62044 -0.60549 -0.87142 0.15898  15 DT B O2    
587 N N3    . DT B 15 ? 7.43897 2.33929 8.63259 -0.59205 -0.82067 0.19244  15 DT B N3    
588 C C4    . DT B 15 ? 7.49552 2.33191 8.66289 -0.56200 -0.77801 0.19076  15 DT B C4    
589 O O4    . DT B 15 ? 7.50954 2.45278 8.77101 -0.57966 -0.77402 0.23285  15 DT B O4    
590 C C5    . DT B 15 ? 7.69001 2.32863 8.71613 -0.50833 -0.73765 0.13686  15 DT B C5    
591 C C7    . DT B 15 ? 7.77054 2.32326 8.75739 -0.47190 -0.68844 0.13185  15 DT B C7    
592 C C6    . DT B 15 ? 7.79419 2.33404 8.73204 -0.49288 -0.74565 0.09323  15 DT B C6    
593 P P     . DA B 16 ? 8.52123 3.05229 8.63551 -0.39864 -1.40829 0.49406  16 DA B P     
594 O OP1   . DA B 16 ? 8.29371 2.87624 8.49724 -0.45402 -1.45522 0.59056  16 DA B OP1   
595 O OP2   . DA B 16 ? 7.80049 2.35652 7.83992 -0.36080 -1.37030 0.43927  16 DA B OP2   
596 O "O5'" . DA B 16 ? 7.89425 2.36847 7.97450 -0.33419 -1.32483 0.42909  16 DA B "O5'" 
597 C "C5'" . DA B 16 ? 7.90378 2.33136 7.91137 -0.28116 -1.27477 0.34249  16 DA B "C5'" 
598 C "C4'" . DA B 16 ? 7.85649 2.27660 7.82117 -0.21362 -1.17310 0.28489  16 DA B "C4'" 
599 O "O4'" . DA B 16 ? 7.87582 2.25379 7.78101 -0.16826 -1.13232 0.20800  16 DA B "O4'" 
600 C "C3'" . DA B 16 ? 7.94127 2.42093 7.87170 -0.18817 -1.11600 0.27120  16 DA B "C3'" 
601 O "O3'" . DA B 16 ? 7.94298 2.42164 7.86621 -0.14557 -1.04003 0.25060  16 DA B "O3'" 
602 C "C2'" . DA B 16 ? 7.72010 2.19880 7.57755 -0.15866 -1.09263 0.20469  16 DA B "C2'" 
603 C "C1'" . DA B 16 ? 7.79419 2.20923 7.63674 -0.13808 -1.08441 0.16113  16 DA B "C1'" 
604 N N9    . DA B 16 ? 7.82308 2.22128 7.63293 -0.14770 -1.12314 0.13391  16 DA B N9    
605 C C8    . DA B 16 ? 7.83111 2.24759 7.65080 -0.19310 -1.19713 0.16810  16 DA B C8    
606 N N7    . DA B 16 ? 7.86070 2.25337 7.64120 -0.18973 -1.21813 0.12966  16 DA B N7    
607 C C5    . DA B 16 ? 7.87023 2.23011 7.61516 -0.13913 -1.15250 0.06725  16 DA B C5    
608 C C6    . DA B 16 ? 7.89870 2.22651 7.59646 -0.11191 -1.13825 0.00678  16 DA B C6    
609 N N6    . DA B 16 ? 7.92335 2.24371 7.59706 -0.13147 -1.18918 -0.00332 16 DA B N6    
610 N N1    . DA B 16 ? 7.90380 2.20824 7.58121 -0.06434 -1.07319 -0.04159 16 DA B N1    
611 C C2    . DA B 16 ? 7.88411 2.19367 7.58467 -0.04496 -1.02678 -0.03112 16 DA B C2    
612 N N3    . DA B 16 ? 7.85599 2.19258 7.59783 -0.06559 -1.03165 0.02157  16 DA B N3    
613 C C4    . DA B 16 ? 7.84932 2.21166 7.61271 -0.11340 -1.09577 0.06990  16 DA B C4    
614 P P     . DC B 17 ? 7.94947 2.47782 7.82742 -0.10575 -0.96412 0.21872  17 DC B P     
615 O OP1   . DC B 17 ? 8.09514 2.63001 8.00353 -0.09261 -0.92390 0.24152  17 DC B OP1   
616 O OP2   . DC B 17 ? 7.56191 2.13867 7.42717 -0.12784 -1.00050 0.23570  17 DC B OP2   
617 O "O5'" . DC B 17 ? 7.60616 2.10966 7.41971 -0.05474 -0.90316 0.13734  17 DC B "O5'" 
618 C "C5'" . DC B 17 ? 7.69968 2.15301 7.51466 -0.02506 -0.87043 0.10804  17 DC B "C5'" 
619 C "C4'" . DC B 17 ? 7.64528 2.08879 7.40329 0.01750  -0.82059 0.03678  17 DC B "C4'" 
620 O "O4'" . DC B 17 ? 7.91821 2.34217 7.65333 0.00384  -0.86448 0.01605  17 DC B "O4'" 
621 C "C3'" . DC B 17 ? 7.54908 2.04681 7.26675 0.04199  -0.76483 0.00979  17 DC B "C3'" 
622 O "O3'" . DC B 17 ? 7.54278 2.02940 7.24290 0.08408  -0.70231 -0.03133 17 DC B "O3'" 
623 C "C2'" . DC B 17 ? 7.53489 2.04547 7.20906 0.03520  -0.79206 -0.01831 17 DC B "C2'" 
624 C "C1'" . DC B 17 ? 7.80992 2.26372 7.48925 0.02823  -0.82903 -0.03203 17 DC B "C1'" 
625 N N1    . DC B 17 ? 7.83224 2.28576 7.49029 0.00316  -0.88625 -0.03543 17 DC B N1    
626 C C2    . DC B 17 ? 7.75282 2.18180 7.37078 0.02022  -0.88516 -0.08627 17 DC B C2    
627 O O2    . DC B 17 ? 7.72636 2.13542 7.32885 0.05552  -0.83827 -0.12712 17 DC B O2    
628 N N3    . DC B 17 ? 7.68548 2.11305 7.28293 -0.00269 -0.93991 -0.08839 17 DC B N3    
629 C C4    . DC B 17 ? 7.67823 2.12644 7.29507 -0.04131 -0.99769 -0.04185 17 DC B C4    
630 N N4    . DC B 17 ? 7.70240 2.14532 7.29760 -0.06291 -1.05649 -0.04534 17 DC B N4    
631 C C5    . DC B 17 ? 7.64916 2.12465 7.30950 -0.05998 -1.00194 0.01169  17 DC B C5    
632 C C6    . DC B 17 ? 7.62929 2.10676 7.30798 -0.03658 -0.94360 0.01239  17 DC B C6    
633 P P     . DG B 18 ? 8.12770 2.66369 7.79290 0.11049  -0.64409 -0.05923 18 DG B P     
634 O OP1   . DG B 18 ? 7.71957 2.25273 7.40847 0.13109  -0.59926 -0.04979 18 DG B OP1   
635 O OP2   . DG B 18 ? 7.45667 2.04181 7.10334 0.09139  -0.66512 -0.04512 18 DG B OP2   
636 O "O5'" . DG B 18 ? 7.97005 2.48847 7.59183 0.13710  -0.62678 -0.11945 18 DG B "O5'" 
637 C "C5'" . DG B 18 ? 7.92932 2.39807 7.55588 0.16326  -0.61125 -0.14680 18 DG B "C5'" 
638 C "C4'" . DG B 18 ? 8.01091 2.47125 7.59255 0.18486  -0.60166 -0.20153 18 DG B "C4'" 
639 O "O4'" . DG B 18 ? 7.98083 2.43480 7.54456 0.16344  -0.64707 -0.20757 18 DG B "O4'" 
640 C "C3'" . DG B 18 ? 7.47692 1.98393 7.02171 0.19942  -0.56551 -0.22502 18 DG B "C3'" 
641 O "O3'" . DG B 18 ? 7.78220 2.26603 7.29610 0.22759  -0.55031 -0.27266 18 DG B "O3'" 
642 C "C2'" . DG B 18 ? 7.43514 1.97652 6.95452 0.17497  -0.59744 -0.21971 18 DG B "C2'" 
643 C "C1'" . DG B 18 ? 7.50504 2.00394 7.02615 0.16283  -0.64120 -0.22689 18 DG B "C1'" 
644 N N9    . DG B 18 ? 7.49866 2.00997 7.01824 0.13044  -0.69216 -0.20236 18 DG B N9    
645 C C8    . DG B 18 ? 7.48723 2.01158 7.04020 0.10225  -0.72060 -0.15197 18 DG B C8    
646 N N7    . DG B 18 ? 7.49462 2.02385 7.03764 0.07605  -0.77519 -0.13901 18 DG B N7    
647 C C5    . DG B 18 ? 7.51105 2.02882 7.01004 0.08877  -0.77995 -0.18520 18 DG B C5    
648 C C6    . DG B 18 ? 7.52884 2.04328 6.99710 0.07333  -0.83143 -0.19605 18 DG B C6    
649 O O6    . DG B 18 ? 7.53723 2.05666 7.01237 0.04371  -0.88877 -0.16537 18 DG B O6    
650 N N1    . DG B 18 ? 7.54118 2.04476 6.96670 0.09567  -0.81611 -0.24752 18 DG B N1    
651 C C2    . DG B 18 ? 7.53978 2.03634 6.95617 0.12710  -0.76234 -0.28172 18 DG B C2    
652 N N2    . DG B 18 ? 7.59895 2.08632 6.97352 0.14343  -0.75986 -0.32690 18 DG B N2    
653 N N3    . DG B 18 ? 7.52788 2.02504 6.97316 0.14154  -0.71864 -0.27165 18 DG B N3    
654 C C4    . DG B 18 ? 7.51260 2.02062 6.99766 0.12160  -0.72856 -0.22367 18 DG B C4    
655 P P     . DC B 19 ? 8.20720 2.72225 7.68038 0.24682  -0.51756 -0.30025 19 DC B P     
656 O OP1   . DC B 19 ? 8.43951 2.92117 7.91765 0.27828  -0.49166 -0.31740 19 DC B OP1   
657 O OP2   . DC B 19 ? 7.91832 2.48683 7.38816 0.22928  -0.51227 -0.27350 19 DC B OP2   
658 O "O5'" . DC B 19 ? 7.52708 2.03777 6.95161 0.24981  -0.53698 -0.34094 19 DC B "O5'" 
659 C "C5'" . DC B 19 ? 7.48680 1.99583 6.90738 0.22746  -0.57607 -0.33705 19 DC B "C5'" 
660 C "C4'" . DC B 19 ? 7.53384 2.08146 6.90511 0.22064  -0.58791 -0.35316 19 DC B "C4'" 
661 O "O4'" . DC B 19 ? 7.42773 1.98640 6.80182 0.19380  -0.62958 -0.33206 19 DC B "O4'" 
662 C "C3'" . DC B 19 ? 7.49704 2.08772 6.84863 0.22447  -0.56467 -0.34666 19 DC B "C3'" 
663 O "O3'" . DC B 19 ? 7.84033 2.44544 7.13275 0.23282  -0.56999 -0.37963 19 DC B "O3'" 
664 C "C2'" . DC B 19 ? 7.53029 2.15001 6.89851 0.20034  -0.58783 -0.31024 19 DC B "C2'" 
665 C "C1'" . DC B 19 ? 7.36319 1.96749 6.71568 0.18732  -0.63188 -0.32087 19 DC B "C1'" 
666 N N1    . DC B 19 ? 7.35853 1.97003 6.73167 0.16100  -0.67234 -0.28479 19 DC B N1    
667 C C2    . DC B 19 ? 7.38475 1.98638 6.73484 0.14671  -0.72303 -0.29209 19 DC B C2    
668 O O2    . DC B 19 ? 7.40612 1.99614 6.71882 0.15722  -0.72869 -0.32969 19 DC B O2    
669 N N3    . DC B 19 ? 7.38936 1.99378 6.75697 0.12119  -0.76949 -0.25671 19 DC B N3    
670 C C4    . DC B 19 ? 7.36675 1.98506 6.77475 0.10997  -0.76370 -0.21489 19 DC B C4    
671 N N4    . DC B 19 ? 7.37754 1.99752 6.80311 0.08273  -0.81756 -0.17776 19 DC B N4    
672 C C5    . DC B 19 ? 7.33577 1.96623 6.76755 0.12543  -0.70724 -0.20801 19 DC B C5    
673 C C6    . DC B 19 ? 7.44301 2.06841 6.85619 0.15046  -0.66459 -0.24369 19 DC B C6    
674 P P     . DA B 20 ? 8.20471 2.78205 7.46155 0.25712  -0.55587 -0.42100 20 DA B P     
675 O OP1   . DA B 20 ? 8.72165 3.25222 8.00781 0.26918  -0.55286 -0.43207 20 DA B OP1   
676 O OP2   . DA B 20 ? 7.81038 2.40041 7.04232 0.26755  -0.53286 -0.42046 20 DA B OP2   
677 O "O5'" . DA B 20 ? 7.39842 1.98578 6.60141 0.25339  -0.58570 -0.44919 20 DA B "O5'" 
678 C "C5'" . DA B 20 ? 7.38648 1.98620 6.59228 0.23394  -0.62102 -0.43825 20 DA B "C5'" 
679 C "C4'" . DA B 20 ? 7.45965 2.09371 6.61102 0.23139  -0.64196 -0.44694 20 DA B "C4'" 
680 O "O4'" . DA B 20 ? 7.53556 2.19070 6.70242 0.21435  -0.66766 -0.41792 20 DA B "O4'" 
681 C "C3'" . DA B 20 ? 7.92335 2.57490 7.04144 0.24238  -0.62027 -0.45093 20 DA B "C3'" 
682 O "O3'" . DA B 20 ? 7.90080 2.56336 6.95064 0.24801  -0.64355 -0.47732 20 DA B "O3'" 
683 C "C2'" . DA B 20 ? 8.16245 2.84029 7.30874 0.23095  -0.61847 -0.41463 20 DA B "C2'" 
684 C "C1'" . DA B 20 ? 7.68301 2.36851 6.83066 0.21736  -0.65998 -0.40786 20 DA B "C1'" 
685 N N9    . DA B 20 ? 7.60637 2.30524 6.79720 0.20309  -0.66588 -0.36884 20 DA B N9    
686 C C8    . DA B 20 ? 7.89828 2.61024 7.12297 0.20189  -0.63655 -0.34085 20 DA B C8    
687 N N7    . DA B 20 ? 7.56353 2.28564 6.82246 0.18755  -0.65202 -0.30712 20 DA B N7    
688 C C5    . DA B 20 ? 7.22805 1.94012 6.47334 0.17766  -0.69869 -0.31240 20 DA B C5    
689 C C6    . DA B 20 ? 7.23752 1.94833 6.50207 0.15903  -0.74281 -0.28440 20 DA B C6    
690 N N6    . DA B 20 ? 7.76148 2.48511 7.06597 0.14764  -0.74268 -0.24417 20 DA B N6    
691 N N1    . DA B 20 ? 7.27397 1.96794 6.51434 0.15151  -0.79187 -0.29748 20 DA B N1    
692 C C2    . DA B 20 ? 7.29406 1.97657 6.49380 0.16374  -0.79074 -0.33774 20 DA B C2    
693 N N3    . DA B 20 ? 7.28608 1.97019 6.46538 0.18184  -0.74975 -0.36641 20 DA B N3    
694 C C4    . DA B 20 ? 7.25423 1.95236 6.45792 0.18738  -0.70662 -0.35105 20 DA B C4    
695 P P     . DT B 21 ? 8.57648 3.21613 7.58168 0.26152  -0.64690 -0.51663 21 DT B P     
696 O OP1   . DT B 21 ? 7.63341 2.24050 6.67991 0.26663  -0.62982 -0.52290 21 DT B OP1   
697 O OP2   . DT B 21 ? 8.41013 3.05068 7.35878 0.27105  -0.64139 -0.52699 21 DT B OP2   
698 O "O5'" . DT B 21 ? 8.17388 2.82402 7.14280 0.25704  -0.69078 -0.53389 21 DT B "O5'" 
699 C "C5'" . DT B 21 ? 7.69832 2.36096 6.69036 0.24300  -0.71910 -0.51386 21 DT B "C5'" 
700 C "C4'" . DT B 21 ? 7.75013 2.44087 6.70068 0.24485  -0.74448 -0.51022 21 DT B "C4'" 
701 O "O4'" . DT B 21 ? 7.77526 2.47927 6.77054 0.23319  -0.74432 -0.47452 21 DT B "O4'" 
702 C "C3'" . DT B 21 ? 7.84748 2.54621 6.75260 0.25607  -0.72994 -0.51884 21 DT B "C3'" 
703 O "O3'" . DT B 21 ? 7.75611 2.45998 6.58722 0.26682  -0.76749 -0.54692 21 DT B "O3'" 
704 C "C2'" . DT B 21 ? 8.32259 3.04001 7.25369 0.24959  -0.72097 -0.48654 21 DT B "C2'" 
705 C "C1'" . DT B 21 ? 8.40508 3.13058 7.36743 0.23957  -0.74884 -0.47086 21 DT B "C1'" 
706 N N1    . DT B 21 ? 8.61354 3.35238 7.62789 0.22920  -0.73454 -0.43231 21 DT B N1    
707 C C2    . DT B 21 ? 8.22166 2.96168 7.26949 0.21710  -0.76028 -0.41077 21 DT B C2    
708 O O2    . DT B 21 ? 7.86363 2.59128 6.90135 0.21290  -0.79702 -0.42052 21 DT B O2    
709 N N3    . DT B 21 ? 8.31943 3.07236 7.41226 0.20850  -0.74548 -0.37471 21 DT B N3    
710 C C4    . DT B 21 ? 8.38131 3.14646 7.48878 0.21129  -0.70752 -0.35979 21 DT B C4    
711 O O4    . DT B 21 ? 8.33020 3.10715 7.47881 0.20339  -0.69671 -0.32702 21 DT B O4    
712 C C5    . DT B 21 ? 8.49229 3.25186 7.56113 0.22274  -0.68603 -0.38311 21 DT B C5    
713 C C7    . DT B 21 ? 8.16172 2.92580 7.23803 0.22386  -0.65288 -0.36668 21 DT B C7    
714 C C6    . DT B 21 ? 8.71800 3.46453 7.74213 0.23086  -0.70101 -0.41719 21 DT B C6    
715 P P     . DC C 1  ? 7.01358 2.98778 3.21231 0.54584  -0.92511 1.07857  15 DC C P     
716 O OP1   . DC C 1  ? 7.02995 2.96680 3.16618 0.54972  -0.94891 1.03196  15 DC C OP1   
717 O OP2   . DC C 1  ? 7.02516 2.98295 3.18272 0.53528  -0.87630 1.08122  15 DC C OP2   
718 O "O5'" . DC C 1  ? 6.97167 3.02010 3.23226 0.53823  -0.92491 1.11632  15 DC C "O5'" 
719 C "C5'" . DC C 1  ? 6.95226 3.04306 3.31362 0.54621  -0.94287 1.16091  15 DC C "C5'" 
720 C "C4'" . DC C 1  ? 6.92322 3.07104 3.32332 0.53391  -0.91059 1.20287  15 DC C "C4'" 
721 O "O4'" . DC C 1  ? 6.91225 3.08905 3.40986 0.54299  -0.91810 1.24869  15 DC C "O4'" 
722 C "C3'" . DC C 1  ? 7.16550 3.29829 3.50640 0.51860  -0.85964 1.19945  15 DC C "C3'" 
723 O "O3'" . DC C 1  ? 7.20101 3.38407 3.54571 0.50256  -0.83472 1.22221  15 DC C "O3'" 
724 C "C2'" . DC C 1  ? 7.12874 3.25095 3.51976 0.52636  -0.84775 1.22798  15 DC C "C2'" 
725 C "C1'" . DC C 1  ? 6.92182 3.08972 3.42118 0.53828  -0.87965 1.26821  15 DC C "C1'" 
726 N N1    . DC C 1  ? 6.93810 3.08525 3.49470 0.55444  -0.89710 1.28315  15 DC C N1    
727 C C2    . DC C 1  ? 7.01918 3.19531 3.65756 0.55777  -0.88044 1.33274  15 DC C C2    
728 O O2    . DC C 1  ? 6.90793 3.12438 3.56707 0.54706  -0.85180 1.36234  15 DC C O2    
729 N N3    . DC C 1  ? 7.32357 3.48256 4.01738 0.57265  -0.89600 1.34813  15 DC C N3    
730 C C4    . DC C 1  ? 7.53572 3.65001 4.20171 0.58291  -0.92814 1.31509  15 DC C C4    
731 N N4    . DC C 1  ? 7.99845 4.09918 4.72240 0.59681  -0.94374 1.33346  15 DC C N4    
732 C C5    . DC C 1  ? 7.33049 3.41150 3.90879 0.57934  -0.94517 1.26283  15 DC C C5    
733 C C6    . DC C 1  ? 6.96464 3.06376 3.49294 0.56560  -0.92809 1.24914  15 DC C C6    
734 P P     . DC C 2  ? 8.03185 4.20349 4.30051 0.48115  -0.78223 1.21339  16 DC C P     
735 O OP1   . DC C 2  ? 7.56409 3.78476 3.82159 0.46589  -0.77544 1.22098  16 DC C OP1   
736 O OP2   . DC C 2  ? 7.50297 3.60674 3.68695 0.48166  -0.77168 1.16755  16 DC C OP2   
737 O "O5'" . DC C 2  ? 7.98032 4.16584 4.30191 0.47942  -0.75267 1.25707  16 DC C "O5'" 
738 C "C5'" . DC C 2  ? 7.32814 3.57328 3.73605 0.47989  -0.75613 1.30607  16 DC C "C5'" 
739 C "C4'" . DC C 2  ? 7.32466 3.57583 3.74885 0.47047  -0.71247 1.33938  16 DC C "C4'" 
740 O "O4'" . DC C 2  ? 6.91430 3.14979 3.40398 0.48732  -0.71843 1.36192  16 DC C "O4'" 
741 C "C3'" . DC C 2  ? 7.67405 3.88462 4.00126 0.45264  -0.66738 1.31301  16 DC C "C3'" 
742 O "O3'" . DC C 2  ? 7.72413 3.96261 4.05216 0.43457  -0.62850 1.34237  16 DC C "O3'" 
743 C "C2'" . DC C 2  ? 7.01739 3.17384 3.34033 0.46541  -0.66046 1.30381  16 DC C "C2'" 
744 C "C1'" . DC C 2  ? 7.23957 3.42396 3.67676 0.48419  -0.68551 1.34678  16 DC C "C1'" 
745 N N1    . DC C 2  ? 7.60883 3.75376 4.06188 0.50418  -0.71328 1.33148  16 DC C N1    
746 C C2    . DC C 2  ? 7.62819 3.77087 4.15665 0.51775  -0.71162 1.36585  16 DC C C2    
747 O O2    . DC C 2  ? 7.97632 4.14879 4.55972 0.51361  -0.68575 1.40908  16 DC C O2    
748 N N3    . DC C 2  ? 7.06190 3.16962 3.60217 0.53497  -0.73877 1.35162  16 DC C N3    
749 C C4    . DC C 2  ? 7.02730 3.10035 3.50384 0.53844  -0.76556 1.30408  16 DC C C4    
750 N N4    . DC C 2  ? 7.14425 3.18195 3.63094 0.55455  -0.79255 1.29112  16 DC C N4    
751 C C5    . DC C 2  ? 7.20907 3.28200 3.60982 0.52541  -0.76575 1.26878  16 DC C C5    
752 C C6    . DC C 2  ? 7.56197 3.67260 3.95564 0.50875  -0.73969 1.28464  16 DC C C6    
753 P P     . DG C 3  ? 7.90930 4.10748 4.14444 0.41345  -0.57464 1.32307  17 DG C P     
754 O OP1   . DG C 3  ? 7.27270 3.51409 3.49479 0.39079  -0.55140 1.34221  17 DG C OP1   
755 O OP2   . DG C 3  ? 6.99063 3.13296 3.13863 0.41367  -0.57571 1.26963  17 DG C OP2   
756 O "O5'" . DG C 3  ? 7.09956 3.27555 3.37883 0.42203  -0.55006 1.35202  17 DG C "O5'" 
757 C "C5'" . DG C 3  ? 6.96443 3.18373 3.34590 0.43017  -0.55602 1.40411  17 DG C "C5'" 
758 C "C4'" . DG C 3  ? 6.98356 3.17493 3.41060 0.44325  -0.54046 1.42610  17 DG C "C4'" 
759 O "O4'" . DG C 3  ? 6.98532 3.15027 3.43418 0.46537  -0.57646 1.40886  17 DG C "O4'" 
760 C "C3'" . DG C 3  ? 7.02571 3.16739 3.37912 0.43020  -0.48769 1.41270  17 DG C "C3'" 
761 O "O3'" . DG C 3  ? 7.25033 3.39957 3.67282 0.43430  -0.46384 1.45821  17 DG C "O3'" 
762 C "C2'" . DG C 3  ? 7.04769 3.13330 3.35484 0.44354  -0.49997 1.37222  17 DG C "C2'" 
763 C "C1'" . DG C 3  ? 7.02207 3.13100 3.42768 0.46824  -0.54992 1.39274  17 DG C "C1'" 
764 N N9    . DG C 3  ? 7.03078 3.10345 3.40509 0.48233  -0.58325 1.35340  17 DG C N9    
765 C C8    . DG C 3  ? 7.03032 3.08710 3.33013 0.47746  -0.60157 1.30687  17 DG C C8    
766 N N7    . DG C 3  ? 7.43797 3.45989 3.72518 0.49304  -0.63153 1.27908  17 DG C N7    
767 C C5    . DG C 3  ? 7.45661 3.47343 3.81618 0.50914  -0.63461 1.31006  17 DG C C5    
768 C C6    . DG C 3  ? 7.44252 3.42755 3.82339 0.52903  -0.66271 1.30113  17 DG C C6    
769 O O6    . DG C 3  ? 7.29217 3.24325 3.62635 0.53641  -0.69113 1.26098  17 DG C O6    
770 N N1    . DG C 3  ? 7.45023 3.44557 3.91717 0.54041  -0.65540 1.34584  17 DG C N1    
771 C C2    . DG C 3  ? 7.30287 3.33214 3.82754 0.53383  -0.62358 1.39252  17 DG C C2    
772 N N2    . DG C 3  ? 7.51372 3.54821 4.12467 0.54745  -0.62032 1.43343  17 DG C N2    
773 N N3    . DG C 3  ? 7.15672 3.21259 3.65726 0.51487  -0.59675 1.39959  17 DG C N3    
774 C C4    . DG C 3  ? 7.20254 3.25136 3.61976 0.50323  -0.60468 1.35701  17 DG C C4    
775 P P     . DT C 4  ? 7.07337 3.19039 3.44311 0.41609  -0.40079 1.46411  18 DT C P     
776 O OP1   . DT C 4  ? 7.18990 3.34909 3.57103 0.39691  -0.38130 1.49227  18 DT C OP1   
777 O OP2   . DT C 4  ? 7.10933 3.16693 3.36306 0.40734  -0.37834 1.41161  18 DT C OP2   
778 O "O5'" . DT C 4  ? 7.08215 3.18972 3.54148 0.43527  -0.39433 1.50338  18 DT C "O5'" 
779 C "C5'" . DT C 4  ? 7.06691 3.17737 3.59646 0.46109  -0.43855 1.50857  18 DT C "C5'" 
780 C "C4'" . DT C 4  ? 7.19889 3.24889 3.68171 0.47063  -0.42662 1.48144  18 DT C "C4'" 
781 O "O4'" . DT C 4  ? 7.09394 3.12772 3.54801 0.48277  -0.46959 1.44234  18 DT C "O4'" 
782 C "C3'" . DT C 4  ? 7.14420 3.14323 3.50882 0.45123  -0.37333 1.44828  18 DT C "C3'" 
783 O "O3'" . DT C 4  ? 7.17647 3.14757 3.56065 0.45465  -0.33433 1.47167  18 DT C "O3'" 
784 C "C2'" . DT C 4  ? 7.15771 3.11280 3.43661 0.45588  -0.39070 1.39171  18 DT C "C2'" 
785 C "C1'" . DT C 4  ? 7.16495 3.13652 3.52826 0.48145  -0.44497 1.40347  18 DT C "C1'" 
786 N N1    . DT C 4  ? 7.78034 3.72817 4.08420 0.48738  -0.48046 1.35396  18 DT C N1    
787 C C2    . DT C 4  ? 7.99436 3.92036 4.32688 0.50901  -0.51299 1.34676  18 DT C C2    
788 O O2    . DT C 4  ? 8.25108 4.18124 4.66327 0.52411  -0.51659 1.38180  18 DT C O2    
789 N N3    . DT C 4  ? 8.21271 4.11252 4.48005 0.51205  -0.54237 1.29815  18 DT C N3    
790 C C4    . DT C 4  ? 8.26211 4.15640 4.44438 0.49636  -0.54099 1.25823  18 DT C C4    
791 O O4    . DT C 4  ? 8.19641 4.06492 4.32730 0.50087  -0.56772 1.21670  18 DT C O4    
792 C C5    . DT C 4  ? 8.56228 4.48325 4.72239 0.47386  -0.50607 1.27007  18 DT C C5    
793 C C7    . DT C 4  ? 9.12957 5.05118 5.20591 0.45478  -0.50203 1.23312  18 DT C C7    
794 C C6    . DT C 4  ? 8.14547 4.09012 4.36331 0.47023  -0.47785 1.31570  18 DT C C6    
795 P P     . DA C 5  ? 7.42588 3.38388 3.76572 0.43139  -0.27156 1.48391  19 DA C P     
796 O OP1   . DA C 5  ? 7.17957 3.19572 3.60455 0.42600  -0.27661 1.53228  19 DA C OP1   
797 O OP2   . DA C 5  ? 7.98266 3.90378 4.18851 0.41028  -0.24506 1.43149  19 DA C OP2   
798 O "O5'" . DA C 5  ? 7.85126 3.76619 4.21243 0.44320  -0.23766 1.50103  19 DA C "O5'" 
799 C "C5'" . DA C 5  ? 7.40291 3.33945 3.88730 0.46697  -0.26452 1.54428  19 DA C "C5'" 
800 C "C4'" . DA C 5  ? 7.72394 3.62083 4.19611 0.48707  -0.28170 1.52152  19 DA C "C4'" 
801 O "O4'" . DA C 5  ? 8.20475 4.09296 4.60790 0.48766  -0.31683 1.47177  19 DA C "O4'" 
802 C "C3'" . DA C 5  ? 7.70096 3.53268 4.09791 0.48483  -0.22920 1.50266  19 DA C "C3'" 
803 O "O3'" . DA C 5  ? 8.65953 4.48071 5.13339 0.50790  -0.23929 1.52925  19 DA C "O3'" 
804 C "C2'" . DA C 5  ? 7.71523 3.50445 3.98224 0.47774  -0.22992 1.43689  19 DA C "C2'" 
805 C "C1'" . DA C 5  ? 8.12701 3.95215 4.43461 0.48956  -0.29646 1.42824  19 DA C "C1'" 
806 N N9    . DA C 5  ? 8.16361 3.97456 4.36923 0.47743  -0.30816 1.37407  19 DA C N9    
807 C C8    . DA C 5  ? 8.11031 3.92753 4.24555 0.45278  -0.28564 1.35494  19 DA C C8    
808 N N7    . DA C 5  ? 8.36043 4.16379 4.41848 0.44666  -0.30409 1.30755  19 DA C N7    
809 C C5    . DA C 5  ? 8.06980 3.85367 4.14398 0.46898  -0.34097 1.29262  19 DA C C5    
810 C C6    . DA C 5  ? 7.61859 3.37822 3.63603 0.47489  -0.37361 1.24573  19 DA C C6    
811 N N6    . DA C 5  ? 7.85185 3.60502 3.78755 0.45850  -0.37370 1.20572  19 DA C N6    
812 N N1    . DA C 5  ? 7.33178 3.07360 3.38155 0.49785  -0.40620 1.24257  19 DA C N1    
813 C C2    . DA C 5  ? 7.30709 3.05831 3.44517 0.51366  -0.40682 1.28548  19 DA C C2    
814 N N3    . DA C 5  ? 7.27135 3.04654 3.47497 0.51073  -0.37774 1.33327  19 DA C N3    
815 C C4    . DA C 5  ? 7.61998 3.40919 3.78449 0.48786  -0.34489 1.33331  19 DA C C4    
816 P P     . DC C 6  ? 9.66756 5.42090 6.07943 0.51391  -0.19576 1.51144  20 DC C P     
817 O OP1   . DC C 6  ? 8.90246 4.66640 5.43337 0.53364  -0.20137 1.56305  20 DC C OP1   
818 O OP2   . DC C 6  ? 9.23871 4.95536 5.54551 0.49066  -0.13292 1.48863  20 DC C OP2   
819 O "O5'" . DC C 6  ? 8.32744 4.04771 4.66357 0.52374  -0.22757 1.45755  20 DC C "O5'" 
820 C "C5'" . DC C 6  ? 7.96700 3.63109 4.25795 0.53634  -0.20988 1.43766  20 DC C "C5'" 
821 C "C4'" . DC C 6  ? 7.68033 3.33050 3.93967 0.54956  -0.25875 1.39975  20 DC C "C4'" 
822 O "O4'" . DC C 6  ? 7.58073 3.24812 3.78427 0.53564  -0.28313 1.36453  20 DC C "O4'" 
823 C "C3'" . DC C 6  ? 7.96583 3.54524 4.12353 0.55538  -0.23318 1.35661  20 DC C "C3'" 
824 O "O3'" . DC C 6  ? 7.98228 3.55475 4.19833 0.58001  -0.26736 1.36960  20 DC C "O3'" 
825 C "C2'" . DC C 6  ? 8.06666 3.62382 4.10791 0.54229  -0.24262 1.29482  20 DC C "C2'" 
826 C "C1'" . DC C 6  ? 7.86141 3.48142 3.96218 0.53730  -0.29142 1.30742  20 DC C "C1'" 
827 N N1    . DC C 6  ? 7.66238 3.28062 3.67105 0.51439  -0.28139 1.26756  20 DC C N1    
828 C C2    . DC C 6  ? 7.63239 3.22721 3.56364 0.51361  -0.30841 1.21515  20 DC C C2    
829 O O2    . DC C 6  ? 7.71695 3.29135 3.65285 0.53202  -0.34151 1.20074  20 DC C O2    
830 N N3    . DC C 6  ? 7.75661 3.35141 3.61113 0.49200  -0.29750 1.18243  20 DC C N3    
831 C C4    . DC C 6  ? 8.16182 3.77865 4.01185 0.47142  -0.26265 1.19951  20 DC C C4    
832 N N4    . DC C 6  ? 8.77647 4.39548 4.55452 0.44956  -0.25475 1.16861  20 DC C N4    
833 C C5    . DC C 6  ? 8.47054 4.10804 4.39167 0.47170  -0.23443 1.25020  20 DC C C5    
834 C C6    . DC C 6  ? 8.22269 3.85984 4.22225 0.49358  -0.24430 1.28270  20 DC C C6    
835 P P     . DA C 7  ? 7.52387 3.02654 3.66380 0.59197  -0.24184 1.34011  21 DA C P     
836 O OP1   . DA C 7  ? 7.53929 3.04853 3.78146 0.60984  -0.23681 1.39217  21 DA C OP1   
837 O OP2   . DA C 7  ? 7.56099 3.01144 3.56641 0.57408  -0.18338 1.29544  21 DA C OP2   
838 O "O5'" . DA C 7  ? 7.56023 3.05254 3.67281 0.60410  -0.30064 1.30287  21 DA C "O5'" 
839 C "C5'" . DA C 7  ? 7.76512 3.27275 3.83039 0.59250  -0.33258 1.26645  21 DA C "C5'" 
840 C "C4'" . DA C 7  ? 8.53700 3.98269 4.46349 0.58807  -0.32111 1.19994  21 DA C "C4'" 
841 O "O4'" . DA C 7  ? 9.04118 4.49946 4.91088 0.57051  -0.33406 1.16531  21 DA C "O4'" 
842 C "C3'" . DA C 7  ? 7.93233 3.32098 3.76377 0.57961  -0.25236 1.17818  21 DA C "C3'" 
843 O "O3'" . DA C 7  ? 7.60156 2.95884 3.45295 0.59833  -0.23863 1.19411  21 DA C "O3'" 
844 C "C2'" . DA C 7  ? 7.87145 3.21644 3.57812 0.57047  -0.25398 1.11174  21 DA C "C2'" 
845 C "C1'" . DA C 7  ? 8.79320 4.19220 4.53055 0.55874  -0.29490 1.11153  21 DA C "C1'" 
846 N N9    . DA C 7  ? 8.37905 3.79268 4.07928 0.53338  -0.25838 1.10782  21 DA C N9    
847 C C8    . DA C 7  ? 7.66504 3.11108 3.41696 0.52315  -0.22715 1.14968  21 DA C C8    
848 N N7    . DA C 7  ? 7.50095 2.95286 3.19889 0.49872  -0.19986 1.13462  21 DA C N7    
849 C C5    . DA C 7  ? 7.92033 3.34324 3.52969 0.49262  -0.21396 1.08042  21 DA C C5    
850 C C6    . DA C 7  ? 8.02666 3.44190 3.55409 0.46880  -0.19940 1.04363  21 DA C C6    
851 N N6    . DA C 7  ? 7.83683 3.27452 3.35518 0.44528  -0.16702 1.05633  21 DA C N6    
852 N N1    . DA C 7  ? 8.18164 3.56496 3.63879 0.46947  -0.21987 0.99426  21 DA C N1    
853 C C2    . DA C 7  ? 8.15593 3.51437 3.61880 0.49248  -0.25215 0.98115  21 DA C C2    
854 N N3    . DA C 7  ? 8.45606 3.81916 3.98939 0.51531  -0.26985 1.01194  21 DA C N3    
855 C C4    . DA C 7  ? 8.30482 3.70229 3.91273 0.51412  -0.24928 1.06241  21 DA C C4    
# 
